data_4GO2
#
_entry.id   4GO2
#
_cell.length_a   258.935
_cell.length_b   194.391
_cell.length_c   97.114
_cell.angle_alpha   90.00
_cell.angle_beta   109.02
_cell.angle_gamma   90.00
#
_symmetry.space_group_name_H-M   'C 1 2 1'
#
loop_
_entity.id
_entity.type
_entity.pdbx_description
1 polymer 'Cytosolic 10-formyltetrahydrofolate dehydrogenase'
2 non-polymer 'SULFATE ION'
3 non-polymer GLYCEROL
4 non-polymer '7-THIONICOTINAMIDE-ADENINE-DINUCLEOTIDE PHOSPHATE'
5 water water
#
_entity_poly.entity_id   1
_entity_poly.type   'polypeptide(L)'
_entity_poly.pdbx_seq_one_letter_code
;MRGSHHHHHTTGEDDESECVINYVEKAVNKLTLQMPYQLFIGGEFVDAEGSKTYNTINPTDGSVICQVSLAQVSDVDKAV
AAAKEAFENGLWGKINARDRGRLLYRLADVMEQHQEELATIEALDAGAVYTLALKTHVGMSIQTFRYFAGWCDKIQGATI
PINQARPNRNLTLTKKEPVGVCGIVIPWNYPLMMLSWKTAACLAAGNTVVIKPAQVTPLTALKFAELTLKAGIPKGVVNI
LPGSGSLVGQRLSDHPDVRKIGFTGSTEVGKHIMKSCALSNVKKVSLELGGKSPLIIFADCDLNKAVQMGMSSVFFNKGE
NCIAAGRLFVEESIHNQFVQKVVEEVEKMKIGNPLERDTNHGPQNHEAHLRKLVEYCQRGVKEGATLVCGGNQVPRPGFF
FQPTVFTDVEDHMYIAKEESFGPIMIISRFADGDVDAVLSRANATEFGLASGVFTRDINKALYVSDKLQAGTVFINTYNK
TDVAAPFGGFKQSGFGKDLGEAALNEYLRIKTVTFEY
;
_entity_poly.pdbx_strand_id   A,B,C,D
#
# COMPACT_ATOMS: atom_id res chain seq x y z
N VAL A 20 -41.61 20.50 6.51
CA VAL A 20 -42.52 19.30 6.55
C VAL A 20 -42.47 18.51 5.23
N ILE A 21 -42.29 17.19 5.35
CA ILE A 21 -42.24 16.27 4.22
C ILE A 21 -43.56 15.52 4.16
N ASN A 22 -44.04 15.25 2.94
CA ASN A 22 -45.21 14.39 2.78
C ASN A 22 -44.84 12.93 2.86
N TYR A 23 -45.62 12.17 3.63
CA TYR A 23 -45.41 10.73 3.77
C TYR A 23 -46.62 9.91 3.36
N VAL A 24 -46.36 8.70 2.89
CA VAL A 24 -47.35 7.65 2.93
C VAL A 24 -47.14 6.94 4.27
N GLU A 25 -48.17 6.99 5.10
CA GLU A 25 -48.11 6.45 6.45
C GLU A 25 -48.83 5.10 6.49
N LYS A 26 -48.27 4.14 7.23
CA LYS A 26 -48.82 2.79 7.31
C LYS A 26 -48.43 2.10 8.61
N ALA A 27 -49.42 1.60 9.33
CA ALA A 27 -49.19 0.82 10.53
C ALA A 27 -49.01 -0.62 10.11
N VAL A 28 -47.83 -1.15 10.37
CA VAL A 28 -47.48 -2.49 9.97
C VAL A 28 -46.26 -2.94 10.76
N ASN A 29 -46.22 -4.22 11.10
CA ASN A 29 -45.07 -4.84 11.76
C ASN A 29 -44.71 -4.18 13.11
N LYS A 30 -45.73 -3.73 13.84
CA LYS A 30 -45.55 -3.13 15.18
C LYS A 30 -44.88 -1.77 15.15
N LEU A 31 -45.01 -1.07 14.03
CA LEU A 31 -44.50 0.29 13.95
C LEU A 31 -45.34 1.09 12.97
N THR A 32 -45.03 2.38 12.85
CA THR A 32 -45.64 3.27 11.88
C THR A 32 -44.59 3.62 10.83
N LEU A 33 -44.76 3.12 9.61
CA LEU A 33 -43.92 3.54 8.49
C LEU A 33 -44.32 4.94 8.12
N GLN A 34 -43.32 5.78 7.85
CA GLN A 34 -43.55 7.09 7.27
C GLN A 34 -42.69 7.15 6.00
N MET A 35 -43.31 6.87 4.86
CA MET A 35 -42.59 6.71 3.60
C MET A 35 -42.69 7.93 2.69
N PRO A 36 -41.55 8.62 2.45
CA PRO A 36 -41.57 9.69 1.42
C PRO A 36 -41.77 9.02 0.07
N TYR A 37 -42.36 9.72 -0.91
CA TYR A 37 -42.76 9.08 -2.17
C TYR A 37 -42.42 9.96 -3.38
N GLN A 38 -41.85 11.12 -3.11
CA GLN A 38 -41.49 12.08 -4.12
C GLN A 38 -40.01 11.97 -4.56
N LEU A 39 -39.66 12.67 -5.61
CA LEU A 39 -38.25 12.85 -6.00
C LEU A 39 -37.51 13.56 -4.90
N PHE A 40 -36.21 13.28 -4.77
CA PHE A 40 -35.38 13.97 -3.80
C PHE A 40 -34.31 14.74 -4.60
N ILE A 41 -34.42 16.06 -4.58
CA ILE A 41 -33.52 16.90 -5.36
C ILE A 41 -33.11 18.09 -4.51
N GLY A 42 -31.81 18.36 -4.44
CA GLY A 42 -31.30 19.53 -3.73
C GLY A 42 -31.76 19.61 -2.29
N GLY A 43 -31.91 18.46 -1.66
CA GLY A 43 -32.28 18.37 -0.25
C GLY A 43 -33.76 18.60 0.06
N GLU A 44 -34.61 18.48 -0.95
CA GLU A 44 -36.05 18.55 -0.67
C GLU A 44 -36.83 17.53 -1.48
N PHE A 45 -37.94 17.08 -0.92
CA PHE A 45 -38.82 16.17 -1.65
C PHE A 45 -39.77 16.97 -2.53
N VAL A 46 -39.80 16.64 -3.81
CA VAL A 46 -40.57 17.42 -4.77
C VAL A 46 -41.23 16.49 -5.78
N ASP A 47 -42.35 16.94 -6.32
CA ASP A 47 -43.03 16.19 -7.36
C ASP A 47 -42.17 16.22 -8.62
N ALA A 48 -42.37 15.23 -9.48
CA ALA A 48 -41.78 15.22 -10.79
C ALA A 48 -42.45 16.28 -11.68
N GLU A 49 -41.85 16.55 -12.84
CA GLU A 49 -42.45 17.43 -13.83
C GLU A 49 -43.86 16.93 -14.20
N GLY A 50 -44.83 17.84 -14.12
CA GLY A 50 -46.22 17.54 -14.47
C GLY A 50 -46.90 16.65 -13.44
N SER A 51 -46.32 16.58 -12.24
CA SER A 51 -46.79 15.70 -11.17
C SER A 51 -47.07 14.25 -11.57
N LYS A 52 -46.35 13.74 -12.56
CA LYS A 52 -46.49 12.35 -12.97
C LYS A 52 -46.09 11.37 -11.87
N THR A 53 -46.77 10.21 -11.84
CA THR A 53 -46.55 9.20 -10.83
C THR A 53 -46.70 7.81 -11.44
N TYR A 54 -46.34 6.80 -10.66
CA TYR A 54 -46.59 5.41 -11.01
C TYR A 54 -46.84 4.65 -9.71
N ASN A 55 -47.33 3.42 -9.85
CA ASN A 55 -47.61 2.61 -8.68
C ASN A 55 -46.47 1.67 -8.33
N THR A 56 -46.17 1.57 -7.04
CA THR A 56 -45.27 0.52 -6.58
C THR A 56 -46.09 -0.60 -5.95
N ILE A 57 -45.74 -1.83 -6.28
CA ILE A 57 -46.55 -3.00 -5.98
C ILE A 57 -45.94 -3.90 -4.90
N ASN A 58 -46.77 -4.22 -3.90
CA ASN A 58 -46.40 -5.12 -2.82
C ASN A 58 -46.46 -6.56 -3.35
N PRO A 59 -45.32 -7.26 -3.43
CA PRO A 59 -45.36 -8.61 -4.00
C PRO A 59 -45.97 -9.67 -3.12
N THR A 60 -46.31 -9.34 -1.87
CA THR A 60 -46.97 -10.30 -0.99
C THR A 60 -48.46 -10.49 -1.36
N ASP A 61 -49.12 -9.42 -1.81
CA ASP A 61 -50.55 -9.52 -2.14
C ASP A 61 -50.96 -8.88 -3.46
N GLY A 62 -50.00 -8.29 -4.19
CA GLY A 62 -50.29 -7.69 -5.48
C GLY A 62 -50.89 -6.31 -5.36
N SER A 63 -51.10 -5.83 -4.14
CA SER A 63 -51.70 -4.51 -3.92
C SER A 63 -50.75 -3.36 -4.26
N VAL A 64 -51.33 -2.17 -4.46
CA VAL A 64 -50.57 -0.96 -4.66
C VAL A 64 -50.17 -0.42 -3.30
N ILE A 65 -48.86 -0.30 -3.06
CA ILE A 65 -48.41 0.29 -1.81
C ILE A 65 -48.75 1.79 -1.79
N CYS A 66 -48.40 2.48 -2.86
CA CYS A 66 -48.61 3.90 -2.98
C CYS A 66 -48.19 4.36 -4.36
N GLN A 67 -48.48 5.63 -4.66
CA GLN A 67 -48.01 6.25 -5.88
C GLN A 67 -46.66 6.90 -5.59
N VAL A 68 -45.75 6.85 -6.56
CA VAL A 68 -44.40 7.40 -6.43
C VAL A 68 -44.12 8.36 -7.60
N SER A 69 -43.48 9.50 -7.35
CA SER A 69 -43.16 10.42 -8.44
C SER A 69 -42.36 9.72 -9.53
N LEU A 70 -42.64 10.11 -10.78
CA LEU A 70 -42.02 9.50 -11.94
C LEU A 70 -41.12 10.54 -12.60
N ALA A 71 -39.81 10.44 -12.32
CA ALA A 71 -38.86 11.45 -12.78
C ALA A 71 -38.87 11.56 -14.29
N GLN A 72 -38.83 12.82 -14.75
CA GLN A 72 -38.69 13.20 -16.15
C GLN A 72 -37.29 13.75 -16.44
N VAL A 73 -36.98 13.93 -17.73
CA VAL A 73 -35.68 14.44 -18.16
C VAL A 73 -35.32 15.74 -17.46
N SER A 74 -36.28 16.66 -17.34
CA SER A 74 -35.98 17.92 -16.68
C SER A 74 -35.67 17.71 -15.17
N ASP A 75 -36.23 16.65 -14.58
CA ASP A 75 -35.89 16.33 -13.18
C ASP A 75 -34.45 15.79 -13.06
N VAL A 76 -34.03 14.98 -14.02
CA VAL A 76 -32.66 14.51 -14.07
C VAL A 76 -31.70 15.69 -14.12
N ASP A 77 -32.02 16.68 -14.97
CA ASP A 77 -31.16 17.84 -15.15
C ASP A 77 -31.13 18.69 -13.89
N LYS A 78 -32.26 18.76 -13.20
CA LYS A 78 -32.31 19.47 -11.95
C LYS A 78 -31.44 18.78 -10.88
N ALA A 79 -31.54 17.45 -10.81
CA ALA A 79 -30.79 16.65 -9.86
C ALA A 79 -29.28 16.80 -10.10
N VAL A 80 -28.86 16.66 -11.37
CA VAL A 80 -27.45 16.83 -11.75
C VAL A 80 -26.92 18.22 -11.42
N ALA A 81 -27.72 19.25 -11.68
CA ALA A 81 -27.32 20.63 -11.36
C ALA A 81 -27.13 20.80 -9.87
N ALA A 82 -28.01 20.17 -9.08
CA ALA A 82 -27.89 20.29 -7.63
C ALA A 82 -26.63 19.55 -7.14
N ALA A 83 -26.38 18.37 -7.71
CA ALA A 83 -25.18 17.61 -7.40
C ALA A 83 -23.92 18.39 -7.79
N LYS A 84 -23.93 18.99 -8.98
CA LYS A 84 -22.83 19.83 -9.45
C LYS A 84 -22.55 21.00 -8.52
N GLU A 85 -23.61 21.66 -8.10
CA GLU A 85 -23.49 22.83 -7.25
C GLU A 85 -23.00 22.44 -5.85
N ALA A 86 -23.54 21.35 -5.30
CA ALA A 86 -23.08 20.82 -4.02
C ALA A 86 -21.57 20.46 -4.06
N PHE A 87 -21.12 19.85 -5.15
CA PHE A 87 -19.72 19.50 -5.28
C PHE A 87 -18.82 20.73 -5.45
N GLU A 88 -19.19 21.62 -6.36
CA GLU A 88 -18.33 22.74 -6.72
C GLU A 88 -18.30 23.87 -5.71
N ASN A 89 -19.45 24.14 -5.10
CA ASN A 89 -19.55 25.33 -4.25
C ASN A 89 -20.06 25.10 -2.83
N GLY A 90 -20.78 24.01 -2.61
CA GLY A 90 -21.32 23.69 -1.30
C GLY A 90 -20.28 23.18 -0.31
N LEU A 91 -20.74 23.00 0.92
CA LEU A 91 -19.94 22.61 2.06
C LEU A 91 -19.20 21.27 1.87
N TRP A 92 -19.81 20.35 1.12
CA TRP A 92 -19.25 19.01 0.96
C TRP A 92 -17.88 19.02 0.32
N GLY A 93 -17.68 19.95 -0.61
CA GLY A 93 -16.39 20.08 -1.28
C GLY A 93 -15.38 20.87 -0.48
N LYS A 94 -15.79 21.40 0.67
CA LYS A 94 -14.92 22.25 1.50
C LYS A 94 -14.48 21.60 2.83
N ILE A 95 -15.28 20.71 3.37
CA ILE A 95 -14.97 20.17 4.70
C ILE A 95 -13.77 19.21 4.64
N ASN A 96 -13.13 19.05 5.78
CA ASN A 96 -12.09 18.07 5.93
C ASN A 96 -12.56 16.66 5.57
N ALA A 97 -11.66 15.85 5.01
CA ALA A 97 -11.99 14.45 4.78
C ALA A 97 -12.46 13.80 6.10
N ARG A 98 -11.81 14.13 7.21
CA ARG A 98 -12.21 13.60 8.51
C ARG A 98 -13.69 13.93 8.82
N ASP A 99 -14.11 15.15 8.47
CA ASP A 99 -15.46 15.60 8.81
C ASP A 99 -16.46 15.01 7.85
N ARG A 100 -16.03 14.78 6.62
CA ARG A 100 -16.84 14.03 5.69
C ARG A 100 -17.11 12.66 6.31
N GLY A 101 -16.06 12.05 6.83
CA GLY A 101 -16.18 10.77 7.53
C GLY A 101 -17.18 10.80 8.68
N ARG A 102 -17.12 11.85 9.51
CA ARG A 102 -18.07 11.98 10.62
C ARG A 102 -19.52 11.99 10.13
N LEU A 103 -19.76 12.67 9.01
CA LEU A 103 -21.13 12.81 8.50
C LEU A 103 -21.64 11.46 8.04
N LEU A 104 -20.78 10.69 7.38
CA LEU A 104 -21.15 9.37 6.93
C LEU A 104 -21.32 8.37 8.08
N TYR A 105 -20.51 8.51 9.14
CA TYR A 105 -20.71 7.69 10.34
C TYR A 105 -22.01 8.04 11.09
C TYR A 105 -22.10 8.02 10.90
N ARG A 106 -22.40 9.31 11.01
CA ARG A 106 -23.68 9.77 11.55
C ARG A 106 -24.83 9.20 10.68
N LEU A 107 -24.68 9.22 9.35
CA LEU A 107 -25.70 8.64 8.48
C LEU A 107 -25.90 7.16 8.83
N ALA A 108 -24.82 6.40 9.01
CA ALA A 108 -24.91 5.02 9.46
C ALA A 108 -25.68 4.91 10.77
N ASP A 109 -25.40 5.79 11.74
CA ASP A 109 -26.13 5.79 13.02
C ASP A 109 -27.63 6.00 12.84
N VAL A 110 -28.01 7.01 12.04
CA VAL A 110 -29.41 7.31 11.77
C VAL A 110 -30.07 6.10 11.09
N MET A 111 -29.37 5.47 10.16
CA MET A 111 -29.90 4.26 9.54
C MET A 111 -30.15 3.21 10.62
N GLU A 112 -29.20 3.05 11.53
CA GLU A 112 -29.38 2.08 12.62
C GLU A 112 -30.61 2.42 13.48
N GLN A 113 -30.79 3.70 13.81
CA GLN A 113 -31.95 4.13 14.58
C GLN A 113 -33.27 3.84 13.84
N HIS A 114 -33.21 3.66 12.51
CA HIS A 114 -34.40 3.40 11.72
C HIS A 114 -34.38 2.01 11.13
N GLN A 115 -33.60 1.13 11.75
CA GLN A 115 -33.36 -0.18 11.12
C GLN A 115 -34.64 -1.00 10.89
N GLU A 116 -35.53 -1.04 11.88
CA GLU A 116 -36.77 -1.81 11.77
C GLU A 116 -37.66 -1.22 10.68
N GLU A 117 -37.82 0.11 10.70
CA GLU A 117 -38.59 0.80 9.66
C GLU A 117 -38.05 0.49 8.26
N LEU A 118 -36.71 0.56 8.08
CA LEU A 118 -36.11 0.32 6.78
C LEU A 118 -36.31 -1.10 6.34
N ALA A 119 -36.17 -2.03 7.29
CA ALA A 119 -36.31 -3.43 6.97
C ALA A 119 -37.77 -3.75 6.60
N THR A 120 -38.71 -3.00 7.17
CA THR A 120 -40.13 -3.25 6.95
C THR A 120 -40.50 -2.70 5.57
N ILE A 121 -40.00 -1.53 5.24
CA ILE A 121 -40.20 -0.99 3.90
C ILE A 121 -39.65 -1.96 2.86
N GLU A 122 -38.48 -2.54 3.13
CA GLU A 122 -37.89 -3.47 2.19
C GLU A 122 -38.73 -4.74 2.05
N ALA A 123 -39.30 -5.21 3.17
CA ALA A 123 -40.19 -6.37 3.11
C ALA A 123 -41.41 -6.06 2.22
N LEU A 124 -41.99 -4.88 2.41
CA LEU A 124 -43.13 -4.45 1.62
C LEU A 124 -42.82 -4.31 0.15
N ASP A 125 -41.72 -3.62 -0.17
CA ASP A 125 -41.41 -3.16 -1.51
C ASP A 125 -40.74 -4.24 -2.36
N ALA A 126 -39.94 -5.07 -1.72
CA ALA A 126 -39.13 -6.04 -2.46
C ALA A 126 -39.44 -7.49 -2.09
N GLY A 127 -40.27 -7.68 -1.06
CA GLY A 127 -40.60 -9.04 -0.63
C GLY A 127 -39.54 -9.68 0.25
N ALA A 128 -38.61 -8.86 0.75
CA ALA A 128 -37.51 -9.35 1.59
C ALA A 128 -38.07 -9.87 2.90
N VAL A 129 -37.76 -11.11 3.25
CA VAL A 129 -38.14 -11.64 4.55
C VAL A 129 -37.56 -10.70 5.62
N TYR A 130 -38.42 -10.27 6.54
CA TYR A 130 -38.04 -9.23 7.48
C TYR A 130 -36.80 -9.54 8.31
N THR A 131 -36.66 -10.76 8.82
CA THR A 131 -35.50 -11.08 9.65
C THR A 131 -34.21 -11.05 8.82
N LEU A 132 -34.29 -11.45 7.55
CA LEU A 132 -33.16 -11.36 6.64
C LEU A 132 -32.91 -9.88 6.28
N ALA A 133 -33.96 -9.13 5.98
CA ALA A 133 -33.79 -7.73 5.65
C ALA A 133 -33.09 -6.95 6.77
N LEU A 134 -33.40 -7.27 8.01
CA LEU A 134 -32.80 -6.59 9.17
C LEU A 134 -31.30 -6.84 9.25
N LYS A 135 -30.92 -8.10 9.07
CA LYS A 135 -29.56 -8.55 9.20
C LYS A 135 -28.70 -8.27 7.93
N THR A 136 -29.31 -8.36 6.76
CA THR A 136 -28.57 -8.21 5.50
C THR A 136 -28.93 -6.90 4.77
N HIS A 137 -30.12 -6.82 4.18
CA HIS A 137 -30.51 -5.64 3.44
C HIS A 137 -30.15 -4.36 4.19
N VAL A 138 -30.45 -4.32 5.49
CA VAL A 138 -30.27 -3.11 6.29
C VAL A 138 -28.95 -3.16 7.09
N GLY A 139 -28.69 -4.31 7.73
CA GLY A 139 -27.54 -4.49 8.60
C GLY A 139 -26.24 -4.29 7.86
N MET A 140 -26.15 -4.87 6.67
CA MET A 140 -24.97 -4.71 5.84
C MET A 140 -24.82 -3.29 5.27
N SER A 141 -25.94 -2.63 4.96
CA SER A 141 -25.94 -1.23 4.52
C SER A 141 -25.35 -0.31 5.59
N ILE A 142 -25.72 -0.55 6.85
CA ILE A 142 -25.16 0.19 7.98
C ILE A 142 -23.64 -0.07 8.09
N GLN A 143 -23.23 -1.34 8.06
CA GLN A 143 -21.82 -1.68 8.01
C GLN A 143 -21.10 -0.97 6.86
N THR A 144 -21.76 -0.88 5.71
CA THR A 144 -21.13 -0.30 4.53
C THR A 144 -20.80 1.15 4.78
N PHE A 145 -21.76 1.92 5.28
CA PHE A 145 -21.49 3.33 5.53
C PHE A 145 -20.44 3.53 6.63
N ARG A 146 -20.48 2.74 7.71
CA ARG A 146 -19.45 2.82 8.74
C ARG A 146 -18.05 2.47 8.21
N TYR A 147 -17.98 1.41 7.38
CA TYR A 147 -16.73 0.98 6.78
C TYR A 147 -16.12 2.12 5.95
N PHE A 148 -16.89 2.62 4.97
CA PHE A 148 -16.39 3.68 4.10
C PHE A 148 -16.19 5.01 4.83
N ALA A 149 -17.01 5.30 5.85
CA ALA A 149 -16.74 6.48 6.69
C ALA A 149 -15.31 6.48 7.21
N GLY A 150 -14.81 5.31 7.62
CA GLY A 150 -13.45 5.19 8.13
C GLY A 150 -12.36 5.35 7.07
N TRP A 151 -12.71 5.18 5.79
CA TRP A 151 -11.73 5.41 4.74
C TRP A 151 -11.41 6.88 4.46
N CYS A 152 -12.36 7.79 4.71
CA CYS A 152 -12.24 9.18 4.23
C CYS A 152 -10.88 9.80 4.50
N ASP A 153 -10.41 9.79 5.76
CA ASP A 153 -9.12 10.43 6.08
C ASP A 153 -7.95 9.46 6.01
N LYS A 154 -8.15 8.33 5.33
CA LYS A 154 -7.10 7.33 5.11
C LYS A 154 -6.88 7.05 3.62
N ILE A 155 -7.55 7.81 2.77
CA ILE A 155 -7.27 7.83 1.33
C ILE A 155 -6.01 8.65 1.11
N GLN A 156 -4.96 8.06 0.55
CA GLN A 156 -3.61 8.65 0.50
C GLN A 156 -3.02 8.52 -0.88
N GLY A 157 -2.36 9.57 -1.35
CA GLY A 157 -1.60 9.49 -2.59
C GLY A 157 -0.19 9.10 -2.23
N ALA A 158 0.76 9.40 -3.11
CA ALA A 158 2.13 8.90 -2.99
C ALA A 158 3.17 10.03 -3.19
N THR A 159 4.40 9.76 -2.75
CA THR A 159 5.56 10.53 -3.19
C THR A 159 6.49 9.52 -3.88
N ILE A 160 7.03 9.90 -5.03
CA ILE A 160 7.63 8.95 -5.97
C ILE A 160 9.08 9.36 -6.26
N PRO A 161 10.01 8.39 -6.19
CA PRO A 161 11.43 8.75 -6.37
C PRO A 161 11.83 8.78 -7.85
N ILE A 162 11.40 9.82 -8.55
CA ILE A 162 11.71 9.98 -9.96
C ILE A 162 13.18 10.39 -10.20
N ASN A 163 13.68 10.09 -11.40
CA ASN A 163 14.96 10.64 -11.87
C ASN A 163 15.01 12.16 -11.77
N GLN A 164 16.17 12.69 -11.34
CA GLN A 164 16.33 14.10 -11.03
C GLN A 164 17.00 14.80 -12.20
N ALA A 165 16.43 15.94 -12.61
CA ALA A 165 17.00 16.79 -13.66
C ALA A 165 18.22 17.57 -13.12
N ARG A 166 19.32 16.83 -12.92
CA ARG A 166 20.54 17.41 -12.39
C ARG A 166 21.04 18.54 -13.30
N PRO A 167 21.59 19.63 -12.72
CA PRO A 167 21.90 19.83 -11.30
C PRO A 167 20.69 20.25 -10.44
N ASN A 168 19.48 20.23 -10.98
CA ASN A 168 18.29 20.58 -10.20
C ASN A 168 17.68 19.36 -9.49
N ARG A 169 16.64 19.60 -8.69
CA ARG A 169 15.94 18.56 -7.96
C ARG A 169 14.48 18.46 -8.40
N ASN A 170 13.89 17.28 -8.23
CA ASN A 170 12.47 17.09 -8.49
C ASN A 170 11.76 16.42 -7.29
N LEU A 171 10.52 16.84 -7.06
CA LEU A 171 9.61 16.20 -6.13
C LEU A 171 8.37 15.87 -6.96
N THR A 172 7.99 14.59 -6.98
CA THR A 172 6.74 14.14 -7.57
C THR A 172 5.84 13.50 -6.50
N LEU A 173 4.62 14.01 -6.42
CA LEU A 173 3.60 13.46 -5.57
C LEU A 173 2.31 13.20 -6.37
N THR A 174 1.44 12.36 -5.82
CA THR A 174 0.10 12.21 -6.36
C THR A 174 -0.90 12.66 -5.32
N LYS A 175 -1.99 13.23 -5.82
CA LYS A 175 -3.10 13.59 -4.98
C LYS A 175 -4.27 12.72 -5.44
C LYS A 175 -4.34 12.83 -5.43
N LYS A 176 -5.01 12.17 -4.50
CA LYS A 176 -6.26 11.50 -4.81
C LYS A 176 -7.39 12.48 -4.64
N GLU A 177 -8.13 12.67 -5.73
CA GLU A 177 -9.20 13.66 -5.76
C GLU A 177 -10.51 12.98 -6.13
N PRO A 178 -11.65 13.57 -5.75
CA PRO A 178 -12.96 13.07 -6.18
C PRO A 178 -13.07 13.18 -7.71
N VAL A 179 -13.91 12.34 -8.34
CA VAL A 179 -14.17 12.52 -9.77
C VAL A 179 -15.21 13.62 -10.03
N GLY A 180 -16.10 13.87 -9.06
CA GLY A 180 -17.12 14.89 -9.24
C GLY A 180 -18.53 14.32 -9.17
N VAL A 181 -19.41 14.78 -10.05
CA VAL A 181 -20.80 14.30 -10.05
C VAL A 181 -20.89 12.88 -10.56
N CYS A 182 -21.48 11.99 -9.75
CA CYS A 182 -21.65 10.60 -10.18
C CYS A 182 -23.11 10.20 -10.34
N GLY A 183 -23.36 9.23 -11.20
CA GLY A 183 -24.68 8.69 -11.37
C GLY A 183 -24.59 7.26 -10.97
N ILE A 184 -25.53 6.80 -10.14
CA ILE A 184 -25.58 5.38 -9.88
C ILE A 184 -26.97 4.78 -10.16
N VAL A 185 -26.93 3.65 -10.85
CA VAL A 185 -28.12 3.00 -11.35
C VAL A 185 -28.13 1.64 -10.71
N ILE A 186 -29.24 1.36 -10.04
CA ILE A 186 -29.40 0.32 -9.04
C ILE A 186 -30.45 -0.73 -9.52
N PRO A 187 -30.18 -2.03 -9.29
CA PRO A 187 -31.15 -3.08 -9.58
C PRO A 187 -32.14 -3.23 -8.41
N TRP A 188 -33.10 -4.14 -8.57
CA TRP A 188 -34.20 -4.30 -7.60
C TRP A 188 -34.02 -5.41 -6.55
N ASN A 189 -33.03 -6.28 -6.70
CA ASN A 189 -32.94 -7.45 -5.80
C ASN A 189 -32.60 -7.11 -4.35
N TYR A 190 -31.73 -6.11 -4.15
CA TYR A 190 -31.41 -5.62 -2.79
C TYR A 190 -31.43 -4.11 -2.83
N PRO A 191 -32.63 -3.53 -2.80
CA PRO A 191 -32.69 -2.09 -3.09
C PRO A 191 -31.80 -1.23 -2.19
N LEU A 192 -31.94 -1.35 -0.86
CA LEU A 192 -31.20 -0.48 0.04
C LEU A 192 -29.70 -0.82 -0.01
N MET A 193 -29.41 -2.13 -0.03
CA MET A 193 -28.04 -2.62 0.04
C MET A 193 -27.20 -2.29 -1.20
N MET A 194 -27.75 -2.45 -2.39
CA MET A 194 -27.02 -2.06 -3.59
C MET A 194 -26.82 -0.56 -3.60
N LEU A 195 -27.85 0.18 -3.19
CA LEU A 195 -27.72 1.61 -3.11
C LEU A 195 -26.56 1.95 -2.17
N SER A 196 -26.50 1.27 -1.03
CA SER A 196 -25.50 1.58 0.00
C SER A 196 -24.09 1.20 -0.42
N TRP A 197 -23.92 0.01 -0.99
CA TRP A 197 -22.63 -0.43 -1.46
C TRP A 197 -21.97 0.68 -2.27
N LYS A 198 -22.70 1.15 -3.28
CA LYS A 198 -22.15 2.11 -4.24
C LYS A 198 -22.10 3.52 -3.73
N THR A 199 -23.13 3.93 -2.99
CA THR A 199 -23.23 5.30 -2.51
C THR A 199 -22.21 5.59 -1.40
N ALA A 200 -22.03 4.63 -0.49
CA ALA A 200 -21.04 4.80 0.59
C ALA A 200 -19.64 5.07 0.03
N ALA A 201 -19.21 4.27 -0.95
CA ALA A 201 -17.90 4.41 -1.57
C ALA A 201 -17.78 5.74 -2.33
N CYS A 202 -18.84 6.06 -3.08
CA CYS A 202 -18.93 7.31 -3.84
C CYS A 202 -18.78 8.55 -2.95
N LEU A 203 -19.60 8.62 -1.90
CA LEU A 203 -19.57 9.75 -0.97
C LEU A 203 -18.28 9.77 -0.13
N ALA A 204 -17.78 8.60 0.27
CA ALA A 204 -16.54 8.58 1.06
C ALA A 204 -15.37 9.19 0.26
N ALA A 205 -15.41 9.00 -1.05
CA ALA A 205 -14.39 9.55 -1.95
C ALA A 205 -14.57 11.05 -2.20
N GLY A 206 -15.65 11.65 -1.69
CA GLY A 206 -15.82 13.11 -1.79
C GLY A 206 -16.70 13.58 -2.93
N ASN A 207 -17.36 12.64 -3.60
CA ASN A 207 -18.18 12.94 -4.76
C ASN A 207 -19.58 13.34 -4.33
N THR A 208 -20.38 13.83 -5.28
CA THR A 208 -21.83 13.96 -5.07
C THR A 208 -22.53 13.05 -6.08
N VAL A 209 -23.82 12.80 -5.88
CA VAL A 209 -24.43 11.69 -6.59
C VAL A 209 -25.92 11.87 -6.93
N VAL A 210 -26.31 11.32 -8.08
CA VAL A 210 -27.71 11.16 -8.42
C VAL A 210 -27.98 9.68 -8.54
N ILE A 211 -28.93 9.21 -7.73
CA ILE A 211 -29.25 7.81 -7.67
C ILE A 211 -30.57 7.49 -8.40
N LYS A 212 -30.54 6.51 -9.28
CA LYS A 212 -31.77 5.98 -9.83
C LYS A 212 -32.02 4.56 -9.32
N PRO A 213 -32.94 4.41 -8.35
CA PRO A 213 -33.31 3.07 -7.88
C PRO A 213 -34.04 2.35 -9.02
N ALA A 214 -34.16 1.03 -8.96
CA ALA A 214 -34.98 0.35 -9.96
C ALA A 214 -36.42 0.89 -9.80
N GLN A 215 -37.11 1.08 -10.92
CA GLN A 215 -38.45 1.65 -10.88
C GLN A 215 -39.37 0.85 -9.95
N VAL A 216 -39.28 -0.48 -10.01
CA VAL A 216 -40.16 -1.33 -9.21
C VAL A 216 -39.87 -1.32 -7.70
N THR A 217 -38.73 -0.79 -7.26
CA THR A 217 -38.35 -0.74 -5.83
C THR A 217 -37.75 0.61 -5.42
N PRO A 218 -38.58 1.68 -5.32
CA PRO A 218 -38.08 3.00 -4.96
C PRO A 218 -38.11 3.34 -3.47
N LEU A 219 -38.80 2.57 -2.65
CA LEU A 219 -39.19 3.06 -1.32
C LEU A 219 -38.06 3.20 -0.27
N THR A 220 -37.19 2.20 -0.11
CA THR A 220 -36.07 2.37 0.86
C THR A 220 -35.08 3.46 0.42
N ALA A 221 -34.93 3.66 -0.88
CA ALA A 221 -34.08 4.73 -1.40
C ALA A 221 -34.59 6.09 -0.95
N LEU A 222 -35.92 6.28 -1.07
CA LEU A 222 -36.51 7.55 -0.69
C LEU A 222 -36.51 7.74 0.83
N LYS A 223 -36.67 6.66 1.58
CA LYS A 223 -36.54 6.77 3.03
C LYS A 223 -35.08 7.10 3.41
N PHE A 224 -34.14 6.39 2.80
CA PHE A 224 -32.72 6.71 2.92
C PHE A 224 -32.48 8.19 2.63
N ALA A 225 -33.05 8.71 1.54
CA ALA A 225 -32.92 10.13 1.20
C ALA A 225 -33.29 11.00 2.40
N GLU A 226 -34.42 10.67 3.05
CA GLU A 226 -34.83 11.44 4.22
C GLU A 226 -33.79 11.31 5.34
N LEU A 227 -33.23 10.11 5.49
CA LEU A 227 -32.21 9.90 6.54
C LEU A 227 -30.96 10.77 6.32
N THR A 228 -30.61 11.06 5.06
CA THR A 228 -29.46 11.94 4.82
C THR A 228 -29.74 13.34 5.38
N LEU A 229 -31.00 13.77 5.37
CA LEU A 229 -31.38 15.03 6.02
C LEU A 229 -31.24 14.95 7.53
N LYS A 230 -31.67 13.86 8.14
CA LYS A 230 -31.51 13.73 9.58
C LYS A 230 -30.04 13.69 9.98
N ALA A 231 -29.19 13.14 9.10
CA ALA A 231 -27.75 13.06 9.36
C ALA A 231 -26.99 14.38 9.07
N GLY A 232 -27.65 15.36 8.47
CA GLY A 232 -26.97 16.64 8.12
C GLY A 232 -26.06 16.60 6.89
N ILE A 233 -26.30 15.66 5.97
CA ILE A 233 -25.58 15.65 4.71
C ILE A 233 -26.00 16.90 3.93
N PRO A 234 -25.04 17.70 3.46
CA PRO A 234 -25.44 18.95 2.78
C PRO A 234 -26.37 18.72 1.60
N LYS A 235 -27.29 19.68 1.40
N LYS A 235 -27.34 19.62 1.43
CA LYS A 235 -28.23 19.64 0.28
CA LYS A 235 -28.34 19.49 0.36
C LYS A 235 -27.51 19.44 -1.03
C LYS A 235 -27.65 19.51 -1.01
N GLY A 236 -28.08 18.58 -1.88
CA GLY A 236 -27.51 18.38 -3.20
C GLY A 236 -26.48 17.26 -3.33
N VAL A 237 -25.99 16.77 -2.19
CA VAL A 237 -24.96 15.75 -2.19
C VAL A 237 -25.57 14.43 -2.63
N VAL A 238 -26.79 14.17 -2.15
CA VAL A 238 -27.52 12.98 -2.51
C VAL A 238 -28.83 13.39 -3.19
N ASN A 239 -29.07 12.86 -4.39
CA ASN A 239 -30.30 13.15 -5.12
C ASN A 239 -30.86 11.83 -5.62
N ILE A 240 -32.17 11.64 -5.49
CA ILE A 240 -32.73 10.34 -5.81
C ILE A 240 -33.93 10.46 -6.75
N LEU A 241 -33.90 9.70 -7.86
CA LEU A 241 -34.89 9.85 -8.93
C LEU A 241 -35.55 8.52 -9.30
N PRO A 242 -36.62 8.14 -8.60
CA PRO A 242 -37.43 7.00 -9.03
C PRO A 242 -37.95 7.26 -10.46
N GLY A 243 -37.97 6.23 -11.30
CA GLY A 243 -38.32 6.41 -12.70
C GLY A 243 -37.70 5.31 -13.53
N SER A 244 -37.76 5.44 -14.87
CA SER A 244 -37.33 4.33 -15.72
C SER A 244 -35.87 4.47 -16.10
N GLY A 245 -35.23 3.34 -16.35
CA GLY A 245 -33.87 3.36 -16.84
C GLY A 245 -33.78 3.96 -18.22
N SER A 246 -34.71 3.61 -19.09
CA SER A 246 -34.65 4.11 -20.46
C SER A 246 -34.86 5.63 -20.52
N LEU A 247 -35.47 6.21 -19.48
CA LEU A 247 -35.56 7.67 -19.43
C LEU A 247 -34.51 8.27 -18.48
N VAL A 248 -34.56 7.89 -17.20
CA VAL A 248 -33.71 8.53 -16.18
C VAL A 248 -32.28 8.02 -16.30
N GLY A 249 -32.13 6.71 -16.40
CA GLY A 249 -30.80 6.13 -16.51
C GLY A 249 -30.07 6.65 -17.74
N GLN A 250 -30.77 6.65 -18.88
CA GLN A 250 -30.23 7.14 -20.13
C GLN A 250 -29.71 8.57 -20.02
N ARG A 251 -30.54 9.48 -19.51
CA ARG A 251 -30.13 10.87 -19.37
C ARG A 251 -28.90 11.04 -18.47
N LEU A 252 -28.82 10.28 -17.38
CA LEU A 252 -27.60 10.21 -16.54
C LEU A 252 -26.34 9.78 -17.30
N SER A 253 -26.44 8.69 -18.08
CA SER A 253 -25.34 8.23 -18.95
C SER A 253 -24.96 9.28 -20.01
N ASP A 254 -25.93 10.07 -20.46
CA ASP A 254 -25.74 11.05 -21.53
C ASP A 254 -25.26 12.40 -21.04
N HIS A 255 -25.46 12.69 -19.76
CA HIS A 255 -25.33 14.07 -19.28
C HIS A 255 -23.91 14.58 -19.34
N PRO A 256 -23.71 15.81 -19.88
CA PRO A 256 -22.35 16.34 -20.03
C PRO A 256 -21.66 16.63 -18.70
N ASP A 257 -22.44 16.75 -17.63
CA ASP A 257 -21.89 17.13 -16.31
C ASP A 257 -21.69 15.93 -15.37
N VAL A 258 -22.15 14.76 -15.79
CA VAL A 258 -21.91 13.57 -14.99
C VAL A 258 -20.52 13.04 -15.42
N ARG A 259 -19.68 12.66 -14.45
CA ARG A 259 -18.32 12.21 -14.79
C ARG A 259 -18.08 10.72 -14.60
N LYS A 260 -19.04 10.03 -13.99
CA LYS A 260 -18.88 8.61 -13.68
C LYS A 260 -20.25 8.00 -13.46
N ILE A 261 -20.42 6.79 -14.01
CA ILE A 261 -21.61 6.01 -13.80
C ILE A 261 -21.17 4.73 -13.11
N GLY A 262 -21.89 4.39 -12.02
CA GLY A 262 -21.73 3.10 -11.36
C GLY A 262 -22.99 2.31 -11.63
N PHE A 263 -22.84 1.12 -12.18
CA PHE A 263 -23.99 0.37 -12.60
C PHE A 263 -23.94 -1.10 -12.18
N THR A 264 -25.06 -1.58 -11.69
CA THR A 264 -25.28 -3.00 -11.46
C THR A 264 -26.59 -3.39 -12.17
N GLY A 265 -26.58 -4.46 -12.94
CA GLY A 265 -27.77 -4.89 -13.66
C GLY A 265 -27.48 -5.95 -14.70
N SER A 266 -28.31 -6.02 -15.73
CA SER A 266 -28.16 -7.05 -16.77
C SER A 266 -26.98 -6.71 -17.69
N THR A 267 -26.45 -7.74 -18.35
CA THR A 267 -25.36 -7.59 -19.32
C THR A 267 -25.75 -6.63 -20.43
N GLU A 268 -26.92 -6.83 -21.03
CA GLU A 268 -27.37 -6.00 -22.16
C GLU A 268 -27.54 -4.52 -21.81
N VAL A 269 -28.04 -4.22 -20.62
CA VAL A 269 -28.13 -2.81 -20.20
C VAL A 269 -26.72 -2.22 -19.88
N GLY A 270 -25.86 -3.05 -19.29
CA GLY A 270 -24.49 -2.66 -19.01
C GLY A 270 -23.79 -2.20 -20.29
N LYS A 271 -23.94 -2.99 -21.35
CA LYS A 271 -23.35 -2.66 -22.65
C LYS A 271 -23.84 -1.30 -23.15
N HIS A 272 -25.16 -1.11 -23.11
N HIS A 272 -25.15 -1.08 -23.12
CA HIS A 272 -25.77 0.14 -23.56
CA HIS A 272 -25.69 0.17 -23.64
C HIS A 272 -25.25 1.34 -22.77
C HIS A 272 -25.39 1.40 -22.75
N ILE A 273 -25.16 1.16 -21.46
CA ILE A 273 -24.67 2.23 -20.55
C ILE A 273 -23.23 2.61 -20.87
N MET A 274 -22.38 1.60 -21.02
CA MET A 274 -20.98 1.84 -21.38
C MET A 274 -20.90 2.57 -22.74
N LYS A 275 -21.68 2.11 -23.71
CA LYS A 275 -21.80 2.81 -25.01
C LYS A 275 -22.19 4.30 -24.85
N SER A 276 -23.22 4.56 -24.04
CA SER A 276 -23.68 5.93 -23.81
C SER A 276 -22.62 6.80 -23.12
N CYS A 277 -21.88 6.19 -22.18
CA CYS A 277 -20.75 6.82 -21.53
C CYS A 277 -19.71 7.27 -22.56
N ALA A 278 -19.35 6.35 -23.45
CA ALA A 278 -18.43 6.64 -24.54
C ALA A 278 -18.89 7.82 -25.41
N LEU A 279 -20.15 7.78 -25.85
CA LEU A 279 -20.64 8.71 -26.88
C LEU A 279 -20.92 10.11 -26.36
N SER A 280 -21.03 10.26 -25.04
CA SER A 280 -21.24 11.59 -24.48
C SER A 280 -19.91 12.29 -24.20
N ASN A 281 -19.27 11.97 -23.07
CA ASN A 281 -18.07 12.70 -22.62
C ASN A 281 -16.98 11.79 -22.03
N VAL A 282 -16.97 10.53 -22.48
CA VAL A 282 -16.09 9.47 -21.96
C VAL A 282 -16.02 9.40 -20.43
N LYS A 283 -17.20 9.52 -19.80
CA LYS A 283 -17.33 9.37 -18.37
C LYS A 283 -16.86 7.97 -17.97
N LYS A 284 -16.23 7.88 -16.80
CA LYS A 284 -15.82 6.58 -16.27
C LYS A 284 -17.04 5.72 -15.99
N VAL A 285 -16.87 4.41 -16.06
CA VAL A 285 -17.98 3.51 -15.82
C VAL A 285 -17.51 2.26 -15.08
N SER A 286 -18.33 1.74 -14.17
CA SER A 286 -18.12 0.42 -13.56
C SER A 286 -19.36 -0.40 -13.84
N LEU A 287 -19.17 -1.71 -13.99
CA LEU A 287 -20.23 -2.61 -14.39
C LEU A 287 -20.20 -3.90 -13.59
N GLU A 288 -21.33 -4.21 -12.94
CA GLU A 288 -21.54 -5.50 -12.30
C GLU A 288 -22.75 -6.14 -12.98
N LEU A 289 -22.52 -7.19 -13.77
CA LEU A 289 -23.54 -7.61 -14.74
C LEU A 289 -24.12 -9.01 -14.55
N GLY A 290 -24.09 -9.52 -13.32
CA GLY A 290 -24.65 -10.84 -13.11
C GLY A 290 -23.79 -11.97 -13.64
N GLY A 291 -24.29 -13.19 -13.51
CA GLY A 291 -23.46 -14.35 -13.76
C GLY A 291 -24.18 -15.67 -13.82
N LYS A 292 -23.40 -16.70 -14.11
CA LYS A 292 -23.87 -18.06 -14.12
C LYS A 292 -22.86 -18.84 -13.28
N SER A 293 -22.93 -18.61 -11.99
CA SER A 293 -21.87 -18.97 -11.06
C SER A 293 -21.88 -20.43 -10.66
N PRO A 294 -20.72 -21.10 -10.81
CA PRO A 294 -20.68 -22.52 -10.55
C PRO A 294 -20.27 -22.87 -9.12
N LEU A 295 -20.92 -23.88 -8.54
CA LEU A 295 -20.55 -24.41 -7.25
C LEU A 295 -20.20 -25.87 -7.43
N ILE A 296 -18.97 -26.23 -7.13
CA ILE A 296 -18.46 -27.60 -7.31
C ILE A 296 -18.35 -28.31 -5.98
N ILE A 297 -19.08 -29.41 -5.84
CA ILE A 297 -19.18 -30.14 -4.58
C ILE A 297 -18.54 -31.52 -4.75
N PHE A 298 -17.43 -31.72 -4.05
CA PHE A 298 -16.63 -32.94 -4.13
C PHE A 298 -17.08 -33.95 -3.09
N ALA A 299 -16.82 -35.23 -3.38
CA ALA A 299 -17.25 -36.32 -2.50
C ALA A 299 -16.62 -36.25 -1.13
N ASP A 300 -15.45 -35.63 -1.03
CA ASP A 300 -14.75 -35.57 0.25
C ASP A 300 -15.15 -34.39 1.14
N CYS A 301 -16.21 -33.68 0.75
CA CYS A 301 -16.70 -32.56 1.55
C CYS A 301 -17.48 -33.04 2.77
N ASP A 302 -17.80 -32.11 3.68
CA ASP A 302 -18.76 -32.38 4.75
C ASP A 302 -20.16 -32.27 4.11
N LEU A 303 -20.81 -33.42 3.98
CA LEU A 303 -22.01 -33.49 3.13
C LEU A 303 -23.20 -32.71 3.68
N ASN A 304 -23.45 -32.85 4.98
CA ASN A 304 -24.53 -32.10 5.60
C ASN A 304 -24.34 -30.58 5.44
N LYS A 305 -23.11 -30.12 5.62
CA LYS A 305 -22.78 -28.70 5.50
C LYS A 305 -22.89 -28.25 4.03
N ALA A 306 -22.54 -29.15 3.10
CA ALA A 306 -22.68 -28.86 1.67
C ALA A 306 -24.15 -28.67 1.26
N VAL A 307 -25.04 -29.45 1.86
CA VAL A 307 -26.48 -29.29 1.65
C VAL A 307 -26.98 -27.93 2.15
N GLN A 308 -26.63 -27.57 3.39
CA GLN A 308 -27.03 -26.30 3.98
C GLN A 308 -26.51 -25.15 3.12
N MET A 309 -25.22 -25.17 2.81
CA MET A 309 -24.61 -24.07 2.07
C MET A 309 -25.01 -24.07 0.59
N GLY A 310 -25.17 -25.26 0.02
CA GLY A 310 -25.67 -25.41 -1.34
C GLY A 310 -27.07 -24.84 -1.48
N MET A 311 -27.92 -25.13 -0.51
CA MET A 311 -29.25 -24.59 -0.52
C MET A 311 -29.23 -23.09 -0.37
N SER A 312 -28.41 -22.62 0.55
CA SER A 312 -28.25 -21.19 0.70
C SER A 312 -27.75 -20.55 -0.61
N SER A 313 -26.83 -21.24 -1.30
CA SER A 313 -26.20 -20.66 -2.48
C SER A 313 -27.23 -20.34 -3.57
N VAL A 314 -28.33 -21.10 -3.55
CA VAL A 314 -29.40 -20.92 -4.52
C VAL A 314 -30.57 -20.10 -3.95
N PHE A 315 -31.08 -20.50 -2.80
CA PHE A 315 -32.37 -20.00 -2.30
C PHE A 315 -32.29 -18.70 -1.51
N PHE A 316 -31.08 -18.29 -1.11
CA PHE A 316 -30.92 -17.07 -0.31
C PHE A 316 -31.66 -15.92 -0.98
N ASN A 317 -32.47 -15.20 -0.20
CA ASN A 317 -33.24 -14.06 -0.73
C ASN A 317 -34.10 -14.44 -1.96
N LYS A 318 -34.81 -15.57 -1.86
CA LYS A 318 -35.59 -16.14 -2.96
C LYS A 318 -34.83 -16.19 -4.31
N GLY A 319 -33.52 -16.45 -4.25
CA GLY A 319 -32.68 -16.55 -5.45
C GLY A 319 -32.36 -15.24 -6.18
N GLU A 320 -32.88 -14.11 -5.68
CA GLU A 320 -32.67 -12.80 -6.30
C GLU A 320 -31.38 -12.20 -5.72
N ASN A 321 -30.28 -12.73 -6.24
CA ASN A 321 -28.99 -12.66 -5.60
C ASN A 321 -27.96 -12.76 -6.71
N CYS A 322 -27.27 -11.63 -6.92
CA CYS A 322 -26.21 -11.48 -7.92
C CYS A 322 -25.26 -12.68 -7.95
N ILE A 323 -24.89 -13.18 -6.77
CA ILE A 323 -23.87 -14.22 -6.72
C ILE A 323 -24.37 -15.64 -6.49
N ALA A 324 -25.69 -15.83 -6.58
CA ALA A 324 -26.32 -17.15 -6.47
C ALA A 324 -25.59 -18.17 -7.34
N ALA A 325 -25.43 -19.38 -6.82
CA ALA A 325 -24.90 -20.45 -7.61
C ALA A 325 -25.96 -20.83 -8.67
N GLY A 326 -25.59 -20.64 -9.95
CA GLY A 326 -26.46 -20.91 -11.09
C GLY A 326 -26.32 -22.32 -11.62
N ARG A 327 -25.28 -23.02 -11.19
CA ARG A 327 -25.10 -24.44 -11.47
C ARG A 327 -24.39 -25.07 -10.29
N LEU A 328 -24.87 -26.24 -9.87
CA LEU A 328 -24.15 -27.08 -8.91
C LEU A 328 -23.63 -28.34 -9.61
N PHE A 329 -22.33 -28.55 -9.56
CA PHE A 329 -21.70 -29.77 -10.05
C PHE A 329 -21.38 -30.61 -8.83
N VAL A 330 -21.96 -31.80 -8.79
CA VAL A 330 -21.85 -32.68 -7.62
C VAL A 330 -21.19 -33.98 -8.05
N GLU A 331 -20.15 -34.38 -7.33
CA GLU A 331 -19.40 -35.58 -7.68
C GLU A 331 -20.33 -36.81 -7.69
N GLU A 332 -20.15 -37.63 -8.74
CA GLU A 332 -20.98 -38.80 -9.02
C GLU A 332 -21.36 -39.60 -7.79
N SER A 333 -20.37 -39.97 -6.97
CA SER A 333 -20.60 -40.86 -5.84
C SER A 333 -21.44 -40.28 -4.69
N ILE A 334 -21.63 -38.96 -4.63
CA ILE A 334 -22.47 -38.37 -3.57
C ILE A 334 -23.72 -37.71 -4.14
N HIS A 335 -23.83 -37.67 -5.46
CA HIS A 335 -24.89 -36.94 -6.14
C HIS A 335 -26.30 -37.29 -5.65
N ASN A 336 -26.68 -38.57 -5.76
CA ASN A 336 -28.03 -39.00 -5.37
C ASN A 336 -28.33 -38.68 -3.91
N GLN A 337 -27.36 -38.93 -3.03
CA GLN A 337 -27.55 -38.65 -1.61
C GLN A 337 -27.66 -37.13 -1.34
N PHE A 338 -26.93 -36.31 -2.10
CA PHE A 338 -27.02 -34.86 -1.99
C PHE A 338 -28.42 -34.41 -2.37
N VAL A 339 -28.93 -34.94 -3.48
CA VAL A 339 -30.28 -34.60 -3.94
C VAL A 339 -31.37 -34.99 -2.92
N GLN A 340 -31.31 -36.21 -2.39
CA GLN A 340 -32.27 -36.66 -1.36
C GLN A 340 -32.31 -35.71 -0.16
N LYS A 341 -31.13 -35.28 0.29
CA LYS A 341 -31.03 -34.39 1.45
C LYS A 341 -31.54 -32.99 1.13
N VAL A 342 -31.27 -32.53 -0.09
CA VAL A 342 -31.81 -31.24 -0.52
C VAL A 342 -33.33 -31.28 -0.50
N VAL A 343 -33.91 -32.28 -1.15
CA VAL A 343 -35.36 -32.52 -1.20
C VAL A 343 -35.96 -32.49 0.19
N GLU A 344 -35.33 -33.19 1.14
CA GLU A 344 -35.79 -33.19 2.53
C GLU A 344 -35.77 -31.81 3.19
N GLU A 345 -34.75 -31.01 2.89
CA GLU A 345 -34.67 -29.67 3.48
C GLU A 345 -35.63 -28.66 2.81
N VAL A 346 -35.77 -28.77 1.50
CA VAL A 346 -36.72 -27.95 0.76
C VAL A 346 -38.17 -28.12 1.29
N GLU A 347 -38.54 -29.36 1.63
CA GLU A 347 -39.88 -29.66 2.18
C GLU A 347 -40.14 -28.93 3.48
N LYS A 348 -39.07 -28.58 4.19
CA LYS A 348 -39.15 -27.90 5.49
C LYS A 348 -39.29 -26.38 5.43
N MET A 349 -39.14 -25.80 4.25
CA MET A 349 -39.13 -24.35 4.09
C MET A 349 -40.53 -23.77 4.29
N LYS A 350 -40.63 -22.68 5.03
CA LYS A 350 -41.91 -22.02 5.22
C LYS A 350 -42.02 -20.87 4.26
N ILE A 351 -42.95 -21.00 3.32
CA ILE A 351 -43.23 -20.00 2.31
C ILE A 351 -44.35 -19.11 2.83
N GLY A 352 -44.18 -17.79 2.75
CA GLY A 352 -45.25 -16.93 3.22
C GLY A 352 -44.90 -15.47 3.39
N ASN A 353 -45.77 -14.75 4.10
CA ASN A 353 -45.62 -13.32 4.32
C ASN A 353 -44.22 -13.01 4.92
N PRO A 354 -43.42 -12.19 4.22
CA PRO A 354 -42.05 -11.84 4.67
C PRO A 354 -42.03 -11.24 6.07
N LEU A 355 -43.15 -10.66 6.50
CA LEU A 355 -43.26 -10.06 7.84
C LEU A 355 -43.48 -11.05 8.95
N GLU A 356 -43.76 -12.31 8.62
CA GLU A 356 -44.01 -13.31 9.66
C GLU A 356 -42.71 -13.97 10.07
N ARG A 357 -42.49 -14.11 11.38
CA ARG A 357 -41.20 -14.57 11.91
C ARG A 357 -40.84 -15.98 11.47
N ASP A 358 -41.84 -16.80 11.17
CA ASP A 358 -41.64 -18.19 10.73
C ASP A 358 -41.21 -18.30 9.27
N THR A 359 -41.51 -17.29 8.46
CA THR A 359 -41.30 -17.37 7.03
C THR A 359 -39.81 -17.47 6.75
N ASN A 360 -39.42 -18.40 5.89
CA ASN A 360 -38.07 -18.33 5.40
C ASN A 360 -37.94 -18.27 3.89
N HIS A 361 -39.07 -18.15 3.20
CA HIS A 361 -39.04 -17.97 1.75
C HIS A 361 -40.12 -16.97 1.35
N GLY A 362 -39.70 -15.79 0.92
CA GLY A 362 -40.63 -14.72 0.65
C GLY A 362 -41.07 -14.74 -0.80
N PRO A 363 -41.91 -13.76 -1.20
CA PRO A 363 -42.32 -13.77 -2.60
C PRO A 363 -41.20 -13.26 -3.51
N GLN A 364 -41.30 -13.54 -4.80
CA GLN A 364 -40.43 -12.91 -5.79
C GLN A 364 -40.74 -11.43 -5.87
N ASN A 365 -39.78 -10.66 -6.39
CA ASN A 365 -39.77 -9.22 -6.24
C ASN A 365 -40.95 -8.55 -6.94
N HIS A 366 -41.28 -9.04 -8.13
CA HIS A 366 -42.38 -8.45 -8.91
C HIS A 366 -42.96 -9.46 -9.89
N GLU A 367 -44.13 -9.12 -10.42
CA GLU A 367 -44.90 -10.06 -11.23
C GLU A 367 -44.18 -10.56 -12.47
N ALA A 368 -43.58 -9.62 -13.22
CA ALA A 368 -42.91 -10.00 -14.47
C ALA A 368 -41.78 -11.01 -14.23
N HIS A 369 -41.10 -10.86 -13.10
CA HIS A 369 -40.00 -11.77 -12.76
C HIS A 369 -40.54 -13.15 -12.40
N LEU A 370 -41.63 -13.17 -11.63
CA LEU A 370 -42.34 -14.42 -11.38
C LEU A 370 -42.64 -15.17 -12.70
N ARG A 371 -43.21 -14.47 -13.68
CA ARG A 371 -43.51 -15.08 -14.98
C ARG A 371 -42.29 -15.54 -15.80
C ARG A 371 -42.23 -15.68 -15.55
N LYS A 372 -41.17 -14.86 -15.61
CA LYS A 372 -39.89 -15.30 -16.20
C LYS A 372 -39.49 -16.65 -15.61
N LEU A 373 -39.64 -16.78 -14.29
CA LEU A 373 -39.26 -18.02 -13.60
C LEU A 373 -40.13 -19.20 -14.00
N VAL A 374 -41.43 -18.97 -14.12
CA VAL A 374 -42.36 -20.01 -14.59
C VAL A 374 -41.92 -20.46 -15.99
N GLU A 375 -41.73 -19.50 -16.89
CA GLU A 375 -41.25 -19.78 -18.28
C GLU A 375 -39.89 -20.49 -18.30
N TYR A 376 -38.99 -20.01 -17.44
CA TYR A 376 -37.65 -20.59 -17.30
C TYR A 376 -37.74 -22.07 -16.96
N CYS A 377 -38.57 -22.41 -15.98
CA CYS A 377 -38.68 -23.81 -15.58
C CYS A 377 -39.41 -24.68 -16.63
N GLN A 378 -40.38 -24.09 -17.34
CA GLN A 378 -41.02 -24.77 -18.48
C GLN A 378 -39.98 -25.18 -19.52
N ARG A 379 -39.12 -24.23 -19.88
CA ARG A 379 -38.05 -24.49 -20.83
C ARG A 379 -37.09 -25.57 -20.35
N GLY A 380 -36.79 -25.57 -19.05
CA GLY A 380 -35.96 -26.62 -18.48
C GLY A 380 -36.56 -28.00 -18.66
N VAL A 381 -37.86 -28.11 -18.40
CA VAL A 381 -38.56 -29.39 -18.57
C VAL A 381 -38.59 -29.78 -20.07
N LYS A 382 -38.95 -28.82 -20.93
CA LYS A 382 -39.05 -29.09 -22.35
C LYS A 382 -37.74 -29.65 -22.94
N GLU A 383 -36.61 -29.05 -22.57
CA GLU A 383 -35.30 -29.41 -23.12
C GLU A 383 -34.72 -30.69 -22.49
N GLY A 384 -35.43 -31.27 -21.52
CA GLY A 384 -35.07 -32.60 -21.04
C GLY A 384 -34.50 -32.76 -19.64
N ALA A 385 -34.43 -31.68 -18.87
CA ALA A 385 -33.95 -31.76 -17.48
C ALA A 385 -35.01 -32.41 -16.59
N THR A 386 -34.59 -33.12 -15.56
CA THR A 386 -35.51 -33.71 -14.60
C THR A 386 -35.94 -32.68 -13.55
N LEU A 387 -37.24 -32.39 -13.48
CA LEU A 387 -37.79 -31.57 -12.42
C LEU A 387 -38.01 -32.41 -11.16
N VAL A 388 -37.12 -32.26 -10.18
CA VAL A 388 -37.22 -33.03 -8.93
C VAL A 388 -38.27 -32.45 -7.98
N CYS A 389 -38.36 -31.12 -7.92
CA CYS A 389 -39.44 -30.46 -7.20
C CYS A 389 -39.64 -28.99 -7.61
N GLY A 390 -40.78 -28.42 -7.23
CA GLY A 390 -41.10 -27.04 -7.55
C GLY A 390 -41.40 -26.86 -9.02
N GLY A 391 -41.08 -25.67 -9.53
CA GLY A 391 -41.32 -25.34 -10.92
C GLY A 391 -42.48 -24.39 -11.12
N ASN A 392 -43.33 -24.24 -10.10
CA ASN A 392 -44.57 -23.48 -10.29
C ASN A 392 -44.74 -22.33 -9.33
N GLN A 393 -45.59 -21.38 -9.72
CA GLN A 393 -46.08 -20.42 -8.77
C GLN A 393 -46.77 -21.15 -7.62
N VAL A 394 -46.53 -20.69 -6.39
CA VAL A 394 -47.24 -21.17 -5.20
C VAL A 394 -48.67 -20.59 -5.24
N PRO A 395 -49.70 -21.46 -5.04
CA PRO A 395 -51.10 -20.98 -5.18
C PRO A 395 -51.59 -20.17 -3.97
N ARG A 396 -51.15 -18.91 -3.93
CA ARG A 396 -51.56 -17.96 -2.88
C ARG A 396 -51.41 -16.56 -3.43
N PRO A 397 -51.97 -15.55 -2.75
CA PRO A 397 -51.81 -14.19 -3.28
C PRO A 397 -50.34 -13.75 -3.36
N GLY A 398 -50.06 -12.77 -4.21
CA GLY A 398 -48.70 -12.31 -4.43
C GLY A 398 -47.96 -13.19 -5.41
N PHE A 399 -46.63 -13.06 -5.42
CA PHE A 399 -45.84 -13.60 -6.51
C PHE A 399 -44.83 -14.58 -5.97
N PHE A 400 -45.33 -15.58 -5.27
CA PHE A 400 -44.51 -16.64 -4.71
C PHE A 400 -44.21 -17.72 -5.73
N PHE A 401 -42.94 -18.13 -5.78
CA PHE A 401 -42.49 -19.20 -6.64
C PHE A 401 -41.91 -20.32 -5.80
N GLN A 402 -42.16 -21.57 -6.19
CA GLN A 402 -41.67 -22.71 -5.42
C GLN A 402 -40.14 -22.88 -5.50
N PRO A 403 -39.50 -23.18 -4.36
CA PRO A 403 -38.12 -23.64 -4.39
C PRO A 403 -38.05 -24.85 -5.31
N THR A 404 -37.14 -24.79 -6.28
CA THR A 404 -37.12 -25.72 -7.41
C THR A 404 -35.79 -26.42 -7.49
N VAL A 405 -35.82 -27.71 -7.80
CA VAL A 405 -34.59 -28.46 -8.02
C VAL A 405 -34.66 -29.16 -9.35
N PHE A 406 -33.66 -28.92 -10.21
CA PHE A 406 -33.44 -29.71 -11.43
C PHE A 406 -32.20 -30.58 -11.30
N THR A 407 -32.31 -31.83 -11.76
CA THR A 407 -31.16 -32.72 -11.94
C THR A 407 -31.03 -33.08 -13.43
N ASP A 408 -30.06 -33.94 -13.77
CA ASP A 408 -29.78 -34.35 -15.16
C ASP A 408 -29.62 -33.16 -16.11
N VAL A 409 -28.98 -32.10 -15.63
CA VAL A 409 -28.75 -30.91 -16.44
C VAL A 409 -27.47 -31.12 -17.26
N GLU A 410 -27.57 -30.86 -18.56
CA GLU A 410 -26.46 -31.07 -19.47
C GLU A 410 -25.96 -29.72 -19.95
N ASP A 411 -24.66 -29.67 -20.23
CA ASP A 411 -23.95 -28.43 -20.53
C ASP A 411 -24.57 -27.61 -21.66
N HIS A 412 -25.19 -28.26 -22.64
CA HIS A 412 -25.79 -27.53 -23.80
C HIS A 412 -27.15 -26.89 -23.46
N MET A 413 -27.75 -27.31 -22.34
CA MET A 413 -29.09 -26.82 -22.00
C MET A 413 -29.13 -25.32 -21.71
N TYR A 414 -30.24 -24.70 -22.11
CA TYR A 414 -30.55 -23.32 -21.80
C TYR A 414 -30.41 -23.03 -20.29
N ILE A 415 -30.92 -23.93 -19.45
CA ILE A 415 -30.86 -23.70 -18.01
C ILE A 415 -29.43 -23.93 -17.45
N ALA A 416 -28.56 -24.57 -18.25
CA ALA A 416 -27.13 -24.64 -17.91
C ALA A 416 -26.41 -23.33 -18.24
N LYS A 417 -26.99 -22.50 -19.11
CA LYS A 417 -26.30 -21.31 -19.59
C LYS A 417 -26.92 -20.03 -19.08
N GLU A 418 -28.23 -20.02 -18.85
CA GLU A 418 -28.92 -18.75 -18.55
C GLU A 418 -29.16 -18.53 -17.04
N GLU A 419 -28.97 -17.29 -16.61
CA GLU A 419 -29.19 -16.87 -15.23
C GLU A 419 -30.69 -16.78 -14.89
N SER A 420 -31.17 -17.63 -13.98
CA SER A 420 -32.58 -17.61 -13.59
C SER A 420 -32.92 -16.41 -12.72
N PHE A 421 -32.02 -16.11 -11.77
CA PHE A 421 -32.25 -15.08 -10.74
C PHE A 421 -33.46 -15.46 -9.86
N GLY A 422 -33.65 -16.77 -9.69
CA GLY A 422 -34.75 -17.27 -8.90
C GLY A 422 -34.30 -18.46 -8.09
N PRO A 423 -35.22 -19.05 -7.31
CA PRO A 423 -34.83 -20.11 -6.37
C PRO A 423 -34.82 -21.48 -7.05
N ILE A 424 -33.90 -21.64 -8.00
CA ILE A 424 -33.88 -22.81 -8.86
C ILE A 424 -32.50 -23.45 -8.85
N MET A 425 -32.40 -24.55 -8.12
CA MET A 425 -31.17 -25.31 -8.01
C MET A 425 -30.99 -26.20 -9.24
N ILE A 426 -29.84 -26.07 -9.91
CA ILE A 426 -29.60 -26.67 -11.23
C ILE A 426 -28.37 -27.58 -11.18
N ILE A 427 -28.63 -28.89 -11.01
CA ILE A 427 -27.61 -29.87 -10.66
C ILE A 427 -27.12 -30.73 -11.84
N SER A 428 -25.80 -30.81 -12.01
CA SER A 428 -25.13 -31.69 -12.96
C SER A 428 -24.19 -32.62 -12.20
N ARG A 429 -23.89 -33.77 -12.77
CA ARG A 429 -22.96 -34.72 -12.17
C ARG A 429 -21.58 -34.48 -12.77
N PHE A 430 -20.55 -34.96 -12.09
CA PHE A 430 -19.26 -35.12 -12.77
C PHE A 430 -18.63 -36.39 -12.23
N ALA A 431 -17.80 -37.02 -13.06
CA ALA A 431 -17.22 -38.33 -12.74
C ALA A 431 -16.26 -38.24 -11.56
N ASP A 432 -16.26 -39.27 -10.71
CA ASP A 432 -15.34 -39.34 -9.59
C ASP A 432 -13.89 -39.11 -10.04
N GLY A 433 -13.16 -38.30 -9.28
CA GLY A 433 -11.78 -38.01 -9.60
C GLY A 433 -11.55 -37.01 -10.72
N ASP A 434 -12.60 -36.61 -11.44
CA ASP A 434 -12.46 -35.51 -12.39
C ASP A 434 -12.17 -34.28 -11.55
N VAL A 435 -11.24 -33.45 -12.03
CA VAL A 435 -11.05 -32.12 -11.47
C VAL A 435 -10.99 -31.16 -12.64
N ASP A 436 -10.06 -31.40 -13.56
CA ASP A 436 -9.89 -30.51 -14.71
C ASP A 436 -11.11 -30.50 -15.62
N ALA A 437 -11.79 -31.65 -15.71
CA ALA A 437 -12.94 -31.76 -16.59
C ALA A 437 -14.10 -30.92 -16.07
N VAL A 438 -14.41 -31.05 -14.77
CA VAL A 438 -15.46 -30.23 -14.17
C VAL A 438 -15.11 -28.72 -14.21
N LEU A 439 -13.86 -28.38 -13.90
CA LEU A 439 -13.39 -26.99 -14.04
C LEU A 439 -13.66 -26.41 -15.42
N SER A 440 -13.39 -27.18 -16.47
CA SER A 440 -13.62 -26.72 -17.86
C SER A 440 -15.09 -26.35 -18.08
N ARG A 441 -15.97 -27.21 -17.58
CA ARG A 441 -17.42 -27.05 -17.73
C ARG A 441 -17.92 -25.85 -16.91
N ALA A 442 -17.41 -25.73 -15.68
CA ALA A 442 -17.70 -24.60 -14.80
C ALA A 442 -17.24 -23.26 -15.37
N ASN A 443 -16.12 -23.26 -16.13
CA ASN A 443 -15.60 -22.04 -16.79
C ASN A 443 -16.16 -21.72 -18.19
N ALA A 444 -16.90 -22.69 -18.75
N ALA A 444 -16.89 -22.64 -18.83
CA ALA A 444 -17.51 -22.59 -20.07
CA ALA A 444 -17.27 -22.45 -20.26
C ALA A 444 -18.73 -21.68 -20.06
C ALA A 444 -18.06 -21.15 -20.60
N THR A 445 -18.52 -20.46 -19.56
CA THR A 445 -19.47 -19.38 -19.66
C THR A 445 -18.76 -18.05 -19.96
N GLU A 446 -19.48 -17.11 -20.57
CA GLU A 446 -18.96 -15.77 -20.78
C GLU A 446 -19.08 -14.90 -19.50
N PHE A 447 -19.74 -15.45 -18.49
CA PHE A 447 -19.87 -14.81 -17.19
C PHE A 447 -18.68 -15.15 -16.30
N GLY A 448 -18.53 -14.41 -15.20
CA GLY A 448 -17.48 -14.70 -14.23
C GLY A 448 -17.60 -13.87 -12.97
N LEU A 449 -18.75 -14.01 -12.29
CA LEU A 449 -19.01 -13.20 -11.11
C LEU A 449 -18.55 -13.93 -9.85
N ALA A 450 -19.09 -15.11 -9.62
CA ALA A 450 -18.73 -15.84 -8.44
C ALA A 450 -18.62 -17.32 -8.73
N SER A 451 -18.31 -18.08 -7.69
CA SER A 451 -18.03 -19.49 -7.82
C SER A 451 -17.79 -20.02 -6.41
N GLY A 452 -17.76 -21.33 -6.27
CA GLY A 452 -17.54 -21.93 -4.98
C GLY A 452 -17.11 -23.36 -5.11
N VAL A 453 -16.44 -23.88 -4.10
CA VAL A 453 -16.04 -25.27 -4.09
C VAL A 453 -16.16 -25.79 -2.66
N PHE A 454 -16.74 -26.99 -2.50
CA PHE A 454 -16.75 -27.67 -1.21
C PHE A 454 -15.88 -28.92 -1.30
N THR A 455 -14.88 -28.97 -0.42
CA THR A 455 -13.97 -30.11 -0.30
C THR A 455 -13.19 -29.96 1.01
N ARG A 456 -12.89 -31.07 1.68
CA ARG A 456 -12.00 -31.06 2.85
C ARG A 456 -10.53 -31.10 2.45
N ASP A 457 -10.27 -31.38 1.19
CA ASP A 457 -8.90 -31.54 0.69
C ASP A 457 -8.27 -30.18 0.36
N ILE A 458 -7.24 -29.81 1.15
CA ILE A 458 -6.54 -28.54 0.97
C ILE A 458 -6.02 -28.33 -0.46
N ASN A 459 -5.46 -29.37 -1.06
CA ASN A 459 -4.82 -29.22 -2.37
C ASN A 459 -5.80 -28.98 -3.51
N LYS A 460 -6.89 -29.73 -3.48
CA LYS A 460 -8.01 -29.56 -4.40
C LYS A 460 -8.62 -28.16 -4.24
N ALA A 461 -8.85 -27.71 -3.00
CA ALA A 461 -9.43 -26.37 -2.74
C ALA A 461 -8.59 -25.22 -3.33
N LEU A 462 -7.30 -25.25 -3.04
CA LEU A 462 -6.36 -24.25 -3.56
C LEU A 462 -6.25 -24.28 -5.08
N TYR A 463 -6.10 -25.49 -5.64
CA TYR A 463 -6.04 -25.69 -7.08
C TYR A 463 -7.32 -25.19 -7.77
N VAL A 464 -8.48 -25.66 -7.28
CA VAL A 464 -9.76 -25.21 -7.87
C VAL A 464 -9.93 -23.69 -7.80
N SER A 465 -9.57 -23.07 -6.68
CA SER A 465 -9.72 -21.62 -6.60
C SER A 465 -8.82 -20.88 -7.58
N ASP A 466 -7.63 -21.42 -7.83
CA ASP A 466 -6.74 -20.84 -8.86
C ASP A 466 -7.41 -20.90 -10.21
N LYS A 467 -8.04 -22.05 -10.50
CA LYS A 467 -8.50 -22.34 -11.87
C LYS A 467 -9.87 -21.75 -12.23
N LEU A 468 -10.70 -21.46 -11.23
CA LEU A 468 -12.03 -20.89 -11.47
C LEU A 468 -11.92 -19.46 -12.01
N GLN A 469 -12.62 -19.19 -13.10
CA GLN A 469 -12.52 -17.87 -13.73
C GLN A 469 -13.64 -16.96 -13.24
N ALA A 470 -13.54 -16.56 -11.97
CA ALA A 470 -14.59 -15.75 -11.39
C ALA A 470 -14.02 -14.81 -10.37
N GLY A 471 -14.63 -13.64 -10.26
CA GLY A 471 -14.19 -12.58 -9.35
C GLY A 471 -14.19 -12.93 -7.87
N THR A 472 -14.98 -13.94 -7.51
CA THR A 472 -15.08 -14.41 -6.13
C THR A 472 -15.12 -15.91 -6.14
N VAL A 473 -14.31 -16.52 -5.28
CA VAL A 473 -14.32 -17.97 -5.06
C VAL A 473 -14.57 -18.23 -3.58
N PHE A 474 -15.66 -18.93 -3.29
CA PHE A 474 -15.97 -19.34 -1.93
C PHE A 474 -15.45 -20.74 -1.73
N ILE A 475 -14.86 -20.98 -0.57
CA ILE A 475 -14.33 -22.30 -0.27
C ILE A 475 -14.96 -22.80 1.00
N ASN A 476 -15.77 -23.86 0.88
CA ASN A 476 -16.50 -24.42 2.00
C ASN A 476 -17.43 -23.44 2.66
N THR A 477 -17.92 -22.50 1.88
CA THR A 477 -18.97 -21.61 2.33
C THR A 477 -19.60 -21.02 1.08
N TYR A 478 -20.58 -20.15 1.25
CA TYR A 478 -21.16 -19.47 0.09
C TYR A 478 -21.90 -18.23 0.56
N ASN A 479 -22.02 -17.23 -0.32
CA ASN A 479 -22.72 -15.99 0.03
C ASN A 479 -22.03 -15.20 1.15
N LYS A 480 -20.75 -15.48 1.39
CA LYS A 480 -20.04 -14.82 2.47
C LYS A 480 -19.37 -13.56 1.93
N THR A 481 -20.19 -12.54 1.71
CA THR A 481 -19.66 -11.24 1.36
C THR A 481 -19.34 -10.48 2.65
N ASP A 482 -18.55 -9.43 2.51
CA ASP A 482 -18.17 -8.62 3.65
C ASP A 482 -17.81 -7.24 3.13
N VAL A 483 -18.14 -6.20 3.90
CA VAL A 483 -17.93 -4.82 3.39
C VAL A 483 -16.46 -4.48 3.08
N ALA A 484 -15.52 -5.25 3.63
CA ALA A 484 -14.08 -5.04 3.40
C ALA A 484 -13.52 -5.87 2.24
N ALA A 485 -14.35 -6.77 1.67
CA ALA A 485 -13.88 -7.70 0.66
C ALA A 485 -14.43 -7.33 -0.72
N PRO A 486 -13.54 -6.92 -1.64
CA PRO A 486 -14.02 -6.34 -2.90
C PRO A 486 -14.80 -7.35 -3.71
N PHE A 487 -15.80 -6.84 -4.43
CA PHE A 487 -16.70 -7.69 -5.15
C PHE A 487 -16.99 -7.15 -6.56
N GLY A 488 -16.74 -8.01 -7.53
CA GLY A 488 -16.92 -7.64 -8.93
C GLY A 488 -16.58 -8.82 -9.82
N GLY A 489 -16.96 -8.70 -11.10
CA GLY A 489 -16.86 -9.80 -12.05
C GLY A 489 -15.71 -9.71 -13.04
N PHE A 490 -15.49 -10.85 -13.71
CA PHE A 490 -14.56 -10.94 -14.83
C PHE A 490 -15.39 -11.11 -16.10
N LYS A 491 -14.74 -11.02 -17.27
CA LYS A 491 -15.37 -11.27 -18.56
C LYS A 491 -16.67 -10.47 -18.70
N GLN A 492 -17.74 -11.09 -19.18
CA GLN A 492 -18.98 -10.35 -19.40
C GLN A 492 -19.78 -10.07 -18.12
N SER A 493 -19.22 -10.44 -16.96
CA SER A 493 -19.80 -10.00 -15.69
C SER A 493 -19.39 -8.56 -15.36
N GLY A 494 -18.54 -7.97 -16.21
CA GLY A 494 -18.14 -6.56 -16.05
C GLY A 494 -16.75 -6.35 -15.46
N PHE A 495 -16.58 -5.22 -14.77
CA PHE A 495 -15.31 -4.82 -14.18
C PHE A 495 -15.56 -3.76 -13.11
N GLY A 496 -14.57 -3.53 -12.27
CA GLY A 496 -14.72 -2.62 -11.17
C GLY A 496 -15.26 -3.36 -9.96
N LYS A 497 -14.97 -2.83 -8.79
CA LYS A 497 -15.35 -3.45 -7.53
C LYS A 497 -16.32 -2.61 -6.75
N ASP A 498 -17.22 -3.29 -6.05
CA ASP A 498 -17.90 -2.69 -4.93
C ASP A 498 -17.34 -3.32 -3.68
N LEU A 499 -17.40 -2.59 -2.57
CA LEU A 499 -16.84 -3.02 -1.30
C LEU A 499 -15.29 -3.08 -1.28
N GLY A 500 -14.73 -3.06 -0.07
CA GLY A 500 -13.28 -3.04 0.07
C GLY A 500 -12.66 -1.71 -0.34
N GLU A 501 -11.38 -1.60 -0.04
CA GLU A 501 -10.58 -0.46 -0.44
C GLU A 501 -10.68 -0.25 -1.96
N ALA A 502 -10.62 -1.35 -2.72
CA ALA A 502 -10.68 -1.29 -4.18
C ALA A 502 -11.85 -0.50 -4.74
N ALA A 503 -13.00 -0.52 -4.08
CA ALA A 503 -14.17 0.24 -4.55
C ALA A 503 -13.91 1.74 -4.65
N LEU A 504 -13.05 2.25 -3.78
CA LEU A 504 -12.76 3.67 -3.75
C LEU A 504 -12.13 4.14 -5.05
N ASN A 505 -11.38 3.25 -5.68
CA ASN A 505 -10.65 3.57 -6.87
C ASN A 505 -11.52 3.91 -8.06
N GLU A 506 -12.76 3.41 -8.09
CA GLU A 506 -13.75 3.77 -9.12
C GLU A 506 -14.23 5.20 -8.95
N TYR A 507 -14.07 5.75 -7.74
CA TYR A 507 -14.63 7.04 -7.41
C TYR A 507 -13.59 8.12 -7.16
N LEU A 508 -12.34 7.83 -7.52
CA LEU A 508 -11.24 8.77 -7.29
C LEU A 508 -10.49 8.98 -8.57
N ARG A 509 -9.83 10.10 -8.70
CA ARG A 509 -8.89 10.29 -9.79
C ARG A 509 -7.52 10.60 -9.19
N ILE A 510 -6.46 10.30 -9.92
CA ILE A 510 -5.10 10.54 -9.47
C ILE A 510 -4.49 11.72 -10.23
N LYS A 511 -4.12 12.77 -9.50
CA LYS A 511 -3.40 13.92 -10.06
C LYS A 511 -1.93 13.82 -9.71
N THR A 512 -1.08 13.82 -10.71
CA THR A 512 0.38 13.81 -10.48
C THR A 512 0.90 15.25 -10.46
N VAL A 513 1.66 15.58 -9.40
CA VAL A 513 2.26 16.90 -9.27
C VAL A 513 3.78 16.77 -9.20
N THR A 514 4.46 17.38 -10.16
CA THR A 514 5.92 17.27 -10.28
C THR A 514 6.51 18.67 -10.23
N PHE A 515 7.30 18.91 -9.19
CA PHE A 515 8.05 20.16 -9.01
C PHE A 515 9.47 19.96 -9.53
N GLU A 516 10.05 21.03 -10.05
CA GLU A 516 11.49 21.13 -10.15
C GLU A 516 11.96 22.27 -9.23
N TYR A 517 13.02 22.07 -8.49
CA TYR A 517 13.52 23.14 -7.63
C TYR A 517 15.04 23.10 -7.52
N VAL B 20 15.45 -17.31 -40.67
CA VAL B 20 15.99 -16.07 -41.32
C VAL B 20 14.84 -15.09 -41.63
N ILE B 21 15.04 -13.84 -41.19
CA ILE B 21 14.07 -12.76 -41.35
C ILE B 21 14.43 -11.90 -42.56
N ASN B 22 13.43 -11.53 -43.36
CA ASN B 22 13.64 -10.55 -44.42
C ASN B 22 13.80 -9.14 -43.86
N TYR B 23 14.79 -8.41 -44.35
CA TYR B 23 15.01 -7.03 -43.93
C TYR B 23 14.98 -6.05 -45.07
N VAL B 24 14.72 -4.79 -44.72
CA VAL B 24 15.06 -3.67 -45.55
C VAL B 24 16.35 -3.18 -44.94
N GLU B 25 17.44 -3.37 -45.68
CA GLU B 25 18.75 -2.92 -45.29
C GLU B 25 18.94 -1.49 -45.80
N LYS B 26 19.48 -0.61 -44.96
CA LYS B 26 19.77 0.76 -45.36
C LYS B 26 20.97 1.30 -44.58
N ALA B 27 21.94 1.85 -45.31
CA ALA B 27 23.14 2.43 -44.68
C ALA B 27 22.98 3.93 -44.46
N VAL B 28 22.76 4.32 -43.20
CA VAL B 28 22.61 5.72 -42.79
C VAL B 28 23.19 5.86 -41.40
N ASN B 29 23.58 7.09 -41.08
CA ASN B 29 24.01 7.46 -39.75
C ASN B 29 25.15 6.57 -39.27
N LYS B 30 25.98 6.14 -40.22
CA LYS B 30 27.17 5.33 -39.93
C LYS B 30 26.79 3.97 -39.33
N LEU B 31 25.63 3.47 -39.75
CA LEU B 31 25.13 2.17 -39.34
C LEU B 31 24.59 1.44 -40.55
N THR B 32 24.45 0.13 -40.42
CA THR B 32 23.65 -0.63 -41.35
C THR B 32 22.39 -1.07 -40.63
N LEU B 33 21.29 -0.44 -41.00
CA LEU B 33 19.98 -0.74 -40.45
C LEU B 33 19.46 -2.02 -41.05
N GLN B 34 18.89 -2.88 -40.21
CA GLN B 34 18.21 -4.08 -40.67
C GLN B 34 16.75 -4.03 -40.18
N MET B 35 15.84 -3.62 -41.07
CA MET B 35 14.48 -3.28 -40.67
C MET B 35 13.47 -4.30 -41.14
N PRO B 36 12.89 -5.07 -40.20
CA PRO B 36 11.79 -5.94 -40.60
C PRO B 36 10.64 -5.08 -41.08
N TYR B 37 9.78 -5.63 -41.94
CA TYR B 37 8.72 -4.85 -42.58
C TYR B 37 7.43 -5.67 -42.69
N GLN B 38 7.44 -6.88 -42.16
CA GLN B 38 6.28 -7.78 -42.20
C GLN B 38 5.45 -7.79 -40.90
N LEU B 39 4.28 -8.43 -40.95
CA LEU B 39 3.49 -8.67 -39.73
C LEU B 39 4.25 -9.59 -38.82
N PHE B 40 4.11 -9.39 -37.52
CA PHE B 40 4.75 -10.26 -36.53
C PHE B 40 3.66 -11.02 -35.77
N ILE B 41 3.54 -12.32 -36.08
CA ILE B 41 2.49 -13.17 -35.53
C ILE B 41 3.11 -14.47 -35.06
N GLY B 42 2.82 -14.85 -33.81
CA GLY B 42 3.26 -16.12 -33.27
C GLY B 42 4.75 -16.37 -33.39
N GLY B 43 5.54 -15.32 -33.21
CA GLY B 43 7.00 -15.44 -33.18
C GLY B 43 7.65 -15.39 -34.55
N GLU B 44 6.87 -15.18 -35.60
CA GLU B 44 7.44 -15.12 -36.94
C GLU B 44 6.95 -13.92 -37.75
N PHE B 45 7.83 -13.41 -38.59
CA PHE B 45 7.47 -12.37 -39.54
C PHE B 45 6.83 -13.01 -40.76
N VAL B 46 5.62 -12.58 -41.09
CA VAL B 46 4.87 -13.12 -42.21
C VAL B 46 4.20 -12.00 -42.99
N ASP B 47 3.98 -12.23 -44.28
CA ASP B 47 3.18 -11.31 -45.09
C ASP B 47 1.74 -11.30 -44.62
N ALA B 48 1.04 -10.21 -44.94
CA ALA B 48 -0.40 -10.12 -44.76
C ALA B 48 -1.11 -11.03 -45.77
N GLU B 49 -2.39 -11.32 -45.51
CA GLU B 49 -3.27 -11.97 -46.46
C GLU B 49 -3.23 -11.24 -47.80
N GLY B 50 -3.07 -12.00 -48.89
CA GLY B 50 -2.95 -11.45 -50.25
C GLY B 50 -1.66 -10.67 -50.50
N SER B 51 -0.67 -10.88 -49.63
CA SER B 51 0.59 -10.12 -49.62
C SER B 51 0.46 -8.60 -49.82
N LYS B 52 -0.65 -8.04 -49.37
CA LYS B 52 -0.91 -6.60 -49.45
C LYS B 52 0.10 -5.79 -48.62
N THR B 53 0.45 -4.60 -49.12
CA THR B 53 1.44 -3.75 -48.51
C THR B 53 1.04 -2.29 -48.63
N TYR B 54 1.82 -1.40 -48.02
CA TYR B 54 1.63 0.04 -48.17
C TYR B 54 2.98 0.68 -47.92
N ASN B 55 3.10 1.97 -48.22
CA ASN B 55 4.38 2.65 -48.12
C ASN B 55 4.50 3.47 -46.83
N THR B 56 5.63 3.37 -46.17
CA THR B 56 5.91 4.29 -45.08
C THR B 56 6.84 5.38 -45.58
N ILE B 57 6.53 6.62 -45.20
CA ILE B 57 7.14 7.81 -45.78
C ILE B 57 8.07 8.51 -44.80
N ASN B 58 9.28 8.82 -45.29
CA ASN B 58 10.28 9.57 -44.55
C ASN B 58 9.93 11.06 -44.56
N PRO B 59 9.66 11.64 -43.38
CA PRO B 59 9.20 13.04 -43.37
C PRO B 59 10.31 14.07 -43.64
N THR B 60 11.56 13.63 -43.69
CA THR B 60 12.65 14.57 -43.99
C THR B 60 12.70 14.97 -45.48
N ASP B 61 12.27 14.08 -46.39
CA ASP B 61 12.33 14.36 -47.82
C ASP B 61 11.15 13.83 -48.63
N GLY B 62 10.19 13.21 -47.95
CA GLY B 62 8.98 12.75 -48.62
C GLY B 62 9.15 11.44 -49.33
N SER B 63 10.34 10.85 -49.26
CA SER B 63 10.59 9.58 -49.97
C SER B 63 9.92 8.38 -49.31
N VAL B 64 9.77 7.31 -50.06
CA VAL B 64 9.28 6.05 -49.53
C VAL B 64 10.46 5.34 -48.86
N ILE B 65 10.32 4.95 -47.59
CA ILE B 65 11.37 4.20 -46.89
C ILE B 65 11.36 2.76 -47.37
N CYS B 66 10.18 2.14 -47.33
CA CYS B 66 10.00 0.78 -47.83
C CYS B 66 8.51 0.44 -47.85
N GLN B 67 8.21 -0.76 -48.31
CA GLN B 67 6.86 -1.29 -48.26
C GLN B 67 6.67 -2.08 -46.95
N VAL B 68 5.51 -1.96 -46.32
CA VAL B 68 5.22 -2.68 -45.08
C VAL B 68 3.95 -3.51 -45.24
N SER B 69 3.91 -4.72 -44.68
CA SER B 69 2.68 -5.54 -44.76
C SER B 69 1.46 -4.79 -44.23
N LEU B 70 0.33 -4.95 -44.92
CA LEU B 70 -0.92 -4.29 -44.53
C LEU B 70 -1.90 -5.32 -43.97
N ALA B 71 -1.92 -5.46 -42.64
CA ALA B 71 -2.70 -6.51 -41.97
C ALA B 71 -4.18 -6.46 -42.34
N GLN B 72 -4.74 -7.66 -42.53
CA GLN B 72 -6.15 -7.82 -42.87
C GLN B 72 -6.89 -8.43 -41.68
N VAL B 73 -8.22 -8.49 -41.77
CA VAL B 73 -9.04 -9.04 -40.69
C VAL B 73 -8.54 -10.44 -40.29
N SER B 74 -8.28 -11.31 -41.27
CA SER B 74 -7.84 -12.68 -40.96
C SER B 74 -6.49 -12.68 -40.23
N ASP B 75 -5.66 -11.67 -40.48
CA ASP B 75 -4.38 -11.56 -39.79
C ASP B 75 -4.56 -11.20 -38.30
N VAL B 76 -5.49 -10.28 -38.02
CA VAL B 76 -5.85 -9.94 -36.65
C VAL B 76 -6.28 -11.19 -35.89
N ASP B 77 -7.13 -12.01 -36.50
CA ASP B 77 -7.61 -13.22 -35.87
C ASP B 77 -6.48 -14.19 -35.57
N LYS B 78 -5.53 -14.30 -36.50
CA LYS B 78 -4.36 -15.16 -36.30
C LYS B 78 -3.51 -14.64 -35.14
N ALA B 79 -3.34 -13.32 -35.07
CA ALA B 79 -2.54 -12.71 -34.01
C ALA B 79 -3.21 -12.95 -32.66
N VAL B 80 -4.51 -12.67 -32.59
CA VAL B 80 -5.27 -12.91 -31.36
C VAL B 80 -5.19 -14.39 -30.95
N ALA B 81 -5.36 -15.30 -31.91
CA ALA B 81 -5.29 -16.73 -31.63
C ALA B 81 -3.92 -17.11 -31.08
N ALA B 82 -2.87 -16.54 -31.66
CA ALA B 82 -1.52 -16.77 -31.16
C ALA B 82 -1.35 -16.19 -29.74
N ALA B 83 -1.92 -15.01 -29.49
CA ALA B 83 -1.83 -14.41 -28.16
C ALA B 83 -2.58 -15.25 -27.11
N LYS B 84 -3.78 -15.72 -27.50
CA LYS B 84 -4.58 -16.57 -26.64
C LYS B 84 -3.88 -17.90 -26.32
N GLU B 85 -3.32 -18.55 -27.33
CA GLU B 85 -2.58 -19.78 -27.12
C GLU B 85 -1.36 -19.57 -26.20
N ALA B 86 -0.60 -18.50 -26.45
CA ALA B 86 0.57 -18.19 -25.63
C ALA B 86 0.19 -17.93 -24.17
N PHE B 87 -0.95 -17.25 -23.96
CA PHE B 87 -1.42 -17.00 -22.59
C PHE B 87 -1.93 -18.27 -21.92
N GLU B 88 -2.84 -18.98 -22.59
CA GLU B 88 -3.50 -20.14 -22.00
C GLU B 88 -2.64 -21.39 -21.86
N ASN B 89 -1.81 -21.69 -22.88
CA ASN B 89 -1.05 -22.95 -22.88
C ASN B 89 0.44 -22.79 -22.95
N GLY B 90 0.88 -21.64 -23.49
CA GLY B 90 2.31 -21.38 -23.66
C GLY B 90 3.06 -21.13 -22.36
N LEU B 91 4.37 -21.01 -22.48
CA LEU B 91 5.28 -20.84 -21.37
C LEU B 91 5.05 -19.58 -20.50
N TRP B 92 4.65 -18.47 -21.14
CA TRP B 92 4.43 -17.19 -20.46
C TRP B 92 3.45 -17.32 -19.30
N GLY B 93 2.44 -18.17 -19.47
CA GLY B 93 1.42 -18.36 -18.45
C GLY B 93 1.85 -19.30 -17.33
N LYS B 94 3.00 -19.95 -17.49
CA LYS B 94 3.45 -20.98 -16.55
C LYS B 94 4.67 -20.56 -15.71
N ILE B 95 5.51 -19.66 -16.24
CA ILE B 95 6.72 -19.26 -15.52
C ILE B 95 6.41 -18.41 -14.27
N ASN B 96 7.34 -18.43 -13.32
CA ASN B 96 7.32 -17.57 -12.14
C ASN B 96 7.24 -16.09 -12.52
N ALA B 97 6.54 -15.31 -11.68
CA ALA B 97 6.50 -13.86 -11.85
C ALA B 97 7.94 -13.34 -11.92
N ARG B 98 8.81 -13.86 -11.07
CA ARG B 98 10.22 -13.45 -11.07
C ARG B 98 10.91 -13.68 -12.43
N ASP B 99 10.57 -14.78 -13.10
CA ASP B 99 11.25 -15.14 -14.34
C ASP B 99 10.66 -14.38 -15.51
N ARG B 100 9.37 -14.04 -15.42
CA ARG B 100 8.74 -13.15 -16.38
C ARG B 100 9.50 -11.82 -16.34
N GLY B 101 9.79 -11.34 -15.14
CA GLY B 101 10.58 -10.14 -14.91
C GLY B 101 11.96 -10.22 -15.55
N ARG B 102 12.66 -11.35 -15.34
CA ARG B 102 13.98 -11.58 -15.95
C ARG B 102 13.89 -11.41 -17.45
N LEU B 103 12.87 -12.00 -18.08
CA LEU B 103 12.71 -11.86 -19.53
C LEU B 103 12.49 -10.41 -19.96
N LEU B 104 11.74 -9.64 -19.17
CA LEU B 104 11.51 -8.23 -19.50
C LEU B 104 12.77 -7.41 -19.29
N TYR B 105 13.56 -7.72 -18.25
CA TYR B 105 14.84 -7.03 -18.03
C TYR B 105 15.89 -7.38 -19.10
C TYR B 105 15.73 -7.32 -19.25
N ARG B 106 15.79 -8.60 -19.63
CA ARG B 106 16.64 -9.01 -20.74
C ARG B 106 16.19 -8.26 -22.01
N LEU B 107 14.89 -8.15 -22.20
CA LEU B 107 14.33 -7.38 -23.33
C LEU B 107 14.82 -5.91 -23.31
N ALA B 108 14.78 -5.27 -22.15
CA ALA B 108 15.37 -3.94 -21.99
C ALA B 108 16.87 -3.91 -22.37
N ASP B 109 17.63 -4.93 -21.98
CA ASP B 109 19.06 -5.02 -22.34
C ASP B 109 19.26 -5.11 -23.85
N VAL B 110 18.48 -5.97 -24.51
CA VAL B 110 18.55 -6.12 -25.94
C VAL B 110 18.25 -4.78 -26.62
N MET B 111 17.22 -4.09 -26.13
CA MET B 111 16.89 -2.76 -26.62
C MET B 111 18.06 -1.79 -26.46
N GLU B 112 18.72 -1.81 -25.30
CA GLU B 112 19.89 -0.97 -25.07
C GLU B 112 21.06 -1.28 -26.02
N GLN B 113 21.28 -2.58 -26.29
CA GLN B 113 22.28 -3.03 -27.25
C GLN B 113 21.98 -2.50 -28.65
N HIS B 114 20.70 -2.29 -28.96
CA HIS B 114 20.30 -1.84 -30.30
C HIS B 114 19.87 -0.37 -30.30
N GLN B 115 20.31 0.40 -29.30
CA GLN B 115 19.70 1.73 -29.10
C GLN B 115 19.95 2.72 -30.24
N GLU B 116 21.18 2.74 -30.76
CA GLU B 116 21.54 3.64 -31.86
C GLU B 116 20.73 3.30 -33.10
N GLU B 117 20.61 2.00 -33.37
CA GLU B 117 19.79 1.54 -34.48
C GLU B 117 18.32 1.94 -34.32
N LEU B 118 17.75 1.71 -33.13
CA LEU B 118 16.34 2.06 -32.88
C LEU B 118 16.12 3.56 -33.00
N ALA B 119 17.03 4.35 -32.43
CA ALA B 119 16.93 5.81 -32.54
C ALA B 119 16.98 6.29 -34.01
N THR B 120 17.80 5.63 -34.82
CA THR B 120 17.95 5.95 -36.25
C THR B 120 16.69 5.57 -37.02
N ILE B 121 16.17 4.36 -36.80
CA ILE B 121 14.88 3.99 -37.39
C ILE B 121 13.79 5.01 -37.02
N GLU B 122 13.79 5.46 -35.77
CA GLU B 122 12.77 6.41 -35.32
C GLU B 122 12.95 7.77 -36.00
N ALA B 123 14.21 8.18 -36.18
CA ALA B 123 14.54 9.39 -36.91
C ALA B 123 13.99 9.32 -38.34
N LEU B 124 14.17 8.18 -39.00
CA LEU B 124 13.66 8.00 -40.37
C LEU B 124 12.14 7.95 -40.45
N ASP B 125 11.52 7.22 -39.51
CA ASP B 125 10.10 6.90 -39.60
C ASP B 125 9.24 8.03 -39.08
N ALA B 126 9.72 8.76 -38.08
CA ALA B 126 8.87 9.71 -37.36
C ALA B 126 9.42 11.12 -37.40
N GLY B 127 10.61 11.28 -37.96
CA GLY B 127 11.25 12.58 -38.01
C GLY B 127 11.82 13.00 -36.68
N ALA B 128 11.95 12.05 -35.75
CA ALA B 128 12.51 12.33 -34.41
C ALA B 128 13.98 12.71 -34.54
N VAL B 129 14.36 13.86 -33.99
CA VAL B 129 15.74 14.27 -33.96
C VAL B 129 16.54 13.19 -33.23
N TYR B 130 17.61 12.72 -33.87
CA TYR B 130 18.34 11.55 -33.41
C TYR B 130 18.84 11.65 -31.97
N THR B 131 19.43 12.78 -31.60
CA THR B 131 19.92 12.96 -30.23
C THR B 131 18.77 12.86 -29.22
N LEU B 132 17.58 13.30 -29.62
CA LEU B 132 16.42 13.27 -28.75
C LEU B 132 15.82 11.87 -28.71
N ALA B 133 15.78 11.20 -29.86
CA ALA B 133 15.33 9.83 -29.94
C ALA B 133 16.18 8.89 -29.08
N LEU B 134 17.49 9.12 -29.01
CA LEU B 134 18.38 8.29 -28.18
C LEU B 134 18.01 8.39 -26.72
N LYS B 135 17.81 9.63 -26.27
CA LYS B 135 17.62 9.95 -24.87
C LYS B 135 16.17 9.69 -24.43
N THR B 136 15.19 9.96 -25.32
CA THR B 136 13.77 9.85 -24.97
C THR B 136 13.00 8.70 -25.68
N HIS B 137 12.75 8.83 -26.99
CA HIS B 137 12.02 7.79 -27.71
C HIS B 137 12.54 6.40 -27.34
N VAL B 138 13.86 6.27 -27.27
CA VAL B 138 14.48 4.98 -27.02
C VAL B 138 14.91 4.83 -25.56
N GLY B 139 15.56 5.87 -25.01
CA GLY B 139 16.08 5.83 -23.65
C GLY B 139 14.97 5.58 -22.63
N MET B 140 13.89 6.33 -22.72
CA MET B 140 12.75 6.12 -21.84
C MET B 140 12.04 4.76 -22.06
N SER B 141 12.04 4.26 -23.30
CA SER B 141 11.48 2.94 -23.56
C SER B 141 12.24 1.87 -22.81
N ILE B 142 13.55 1.97 -22.82
CA ILE B 142 14.42 1.04 -22.08
C ILE B 142 14.14 1.13 -20.56
N GLN B 143 14.08 2.35 -20.03
CA GLN B 143 13.70 2.58 -18.62
C GLN B 143 12.34 1.97 -18.30
N THR B 144 11.39 2.10 -19.23
CA THR B 144 10.05 1.57 -19.04
C THR B 144 10.08 0.06 -18.86
N PHE B 145 10.75 -0.64 -19.76
CA PHE B 145 10.83 -2.08 -19.60
C PHE B 145 11.55 -2.50 -18.31
N ARG B 146 12.62 -1.81 -17.95
CA ARG B 146 13.34 -2.13 -16.70
C ARG B 146 12.52 -1.87 -15.45
N TYR B 147 11.83 -0.72 -15.43
CA TYR B 147 10.96 -0.34 -14.31
C TYR B 147 9.86 -1.41 -14.11
N PHE B 148 9.12 -1.72 -15.16
CA PHE B 148 8.05 -2.71 -15.05
C PHE B 148 8.54 -4.15 -14.83
N ALA B 149 9.71 -4.49 -15.38
CA ALA B 149 10.34 -5.77 -15.07
C ALA B 149 10.47 -5.98 -13.57
N GLY B 150 10.77 -4.90 -12.86
CA GLY B 150 10.96 -4.92 -11.42
C GLY B 150 9.66 -5.11 -10.65
N TRP B 151 8.52 -4.77 -11.28
CA TRP B 151 7.20 -4.93 -10.63
C TRP B 151 6.69 -6.37 -10.57
N CYS B 152 7.15 -7.21 -11.49
CA CYS B 152 6.55 -8.51 -11.71
C CYS B 152 6.39 -9.31 -10.41
N ASP B 153 7.46 -9.45 -9.64
CA ASP B 153 7.35 -10.24 -8.43
C ASP B 153 7.02 -9.36 -7.21
N LYS B 154 6.53 -8.16 -7.47
CA LYS B 154 6.16 -7.27 -6.39
C LYS B 154 4.69 -6.86 -6.48
N ILE B 155 3.97 -7.46 -7.42
CA ILE B 155 2.52 -7.27 -7.53
C ILE B 155 1.91 -8.20 -6.49
N GLN B 156 1.18 -7.62 -5.54
CA GLN B 156 0.71 -8.36 -4.35
C GLN B 156 -0.76 -8.11 -4.13
N GLY B 157 -1.49 -9.15 -3.71
CA GLY B 157 -2.85 -9.00 -3.23
C GLY B 157 -2.86 -8.77 -1.72
N ALA B 158 -3.98 -9.08 -1.08
CA ALA B 158 -4.22 -8.69 0.30
C ALA B 158 -4.80 -9.84 1.13
N THR B 159 -4.72 -9.73 2.46
CA THR B 159 -5.52 -10.56 3.34
C THR B 159 -6.31 -9.59 4.18
N ILE B 160 -7.58 -9.90 4.37
CA ILE B 160 -8.56 -8.90 4.77
C ILE B 160 -9.29 -9.37 6.02
N PRO B 161 -9.34 -8.52 7.05
CA PRO B 161 -9.93 -9.01 8.30
C PRO B 161 -11.47 -8.93 8.33
N ILE B 162 -12.11 -9.81 7.56
CA ILE B 162 -13.59 -9.85 7.47
C ILE B 162 -14.24 -10.32 8.78
N ASN B 163 -15.52 -9.99 8.94
CA ASN B 163 -16.33 -10.52 10.05
C ASN B 163 -16.40 -12.03 9.99
N GLN B 164 -16.26 -12.69 11.14
CA GLN B 164 -16.17 -14.14 11.24
C GLN B 164 -17.55 -14.76 11.45
N ALA B 165 -17.86 -15.82 10.68
CA ALA B 165 -19.13 -16.55 10.83
C ALA B 165 -19.04 -17.47 12.06
N ARG B 166 -19.03 -16.84 13.24
CA ARG B 166 -18.91 -17.57 14.49
C ARG B 166 -20.02 -18.65 14.60
N PRO B 167 -19.71 -19.82 15.18
CA PRO B 167 -18.44 -20.23 15.82
C PRO B 167 -17.37 -20.71 14.82
N ASN B 168 -17.59 -20.52 13.53
CA ASN B 168 -16.58 -20.85 12.54
C ASN B 168 -15.62 -19.68 12.29
N ARG B 169 -14.59 -19.92 11.47
CA ARG B 169 -13.62 -18.88 11.14
C ARG B 169 -13.62 -18.59 9.65
N ASN B 170 -13.17 -17.39 9.27
CA ASN B 170 -13.02 -17.07 7.84
C ASN B 170 -11.63 -16.51 7.52
N LEU B 171 -11.12 -16.87 6.35
CA LEU B 171 -9.97 -16.22 5.76
C LEU B 171 -10.39 -15.64 4.40
N THR B 172 -10.09 -14.36 4.17
CA THR B 172 -10.31 -13.73 2.88
C THR B 172 -9.00 -13.15 2.37
N LEU B 173 -8.67 -13.54 1.15
CA LEU B 173 -7.50 -13.03 0.48
C LEU B 173 -7.90 -12.61 -0.92
N THR B 174 -7.07 -11.75 -1.52
CA THR B 174 -7.23 -11.43 -2.93
C THR B 174 -6.01 -11.91 -3.69
N LYS B 175 -6.23 -12.37 -4.91
CA LYS B 175 -5.18 -12.71 -5.85
C LYS B 175 -5.22 -11.71 -7.00
C LYS B 175 -5.22 -11.72 -7.01
N LYS B 176 -4.07 -11.15 -7.35
CA LYS B 176 -4.00 -10.28 -8.52
C LYS B 176 -3.66 -11.22 -9.67
N GLU B 177 -4.49 -11.23 -10.70
CA GLU B 177 -4.30 -12.11 -11.85
C GLU B 177 -4.21 -11.32 -13.15
N PRO B 178 -3.58 -11.89 -14.21
CA PRO B 178 -3.59 -11.23 -15.53
C PRO B 178 -5.02 -11.10 -16.08
N VAL B 179 -5.28 -10.09 -16.89
CA VAL B 179 -6.58 -10.00 -17.59
C VAL B 179 -6.68 -11.01 -18.75
N GLY B 180 -5.55 -11.34 -19.38
CA GLY B 180 -5.56 -12.20 -20.56
C GLY B 180 -5.05 -11.51 -21.81
N VAL B 181 -5.67 -11.81 -22.95
CA VAL B 181 -5.25 -11.23 -24.24
C VAL B 181 -5.63 -9.77 -24.31
N CYS B 182 -4.64 -8.91 -24.57
CA CYS B 182 -4.90 -7.48 -24.69
C CYS B 182 -4.59 -6.98 -26.08
N GLY B 183 -5.29 -5.94 -26.51
CA GLY B 183 -4.95 -5.21 -27.72
C GLY B 183 -4.51 -3.81 -27.33
N ILE B 184 -3.39 -3.36 -27.89
CA ILE B 184 -3.00 -1.99 -27.68
C ILE B 184 -2.86 -1.26 -29.01
N VAL B 185 -3.40 -0.05 -29.02
CA VAL B 185 -3.48 0.80 -30.20
C VAL B 185 -2.72 2.09 -29.87
N ILE B 186 -1.70 2.38 -30.67
CA ILE B 186 -0.64 3.36 -30.41
C ILE B 186 -0.79 4.54 -31.42
N PRO B 187 -0.43 5.79 -31.00
CA PRO B 187 -0.37 6.89 -31.98
C PRO B 187 1.04 7.01 -32.59
N TRP B 188 1.21 8.03 -33.43
CA TRP B 188 2.43 8.16 -34.25
C TRP B 188 3.48 9.11 -33.69
N ASN B 189 3.16 9.87 -32.65
CA ASN B 189 4.10 10.89 -32.18
C ASN B 189 5.38 10.36 -31.55
N TYR B 190 5.28 9.27 -30.79
CA TYR B 190 6.45 8.62 -30.20
C TYR B 190 6.24 7.13 -30.41
N PRO B 191 6.46 6.67 -31.63
CA PRO B 191 6.08 5.30 -31.97
C PRO B 191 6.62 4.24 -30.98
N LEU B 192 7.94 4.20 -30.75
CA LEU B 192 8.52 3.20 -29.86
C LEU B 192 8.16 3.43 -28.39
N MET B 193 8.19 4.69 -27.97
CA MET B 193 8.02 5.01 -26.57
C MET B 193 6.59 4.72 -26.10
N MET B 194 5.59 5.11 -26.89
CA MET B 194 4.20 4.82 -26.57
C MET B 194 3.95 3.34 -26.56
N LEU B 195 4.53 2.63 -27.53
CA LEU B 195 4.41 1.19 -27.57
C LEU B 195 4.95 0.62 -26.24
N SER B 196 6.08 1.15 -25.79
CA SER B 196 6.82 0.64 -24.64
C SER B 196 6.09 0.88 -23.32
N TRP B 197 5.60 2.11 -23.12
CA TRP B 197 4.79 2.47 -21.96
C TRP B 197 3.72 1.41 -21.71
N LYS B 198 2.90 1.15 -22.73
CA LYS B 198 1.76 0.27 -22.56
C LYS B 198 2.13 -1.20 -22.55
N THR B 199 3.05 -1.60 -23.41
CA THR B 199 3.42 -3.01 -23.55
C THR B 199 4.19 -3.52 -22.32
N ALA B 200 5.04 -2.67 -21.75
CA ALA B 200 5.80 -3.07 -20.58
C ALA B 200 4.85 -3.38 -19.41
N ALA B 201 3.91 -2.49 -19.13
CA ALA B 201 2.95 -2.72 -18.04
C ALA B 201 2.10 -3.97 -18.33
N CYS B 202 1.62 -4.07 -19.57
CA CYS B 202 0.77 -5.15 -20.01
C CYS B 202 1.45 -6.51 -19.82
N LEU B 203 2.71 -6.61 -20.25
CA LEU B 203 3.44 -7.85 -20.13
C LEU B 203 3.93 -8.11 -18.70
N ALA B 204 4.25 -7.05 -17.98
CA ALA B 204 4.70 -7.22 -16.60
C ALA B 204 3.59 -7.85 -15.74
N ALA B 205 2.34 -7.55 -16.10
CA ALA B 205 1.19 -8.07 -15.39
C ALA B 205 0.84 -9.51 -15.83
N GLY B 206 1.56 -10.05 -16.81
CA GLY B 206 1.41 -11.47 -17.20
C GLY B 206 0.48 -11.70 -18.38
N ASN B 207 0.11 -10.63 -19.05
CA ASN B 207 -0.78 -10.71 -20.20
C ASN B 207 -0.01 -11.03 -21.48
N THR B 208 -0.74 -11.32 -22.55
CA THR B 208 -0.15 -11.37 -23.89
C THR B 208 -0.87 -10.31 -24.72
N VAL B 209 -0.32 -9.98 -25.88
CA VAL B 209 -0.73 -8.74 -26.51
C VAL B 209 -0.70 -8.76 -28.03
N VAL B 210 -1.65 -8.02 -28.62
CA VAL B 210 -1.64 -7.69 -30.04
C VAL B 210 -1.56 -6.17 -30.18
N ILE B 211 -0.47 -5.73 -30.78
CA ILE B 211 -0.15 -4.32 -30.87
C ILE B 211 -0.40 -3.83 -32.29
N LYS B 212 -1.04 -2.69 -32.38
CA LYS B 212 -1.22 -2.03 -33.66
C LYS B 212 -0.61 -0.63 -33.61
N PRO B 213 0.59 -0.49 -34.20
CA PRO B 213 1.23 0.83 -34.27
C PRO B 213 0.42 1.69 -35.22
N ALA B 214 0.63 3.01 -35.16
CA ALA B 214 -0.02 3.88 -36.11
C ALA B 214 0.45 3.47 -37.51
N GLN B 215 -0.48 3.43 -38.48
CA GLN B 215 -0.10 3.06 -39.84
C GLN B 215 1.12 3.84 -40.36
N VAL B 216 1.18 5.14 -40.11
CA VAL B 216 2.27 5.95 -40.63
C VAL B 216 3.65 5.74 -39.98
N THR B 217 3.70 4.99 -38.88
CA THR B 217 4.96 4.76 -38.17
C THR B 217 5.09 3.33 -37.63
N PRO B 218 5.31 2.36 -38.54
CA PRO B 218 5.39 0.95 -38.11
C PRO B 218 6.78 0.44 -37.77
N LEU B 219 7.83 1.18 -38.11
CA LEU B 219 9.15 0.55 -38.19
C LEU B 219 9.85 0.22 -36.86
N THR B 220 9.83 1.12 -35.89
CA THR B 220 10.42 0.73 -34.59
C THR B 220 9.62 -0.40 -33.90
N ALA B 221 8.30 -0.40 -34.06
CA ALA B 221 7.47 -1.51 -33.57
C ALA B 221 7.92 -2.84 -34.15
N LEU B 222 8.16 -2.87 -35.46
CA LEU B 222 8.58 -4.11 -36.10
C LEU B 222 9.99 -4.50 -35.68
N LYS B 223 10.87 -3.53 -35.48
CA LYS B 223 12.20 -3.84 -35.00
C LYS B 223 12.13 -4.32 -33.55
N PHE B 224 11.31 -3.63 -32.74
CA PHE B 224 11.01 -4.10 -31.39
C PHE B 224 10.57 -5.58 -31.38
N ALA B 225 9.67 -5.96 -32.28
CA ALA B 225 9.24 -7.36 -32.44
C ALA B 225 10.43 -8.31 -32.58
N GLU B 226 11.34 -8.00 -33.51
CA GLU B 226 12.54 -8.81 -33.68
C GLU B 226 13.34 -8.88 -32.37
N LEU B 227 13.42 -7.77 -31.66
CA LEU B 227 14.13 -7.77 -30.38
C LEU B 227 13.49 -8.72 -29.32
N THR B 228 12.17 -8.85 -29.32
CA THR B 228 11.52 -9.81 -28.41
C THR B 228 12.03 -11.24 -28.65
N LEU B 229 12.34 -11.56 -29.91
CA LEU B 229 12.96 -12.85 -30.27
C LEU B 229 14.38 -12.98 -29.71
N LYS B 230 15.20 -11.96 -29.91
CA LYS B 230 16.57 -12.00 -29.37
C LYS B 230 16.55 -12.13 -27.85
N ALA B 231 15.52 -11.58 -27.21
CA ALA B 231 15.37 -11.61 -25.76
C ALA B 231 14.77 -12.93 -25.25
N GLY B 232 14.22 -13.73 -26.13
CA GLY B 232 13.64 -15.02 -25.72
C GLY B 232 12.24 -14.92 -25.13
N ILE B 233 11.51 -13.87 -25.49
CA ILE B 233 10.10 -13.77 -25.14
C ILE B 233 9.36 -14.89 -25.89
N PRO B 234 8.65 -15.77 -25.15
CA PRO B 234 7.97 -16.90 -25.82
C PRO B 234 7.09 -16.45 -26.99
N LYS B 235 6.98 -17.30 -28.01
N LYS B 235 7.00 -17.28 -28.02
CA LYS B 235 6.19 -17.01 -29.20
CA LYS B 235 6.27 -16.92 -29.23
C LYS B 235 4.74 -16.75 -28.87
C LYS B 235 4.76 -16.81 -28.98
N GLY B 236 4.16 -15.76 -29.52
CA GLY B 236 2.73 -15.46 -29.34
C GLY B 236 2.46 -14.43 -28.24
N VAL B 237 3.43 -14.18 -27.39
CA VAL B 237 3.28 -13.22 -26.31
C VAL B 237 3.14 -11.80 -26.90
N VAL B 238 3.97 -11.48 -27.88
CA VAL B 238 3.91 -10.18 -28.56
C VAL B 238 3.59 -10.38 -30.04
N ASN B 239 2.57 -9.68 -30.54
CA ASN B 239 2.17 -9.76 -31.92
C ASN B 239 1.95 -8.35 -32.42
N ILE B 240 2.47 -8.03 -33.60
CA ILE B 240 2.44 -6.65 -34.08
C ILE B 240 1.87 -6.59 -35.48
N LEU B 241 0.87 -5.73 -35.66
CA LEU B 241 0.08 -5.67 -36.88
C LEU B 241 0.02 -4.25 -37.48
N PRO B 242 1.03 -3.90 -38.30
CA PRO B 242 0.89 -2.62 -39.01
C PRO B 242 -0.33 -2.66 -39.92
N GLY B 243 -1.00 -1.51 -40.07
CA GLY B 243 -2.26 -1.43 -40.78
C GLY B 243 -3.17 -0.34 -40.25
N SER B 244 -4.38 -0.26 -40.78
CA SER B 244 -5.28 0.84 -40.44
C SER B 244 -6.08 0.59 -39.16
N GLY B 245 -6.35 1.69 -38.45
CA GLY B 245 -7.18 1.64 -37.27
C GLY B 245 -8.58 1.13 -37.58
N SER B 246 -9.17 1.62 -38.68
CA SER B 246 -10.56 1.27 -38.98
C SER B 246 -10.72 -0.19 -39.40
N LEU B 247 -9.63 -0.85 -39.75
CA LEU B 247 -9.68 -2.28 -40.02
C LEU B 247 -9.11 -3.08 -38.83
N VAL B 248 -7.85 -2.85 -38.49
CA VAL B 248 -7.15 -3.67 -37.50
C VAL B 248 -7.56 -3.28 -36.09
N GLY B 249 -7.53 -1.99 -35.81
CA GLY B 249 -7.95 -1.49 -34.51
C GLY B 249 -9.37 -1.89 -34.20
N GLN B 250 -10.24 -1.78 -35.21
CA GLN B 250 -11.65 -2.10 -35.03
C GLN B 250 -11.87 -3.57 -34.69
N ARG B 251 -11.23 -4.47 -35.44
CA ARG B 251 -11.36 -5.88 -35.17
C ARG B 251 -10.84 -6.28 -33.77
N LEU B 252 -9.75 -5.64 -33.32
CA LEU B 252 -9.26 -5.80 -31.94
C LEU B 252 -10.32 -5.40 -30.91
N SER B 253 -10.97 -4.26 -31.11
CA SER B 253 -12.04 -3.81 -30.22
C SER B 253 -13.24 -4.75 -30.21
N ASP B 254 -13.52 -5.40 -31.34
CA ASP B 254 -14.68 -6.29 -31.48
C ASP B 254 -14.39 -7.74 -31.12
N HIS B 255 -13.13 -8.15 -31.06
CA HIS B 255 -12.81 -9.57 -30.95
C HIS B 255 -13.29 -10.17 -29.65
N PRO B 256 -13.93 -11.36 -29.73
CA PRO B 256 -14.48 -11.99 -28.52
C PRO B 256 -13.42 -12.56 -27.57
N ASP B 257 -12.20 -12.75 -28.06
CA ASP B 257 -11.14 -13.28 -27.21
C ASP B 257 -10.26 -12.22 -26.60
N VAL B 258 -10.47 -10.97 -27.00
CA VAL B 258 -9.71 -9.85 -26.44
C VAL B 258 -10.45 -9.35 -25.19
N ARG B 259 -9.71 -9.18 -24.10
CA ARG B 259 -10.34 -8.86 -22.82
C ARG B 259 -10.04 -7.46 -22.34
N LYS B 260 -9.17 -6.75 -23.04
CA LYS B 260 -8.76 -5.39 -22.65
C LYS B 260 -8.15 -4.67 -23.84
N ILE B 261 -8.55 -3.41 -24.01
CA ILE B 261 -7.94 -2.53 -24.99
C ILE B 261 -7.24 -1.37 -24.26
N GLY B 262 -6.00 -1.11 -24.64
CA GLY B 262 -5.30 0.08 -24.18
C GLY B 262 -5.17 1.00 -25.37
N PHE B 263 -5.66 2.23 -25.22
CA PHE B 263 -5.70 3.15 -26.34
C PHE B 263 -5.16 4.54 -25.99
N THR B 264 -4.32 5.06 -26.88
CA THR B 264 -3.88 6.45 -26.83
C THR B 264 -4.15 7.03 -28.23
N GLY B 265 -4.74 8.23 -28.29
CA GLY B 265 -5.09 8.82 -29.58
C GLY B 265 -6.05 9.98 -29.42
N SER B 266 -6.86 10.23 -30.45
CA SER B 266 -7.84 11.33 -30.42
C SER B 266 -9.09 10.94 -29.64
N THR B 267 -9.81 11.97 -29.18
CA THR B 267 -11.06 11.82 -28.42
C THR B 267 -12.11 11.05 -29.22
N GLU B 268 -12.29 11.40 -30.50
CA GLU B 268 -13.35 10.77 -31.30
C GLU B 268 -13.11 9.28 -31.57
N VAL B 269 -11.87 8.90 -31.87
CA VAL B 269 -11.52 7.49 -32.02
C VAL B 269 -11.62 6.78 -30.65
N GLY B 270 -11.22 7.48 -29.59
CA GLY B 270 -11.35 7.00 -28.21
C GLY B 270 -12.80 6.64 -27.87
N LYS B 271 -13.71 7.54 -28.19
CA LYS B 271 -15.15 7.29 -27.99
C LYS B 271 -15.60 6.02 -28.70
N HIS B 272 -15.24 5.94 -29.98
N HIS B 272 -15.23 5.89 -29.97
CA HIS B 272 -15.59 4.81 -30.84
CA HIS B 272 -15.71 4.75 -30.75
C HIS B 272 -15.04 3.50 -30.27
C HIS B 272 -14.97 3.44 -30.43
N ILE B 273 -13.78 3.53 -29.85
CA ILE B 273 -13.12 2.35 -29.25
C ILE B 273 -13.93 1.84 -28.03
N MET B 274 -14.32 2.77 -27.15
CA MET B 274 -15.03 2.40 -25.93
C MET B 274 -16.41 1.84 -26.27
N LYS B 275 -17.11 2.49 -27.21
CA LYS B 275 -18.36 1.99 -27.75
C LYS B 275 -18.20 0.55 -28.27
N SER B 276 -17.13 0.28 -29.04
CA SER B 276 -16.89 -1.08 -29.58
C SER B 276 -16.57 -2.13 -28.50
N CYS B 277 -15.86 -1.70 -27.44
CA CYS B 277 -15.60 -2.56 -26.27
C CYS B 277 -16.89 -2.98 -25.60
N ALA B 278 -17.80 -2.01 -25.45
CA ALA B 278 -19.13 -2.21 -24.86
C ALA B 278 -19.98 -3.19 -25.66
N LEU B 279 -20.07 -2.97 -26.98
CA LEU B 279 -21.00 -3.74 -27.83
C LEU B 279 -20.54 -5.16 -28.12
N SER B 280 -19.26 -5.43 -27.93
CA SER B 280 -18.77 -6.79 -28.14
C SER B 280 -18.89 -7.61 -26.85
N ASN B 281 -17.95 -7.45 -25.93
CA ASN B 281 -17.92 -8.30 -24.72
C ASN B 281 -17.59 -7.54 -23.41
N VAL B 282 -17.97 -6.27 -23.32
CA VAL B 282 -17.56 -5.37 -22.22
C VAL B 282 -16.10 -5.57 -21.79
N LYS B 283 -15.22 -5.69 -22.79
CA LYS B 283 -13.79 -5.70 -22.53
C LYS B 283 -13.39 -4.40 -21.81
N LYS B 284 -12.43 -4.53 -20.92
CA LYS B 284 -11.86 -3.37 -20.22
C LYS B 284 -11.21 -2.44 -21.25
N VAL B 285 -11.21 -1.16 -20.92
CA VAL B 285 -10.59 -0.18 -21.78
C VAL B 285 -9.93 0.92 -20.96
N SER B 286 -8.77 1.39 -21.43
CA SER B 286 -8.16 2.63 -20.92
C SER B 286 -7.97 3.58 -22.10
N LEU B 287 -8.05 4.87 -21.83
CA LEU B 287 -8.06 5.89 -22.86
C LEU B 287 -7.20 7.08 -22.46
N GLU B 288 -6.20 7.40 -23.28
CA GLU B 288 -5.47 8.68 -23.17
C GLU B 288 -5.74 9.49 -24.44
N LEU B 289 -6.50 10.58 -24.30
CA LEU B 289 -7.13 11.21 -25.46
C LEU B 289 -6.63 12.61 -25.85
N GLY B 290 -5.43 12.97 -25.46
CA GLY B 290 -4.96 14.31 -25.84
C GLY B 290 -5.59 15.44 -25.06
N GLY B 291 -5.14 16.67 -25.33
CA GLY B 291 -5.48 17.76 -24.45
C GLY B 291 -5.28 19.15 -24.98
N LYS B 292 -5.67 20.12 -24.16
CA LYS B 292 -5.43 21.53 -24.44
C LYS B 292 -4.92 22.09 -23.13
N SER B 293 -3.67 21.74 -22.86
CA SER B 293 -3.10 21.88 -21.53
C SER B 293 -2.61 23.27 -21.29
N PRO B 294 -3.05 23.89 -20.19
CA PRO B 294 -2.66 25.27 -19.91
C PRO B 294 -1.37 25.37 -19.13
N LEU B 295 -0.59 26.41 -19.40
CA LEU B 295 0.59 26.74 -18.63
C LEU B 295 0.46 28.18 -18.14
N ILE B 296 0.42 28.36 -16.83
CA ILE B 296 0.27 29.69 -16.25
C ILE B 296 1.63 30.21 -15.76
N ILE B 297 2.02 31.38 -16.22
CA ILE B 297 3.34 31.95 -15.91
C ILE B 297 3.14 33.28 -15.22
N PHE B 298 3.48 33.32 -13.93
CA PHE B 298 3.29 34.50 -13.12
C PHE B 298 4.52 35.38 -13.19
N ALA B 299 4.32 36.68 -12.93
CA ALA B 299 5.38 37.71 -12.96
C ALA B 299 6.49 37.45 -11.96
N ASP B 300 6.17 36.74 -10.87
CA ASP B 300 7.19 36.45 -9.85
C ASP B 300 8.01 35.20 -10.14
N CYS B 301 7.88 34.64 -11.34
CA CYS B 301 8.68 33.48 -11.76
C CYS B 301 10.11 33.89 -12.10
N ASP B 302 10.95 32.89 -12.34
CA ASP B 302 12.28 33.07 -12.88
C ASP B 302 12.09 33.18 -14.39
N LEU B 303 12.25 34.39 -14.92
CA LEU B 303 11.81 34.69 -16.29
C LEU B 303 12.55 33.93 -17.38
N ASN B 304 13.88 33.93 -17.30
CA ASN B 304 14.69 33.19 -18.28
C ASN B 304 14.40 31.69 -18.23
N LYS B 305 14.20 31.14 -17.03
CA LYS B 305 13.82 29.73 -16.91
C LYS B 305 12.42 29.51 -17.51
N ALA B 306 11.49 30.44 -17.27
CA ALA B 306 10.14 30.39 -17.82
C ALA B 306 10.16 30.38 -19.36
N VAL B 307 11.06 31.17 -19.94
CA VAL B 307 11.22 31.19 -21.38
C VAL B 307 11.72 29.83 -21.90
N GLN B 308 12.75 29.28 -21.26
CA GLN B 308 13.32 28.00 -21.66
C GLN B 308 12.32 26.88 -21.51
N MET B 309 11.66 26.82 -20.36
CA MET B 309 10.68 25.76 -20.12
C MET B 309 9.40 26.01 -20.89
N GLY B 310 9.04 27.28 -21.06
CA GLY B 310 7.85 27.65 -21.83
C GLY B 310 8.01 27.17 -23.26
N MET B 311 9.19 27.41 -23.83
CA MET B 311 9.51 26.93 -25.16
C MET B 311 9.54 25.42 -25.30
N SER B 312 10.18 24.76 -24.34
CA SER B 312 10.17 23.30 -24.32
C SER B 312 8.73 22.79 -24.22
N SER B 313 7.89 23.45 -23.42
CA SER B 313 6.49 23.00 -23.26
C SER B 313 5.72 22.95 -24.58
N VAL B 314 6.11 23.80 -25.52
CA VAL B 314 5.47 23.87 -26.83
C VAL B 314 6.25 23.11 -27.89
N PHE B 315 7.54 23.40 -28.03
CA PHE B 315 8.30 22.93 -29.20
C PHE B 315 8.89 21.52 -29.11
N PHE B 316 8.95 20.95 -27.90
CA PHE B 316 9.58 19.65 -27.68
C PHE B 316 9.04 18.61 -28.66
N ASN B 317 9.94 17.83 -29.26
CA ASN B 317 9.52 16.84 -30.24
C ASN B 317 8.60 17.45 -31.33
N LYS B 318 9.01 18.62 -31.85
CA LYS B 318 8.24 19.40 -32.84
C LYS B 318 6.74 19.55 -32.51
N GLY B 319 6.44 19.61 -31.21
CA GLY B 319 5.08 19.83 -30.70
C GLY B 319 4.20 18.59 -30.75
N GLU B 320 4.76 17.48 -31.25
CA GLU B 320 4.01 16.23 -31.37
C GLU B 320 4.14 15.44 -30.07
N ASN B 321 3.36 15.91 -29.10
CA ASN B 321 3.58 15.69 -27.69
C ASN B 321 2.24 15.79 -26.98
N CYS B 322 1.76 14.64 -26.50
CA CYS B 322 0.46 14.47 -25.79
C CYS B 322 0.24 15.57 -24.75
N ILE B 323 1.29 15.91 -24.01
CA ILE B 323 1.17 16.86 -22.90
C ILE B 323 1.68 18.28 -23.13
N ALA B 324 2.01 18.60 -24.39
CA ALA B 324 2.40 19.97 -24.78
C ALA B 324 1.44 21.00 -24.20
N ALA B 325 1.99 22.11 -23.73
CA ALA B 325 1.16 23.23 -23.34
C ALA B 325 0.47 23.80 -24.60
N GLY B 326 -0.86 23.71 -24.64
CA GLY B 326 -1.69 24.25 -25.73
C GLY B 326 -2.09 25.71 -25.54
N ARG B 327 -1.85 26.25 -24.36
CA ARG B 327 -2.07 27.67 -24.08
C ARG B 327 -1.08 28.09 -23.02
N LEU B 328 -0.49 29.27 -23.19
CA LEU B 328 0.31 29.87 -22.15
C LEU B 328 -0.40 31.13 -21.77
N PHE B 329 -0.69 31.27 -20.47
CA PHE B 329 -1.24 32.48 -19.90
C PHE B 329 -0.09 33.14 -19.17
N VAL B 330 0.19 34.40 -19.52
CA VAL B 330 1.37 35.09 -19.00
C VAL B 330 0.87 36.35 -18.34
N GLU B 331 1.32 36.61 -17.13
CA GLU B 331 0.84 37.76 -16.35
C GLU B 331 1.18 39.05 -17.09
N GLU B 332 0.28 40.02 -17.03
CA GLU B 332 0.39 41.26 -17.83
C GLU B 332 1.77 41.92 -17.74
N SER B 333 2.27 42.14 -16.53
CA SER B 333 3.48 42.92 -16.37
C SER B 333 4.78 42.26 -16.89
N ILE B 334 4.74 40.99 -17.28
CA ILE B 334 5.94 40.36 -17.86
C ILE B 334 5.66 39.90 -19.28
N HIS B 335 4.43 40.05 -19.74
CA HIS B 335 4.01 39.49 -21.02
C HIS B 335 4.92 39.88 -22.21
N ASN B 336 5.10 41.19 -22.41
CA ASN B 336 5.89 41.70 -23.53
C ASN B 336 7.35 41.26 -23.49
N GLN B 337 7.96 41.37 -22.32
CA GLN B 337 9.32 40.88 -22.13
C GLN B 337 9.45 39.36 -22.37
N PHE B 338 8.45 38.60 -21.91
CA PHE B 338 8.44 37.15 -22.16
C PHE B 338 8.43 36.86 -23.66
N VAL B 339 7.55 37.55 -24.39
CA VAL B 339 7.44 37.36 -25.85
C VAL B 339 8.75 37.75 -26.56
N GLN B 340 9.33 38.91 -26.19
CA GLN B 340 10.63 39.33 -26.74
C GLN B 340 11.65 38.21 -26.57
N LYS B 341 11.80 37.72 -25.33
CA LYS B 341 12.78 36.67 -25.05
C LYS B 341 12.48 35.37 -25.79
N VAL B 342 11.21 35.00 -25.90
CA VAL B 342 10.86 33.81 -26.69
C VAL B 342 11.29 33.97 -28.16
N VAL B 343 11.00 35.13 -28.75
CA VAL B 343 11.45 35.45 -30.12
C VAL B 343 12.98 35.31 -30.26
N GLU B 344 13.74 35.91 -29.34
CA GLU B 344 15.18 35.79 -29.35
C GLU B 344 15.59 34.32 -29.41
N GLU B 345 14.98 33.49 -28.55
CA GLU B 345 15.35 32.09 -28.45
C GLU B 345 14.87 31.28 -29.64
N VAL B 346 13.68 31.59 -30.15
CA VAL B 346 13.15 30.95 -31.35
C VAL B 346 14.06 31.13 -32.56
N GLU B 347 14.57 32.35 -32.76
CA GLU B 347 15.50 32.62 -33.88
C GLU B 347 16.73 31.70 -33.84
N LYS B 348 17.09 31.22 -32.64
CA LYS B 348 18.29 30.41 -32.50
C LYS B 348 18.11 28.94 -32.80
N MET B 349 16.86 28.49 -32.96
CA MET B 349 16.59 27.07 -33.14
C MET B 349 17.05 26.65 -34.53
N LYS B 350 17.73 25.52 -34.62
CA LYS B 350 18.27 25.08 -35.88
C LYS B 350 17.37 24.01 -36.47
N ILE B 351 16.78 24.32 -37.62
CA ILE B 351 15.85 23.42 -38.29
C ILE B 351 16.63 22.61 -39.31
N GLY B 352 16.39 21.30 -39.38
CA GLY B 352 17.20 20.44 -40.23
C GLY B 352 16.92 18.95 -40.17
N ASN B 353 17.70 18.19 -40.94
CA ASN B 353 17.66 16.74 -40.95
C ASN B 353 17.86 16.25 -39.50
N PRO B 354 16.94 15.39 -39.02
CA PRO B 354 17.00 14.84 -37.65
C PRO B 354 18.28 14.05 -37.37
N LEU B 355 18.91 13.50 -38.41
CA LEU B 355 20.18 12.79 -38.26
C LEU B 355 21.40 13.68 -38.08
N GLU B 356 21.25 14.98 -38.30
CA GLU B 356 22.39 15.90 -38.14
C GLU B 356 22.47 16.35 -36.71
N ARG B 357 23.68 16.31 -36.15
CA ARG B 357 23.87 16.51 -34.71
C ARG B 357 23.51 17.91 -34.25
N ASP B 358 23.58 18.89 -35.16
CA ASP B 358 23.28 20.27 -34.78
C ASP B 358 21.77 20.60 -34.83
N THR B 359 20.95 19.71 -35.40
CA THR B 359 19.50 19.92 -35.50
C THR B 359 18.78 20.00 -34.14
N ASN B 360 18.01 21.09 -33.98
CA ASN B 360 17.15 21.35 -32.80
C ASN B 360 15.71 20.98 -33.10
N HIS B 361 15.32 21.09 -34.36
CA HIS B 361 13.91 21.03 -34.74
C HIS B 361 13.78 20.19 -35.99
N GLY B 362 13.14 19.03 -35.85
CA GLY B 362 12.99 18.10 -36.97
C GLY B 362 11.73 18.39 -37.73
N PRO B 363 11.45 17.59 -38.78
CA PRO B 363 10.22 17.73 -39.56
C PRO B 363 9.02 17.19 -38.77
N GLN B 364 7.82 17.62 -39.15
CA GLN B 364 6.58 17.02 -38.65
C GLN B 364 6.49 15.60 -39.17
N ASN B 365 5.60 14.83 -38.56
CA ASN B 365 5.65 13.37 -38.65
C ASN B 365 5.24 12.83 -40.01
N HIS B 366 4.21 13.43 -40.58
CA HIS B 366 3.69 13.07 -41.89
C HIS B 366 2.97 14.28 -42.55
N GLU B 367 2.74 14.17 -43.85
CA GLU B 367 2.24 15.29 -44.66
C GLU B 367 0.86 15.79 -44.24
N ALA B 368 -0.07 14.86 -44.05
CA ALA B 368 -1.42 15.24 -43.65
C ALA B 368 -1.38 16.10 -42.38
N HIS B 369 -0.46 15.79 -41.48
CA HIS B 369 -0.36 16.55 -40.24
C HIS B 369 0.20 17.93 -40.51
N LEU B 370 1.25 18.00 -41.33
CA LEU B 370 1.73 19.29 -41.82
C LEU B 370 0.58 20.17 -42.36
N ARG B 371 -0.26 19.62 -43.25
CA ARG B 371 -1.36 20.41 -43.84
C ARG B 371 -2.27 20.98 -42.75
N LYS B 372 -2.62 20.14 -41.77
CA LYS B 372 -3.47 20.59 -40.65
C LYS B 372 -2.83 21.75 -39.89
N LEU B 373 -1.52 21.70 -39.70
CA LEU B 373 -0.84 22.76 -38.98
C LEU B 373 -0.89 24.07 -39.76
N VAL B 374 -0.70 23.97 -41.08
CA VAL B 374 -0.82 25.15 -41.97
C VAL B 374 -2.24 25.75 -41.87
N GLU B 375 -3.25 24.90 -42.05
CA GLU B 375 -4.67 25.30 -41.93
C GLU B 375 -4.96 25.90 -40.56
N TYR B 376 -4.48 25.22 -39.50
CA TYR B 376 -4.59 25.70 -38.12
C TYR B 376 -4.15 27.15 -37.98
N CYS B 377 -2.96 27.47 -38.49
CA CYS B 377 -2.40 28.83 -38.36
C CYS B 377 -3.06 29.88 -39.27
N GLN B 378 -3.56 29.45 -40.43
CA GLN B 378 -4.40 30.30 -41.30
C GLN B 378 -5.61 30.77 -40.51
N ARG B 379 -6.28 29.80 -39.88
CA ARG B 379 -7.45 30.10 -39.07
C ARG B 379 -7.17 31.01 -37.87
N GLY B 380 -6.00 30.83 -37.27
CA GLY B 380 -5.58 31.69 -36.16
C GLY B 380 -5.42 33.14 -36.57
N VAL B 381 -4.79 33.35 -37.73
CA VAL B 381 -4.67 34.70 -38.28
C VAL B 381 -6.04 35.26 -38.68
N LYS B 382 -6.86 34.44 -39.33
CA LYS B 382 -8.19 34.86 -39.74
C LYS B 382 -9.03 35.35 -38.54
N GLU B 383 -9.07 34.55 -37.47
CA GLU B 383 -9.89 34.87 -36.28
C GLU B 383 -9.30 36.01 -35.44
N GLY B 384 -8.15 36.54 -35.82
CA GLY B 384 -7.70 37.80 -35.25
C GLY B 384 -6.57 37.81 -34.26
N ALA B 385 -5.95 36.64 -34.02
CA ALA B 385 -4.75 36.57 -33.16
C ALA B 385 -3.52 37.17 -33.86
N THR B 386 -2.58 37.69 -33.09
CA THR B 386 -1.35 38.26 -33.61
C THR B 386 -0.29 37.18 -33.85
N LEU B 387 0.06 36.98 -35.12
CA LEU B 387 1.14 36.08 -35.49
C LEU B 387 2.51 36.77 -35.34
N VAL B 388 3.25 36.39 -34.31
CA VAL B 388 4.55 36.98 -34.02
C VAL B 388 5.69 36.32 -34.82
N CYS B 389 5.57 35.01 -35.08
CA CYS B 389 6.46 34.33 -36.03
C CYS B 389 5.97 32.97 -36.48
N GLY B 390 6.56 32.49 -37.58
CA GLY B 390 6.28 31.19 -38.12
C GLY B 390 4.89 31.16 -38.69
N GLY B 391 4.25 30.01 -38.57
CA GLY B 391 2.91 29.79 -39.10
C GLY B 391 2.92 29.01 -40.39
N ASN B 392 4.12 28.78 -40.96
CA ASN B 392 4.23 28.26 -42.32
C ASN B 392 5.10 27.03 -42.46
N GLN B 393 4.83 26.20 -43.48
CA GLN B 393 5.79 25.18 -43.91
C GLN B 393 7.13 25.84 -44.22
N VAL B 394 8.21 25.20 -43.76
CA VAL B 394 9.57 25.72 -43.99
C VAL B 394 9.89 25.43 -45.45
N PRO B 395 10.50 26.42 -46.16
CA PRO B 395 10.82 26.10 -47.55
C PRO B 395 12.04 25.20 -47.65
N ARG B 396 11.77 23.89 -47.70
CA ARG B 396 12.79 22.88 -47.92
C ARG B 396 12.04 21.60 -48.19
N PRO B 397 12.73 20.56 -48.70
CA PRO B 397 12.02 19.27 -48.89
C PRO B 397 11.43 18.69 -47.58
N GLY B 398 10.52 17.74 -47.71
CA GLY B 398 9.87 17.12 -46.56
C GLY B 398 8.77 17.96 -45.95
N PHE B 399 8.49 17.68 -44.67
CA PHE B 399 7.30 18.23 -44.02
C PHE B 399 7.64 19.00 -42.76
N PHE B 400 8.45 20.03 -42.94
CA PHE B 400 8.92 20.89 -41.88
C PHE B 400 7.99 22.05 -41.68
N PHE B 401 7.80 22.44 -40.41
CA PHE B 401 6.90 23.52 -40.04
C PHE B 401 7.65 24.46 -39.12
N GLN B 402 7.53 25.75 -39.38
CA GLN B 402 8.28 26.78 -38.67
C GLN B 402 7.75 26.95 -37.23
N PRO B 403 8.66 26.95 -36.22
CA PRO B 403 8.18 27.23 -34.86
C PRO B 403 7.38 28.52 -34.84
N THR B 404 6.21 28.47 -34.21
CA THR B 404 5.21 29.50 -34.37
C THR B 404 4.86 30.09 -33.03
N VAL B 405 4.64 31.40 -33.02
CA VAL B 405 4.20 32.09 -31.82
C VAL B 405 3.01 33.00 -32.13
N PHE B 406 1.91 32.79 -31.41
CA PHE B 406 0.72 33.63 -31.48
C PHE B 406 0.55 34.39 -30.17
N THR B 407 0.25 35.69 -30.25
CA THR B 407 -0.18 36.46 -29.07
C THR B 407 -1.58 37.03 -29.26
N ASP B 408 -2.03 37.83 -28.29
CA ASP B 408 -3.39 38.38 -28.24
C ASP B 408 -4.44 37.32 -28.55
N VAL B 409 -4.26 36.11 -28.01
CA VAL B 409 -5.25 35.05 -28.18
C VAL B 409 -6.38 35.24 -27.16
N GLU B 410 -7.63 35.15 -27.63
CA GLU B 410 -8.79 35.36 -26.77
C GLU B 410 -9.49 34.03 -26.58
N ASP B 411 -10.17 33.89 -25.44
CA ASP B 411 -10.75 32.60 -25.04
C ASP B 411 -11.74 31.99 -26.02
N HIS B 412 -12.41 32.82 -26.81
CA HIS B 412 -13.40 32.33 -27.79
C HIS B 412 -12.77 31.77 -29.08
N MET B 413 -11.48 32.03 -29.31
CA MET B 413 -10.85 31.65 -30.58
C MET B 413 -10.69 30.16 -30.72
N TYR B 414 -10.76 29.69 -31.95
CA TYR B 414 -10.55 28.29 -32.30
C TYR B 414 -9.21 27.79 -31.76
N ILE B 415 -8.17 28.60 -31.87
CA ILE B 415 -6.83 28.18 -31.45
C ILE B 415 -6.66 28.23 -29.91
N ALA B 416 -7.64 28.80 -29.20
CA ALA B 416 -7.67 28.70 -27.74
C ALA B 416 -8.33 27.39 -27.29
N LYS B 417 -9.00 26.70 -28.21
CA LYS B 417 -9.75 25.53 -27.84
C LYS B 417 -9.17 24.25 -28.40
N GLU B 418 -8.64 24.32 -29.62
CA GLU B 418 -8.30 23.09 -30.36
C GLU B 418 -6.82 22.74 -30.19
N GLU B 419 -6.56 21.45 -30.11
CA GLU B 419 -5.22 20.95 -29.94
C GLU B 419 -4.49 20.96 -31.28
N SER B 420 -3.39 21.72 -31.37
CA SER B 420 -2.63 21.80 -32.60
C SER B 420 -1.81 20.54 -32.85
N PHE B 421 -1.12 20.06 -31.79
CA PHE B 421 -0.20 18.93 -31.87
C PHE B 421 0.99 19.27 -32.78
N GLY B 422 1.39 20.53 -32.72
CA GLY B 422 2.49 21.06 -33.48
C GLY B 422 3.16 22.18 -32.73
N PRO B 423 4.23 22.75 -33.30
CA PRO B 423 5.09 23.65 -32.57
C PRO B 423 4.57 25.07 -32.59
N ILE B 424 3.40 25.26 -31.97
CA ILE B 424 2.68 26.52 -32.00
C ILE B 424 2.35 27.02 -30.59
N MET B 425 3.11 28.02 -30.15
CA MET B 425 2.93 28.66 -28.87
C MET B 425 1.78 29.66 -28.93
N ILE B 426 0.78 29.48 -28.07
CA ILE B 426 -0.48 30.23 -28.12
C ILE B 426 -0.68 31.04 -26.82
N ILE B 427 -0.32 32.32 -26.86
CA ILE B 427 -0.21 33.13 -25.65
C ILE B 427 -1.42 34.05 -25.40
N SER B 428 -1.96 34.00 -24.18
CA SER B 428 -2.95 34.97 -23.69
C SER B 428 -2.39 35.69 -22.49
N ARG B 429 -2.83 36.93 -22.28
CA ARG B 429 -2.46 37.70 -21.10
C ARG B 429 -3.48 37.44 -20.00
N PHE B 430 -3.08 37.73 -18.77
CA PHE B 430 -4.04 37.87 -17.67
C PHE B 430 -3.58 39.00 -16.80
N ALA B 431 -4.55 39.64 -16.13
CA ALA B 431 -4.28 40.82 -15.30
C ALA B 431 -3.37 40.51 -14.12
N ASP B 432 -2.48 41.44 -13.80
CA ASP B 432 -1.68 41.33 -12.60
C ASP B 432 -2.55 41.03 -11.39
N GLY B 433 -2.13 40.04 -10.60
CA GLY B 433 -2.84 39.63 -9.38
C GLY B 433 -4.08 38.78 -9.57
N ASP B 434 -4.40 38.34 -10.80
CA ASP B 434 -5.72 37.73 -11.07
C ASP B 434 -5.76 36.19 -11.09
N VAL B 435 -5.38 35.55 -9.96
CA VAL B 435 -5.23 34.07 -9.81
C VAL B 435 -6.45 33.20 -10.16
N ASP B 436 -7.58 33.43 -9.48
CA ASP B 436 -8.81 32.69 -9.76
C ASP B 436 -9.40 32.88 -11.17
N ALA B 437 -9.27 34.10 -11.71
CA ALA B 437 -9.75 34.41 -13.06
C ALA B 437 -8.96 33.62 -14.10
N VAL B 438 -7.62 33.67 -14.01
CA VAL B 438 -6.81 32.86 -14.92
C VAL B 438 -7.08 31.34 -14.79
N LEU B 439 -7.24 30.86 -13.54
CA LEU B 439 -7.61 29.46 -13.32
C LEU B 439 -8.89 29.03 -14.05
N SER B 440 -9.89 29.90 -13.99
CA SER B 440 -11.17 29.64 -14.63
C SER B 440 -10.98 29.47 -16.14
N ARG B 441 -10.23 30.40 -16.72
CA ARG B 441 -9.94 30.36 -18.16
C ARG B 441 -9.12 29.11 -18.48
N ALA B 442 -8.17 28.75 -17.59
CA ALA B 442 -7.32 27.58 -17.82
C ALA B 442 -8.13 26.29 -17.76
N ASN B 443 -9.13 26.28 -16.88
CA ASN B 443 -9.99 25.10 -16.71
C ASN B 443 -11.18 25.00 -17.66
N ALA B 444 -11.47 26.05 -18.45
N ALA B 444 -11.42 26.09 -18.41
CA ALA B 444 -12.72 26.08 -19.24
CA ALA B 444 -12.55 26.16 -19.35
C ALA B 444 -12.94 24.96 -20.28
C ALA B 444 -12.27 25.39 -20.63
N THR B 445 -11.95 24.11 -20.46
CA THR B 445 -11.87 23.14 -21.56
C THR B 445 -12.45 21.80 -21.11
N GLU B 446 -12.88 20.99 -22.07
CA GLU B 446 -13.35 19.62 -21.80
C GLU B 446 -12.19 18.60 -21.69
N PHE B 447 -11.00 19.05 -22.06
CA PHE B 447 -9.79 18.26 -21.86
C PHE B 447 -9.27 18.45 -20.42
N GLY B 448 -8.36 17.57 -19.99
CA GLY B 448 -7.69 17.75 -18.70
C GLY B 448 -6.53 16.79 -18.56
N LEU B 449 -5.57 16.90 -19.48
CA LEU B 449 -4.47 15.96 -19.54
C LEU B 449 -3.30 16.45 -18.69
N ALA B 450 -2.85 17.69 -18.94
CA ALA B 450 -1.71 18.23 -18.23
C ALA B 450 -1.92 19.72 -18.02
N SER B 451 -0.97 20.35 -17.35
CA SER B 451 -1.05 21.75 -16.99
C SER B 451 0.27 22.08 -16.36
N GLY B 452 0.56 23.36 -16.18
CA GLY B 452 1.78 23.75 -15.49
C GLY B 452 1.65 25.14 -14.94
N VAL B 453 2.52 25.49 -13.99
CA VAL B 453 2.54 26.81 -13.39
C VAL B 453 4.00 27.16 -13.08
N PHE B 454 4.40 28.38 -13.42
CA PHE B 454 5.72 28.89 -13.08
C PHE B 454 5.52 30.06 -12.14
N THR B 455 6.08 29.94 -10.94
CA THR B 455 6.05 30.97 -9.93
C THR B 455 7.07 30.61 -8.87
N ARG B 456 7.70 31.62 -8.27
CA ARG B 456 8.61 31.37 -7.15
C ARG B 456 7.83 31.33 -5.83
N ASP B 457 6.55 31.70 -5.89
CA ASP B 457 5.73 31.82 -4.70
C ASP B 457 5.08 30.48 -4.33
N ILE B 458 5.50 29.93 -3.20
CA ILE B 458 5.03 28.61 -2.74
C ILE B 458 3.49 28.52 -2.60
N ASN B 459 2.86 29.58 -2.09
CA ASN B 459 1.44 29.56 -1.84
C ASN B 459 0.63 29.51 -3.14
N LYS B 460 1.02 30.34 -4.10
CA LYS B 460 0.42 30.28 -5.43
C LYS B 460 0.63 28.94 -6.07
N ALA B 461 1.86 28.43 -6.01
CA ALA B 461 2.18 27.16 -6.65
C ALA B 461 1.28 26.03 -6.13
N LEU B 462 1.12 25.96 -4.81
CA LEU B 462 0.33 24.89 -4.19
C LEU B 462 -1.19 25.06 -4.46
N TYR B 463 -1.67 26.29 -4.33
CA TYR B 463 -3.06 26.64 -4.64
C TYR B 463 -3.40 26.35 -6.11
N VAL B 464 -2.54 26.81 -7.02
CA VAL B 464 -2.79 26.63 -8.44
C VAL B 464 -2.82 25.13 -8.79
N SER B 465 -1.91 24.37 -8.21
CA SER B 465 -1.90 22.94 -8.51
C SER B 465 -3.14 22.22 -7.95
N ASP B 466 -3.67 22.64 -6.80
CA ASP B 466 -4.94 22.08 -6.31
C ASP B 466 -6.06 22.38 -7.32
N LYS B 467 -6.11 23.62 -7.79
CA LYS B 467 -7.21 24.08 -8.64
C LYS B 467 -7.19 23.63 -10.12
N LEU B 468 -6.03 23.32 -10.68
CA LEU B 468 -6.01 22.93 -12.10
C LEU B 468 -6.69 21.59 -12.29
N GLN B 469 -7.60 21.53 -13.26
CA GLN B 469 -8.35 20.31 -13.52
C GLN B 469 -7.61 19.43 -14.54
N ALA B 470 -6.47 18.90 -14.15
CA ALA B 470 -5.64 18.11 -15.09
C ALA B 470 -4.95 16.98 -14.37
N GLY B 471 -4.72 15.88 -15.09
CA GLY B 471 -4.06 14.68 -14.57
C GLY B 471 -2.62 14.86 -14.13
N THR B 472 -1.97 15.88 -14.68
CA THR B 472 -0.60 16.23 -14.34
C THR B 472 -0.48 17.73 -14.21
N VAL B 473 0.19 18.16 -13.13
CA VAL B 473 0.50 19.56 -12.94
C VAL B 473 2.00 19.67 -12.75
N PHE B 474 2.67 20.41 -13.65
CA PHE B 474 4.08 20.70 -13.50
C PHE B 474 4.26 22.01 -12.80
N ILE B 475 5.22 22.05 -11.88
CA ILE B 475 5.53 23.25 -11.14
C ILE B 475 6.99 23.64 -11.34
N ASN B 476 7.16 24.78 -12.02
CA ASN B 476 8.47 25.32 -12.39
C ASN B 476 9.28 24.39 -13.26
N THR B 477 8.58 23.59 -14.06
CA THR B 477 9.20 22.71 -15.03
C THR B 477 8.12 22.35 -16.02
N TYR B 478 8.46 21.62 -17.09
CA TYR B 478 7.45 21.09 -17.98
C TYR B 478 8.01 19.86 -18.68
N ASN B 479 7.12 18.98 -19.19
CA ASN B 479 7.53 17.74 -19.88
C ASN B 479 8.37 16.79 -19.02
N LYS B 480 8.34 16.97 -17.70
CA LYS B 480 9.07 16.10 -16.81
C LYS B 480 8.24 14.83 -16.51
N THR B 481 8.14 13.92 -17.48
CA THR B 481 7.50 12.64 -17.20
C THR B 481 8.55 11.67 -16.65
N ASP B 482 8.11 10.56 -16.07
CA ASP B 482 9.04 9.58 -15.48
C ASP B 482 8.34 8.24 -15.49
N VAL B 483 9.09 7.16 -15.72
CA VAL B 483 8.46 5.85 -15.81
C VAL B 483 7.74 5.42 -14.49
N ALA B 484 8.05 6.08 -13.39
CA ALA B 484 7.49 5.74 -12.09
C ALA B 484 6.29 6.63 -11.72
N ALA B 485 6.13 7.75 -12.45
CA ALA B 485 5.06 8.74 -12.19
C ALA B 485 3.88 8.52 -13.14
N PRO B 486 2.71 8.12 -12.60
CA PRO B 486 1.56 7.79 -13.46
C PRO B 486 1.11 8.98 -14.33
N PHE B 487 0.66 8.66 -15.53
CA PHE B 487 0.31 9.69 -16.49
C PHE B 487 -1.02 9.34 -17.15
N GLY B 488 -1.98 10.25 -17.07
CA GLY B 488 -3.28 10.04 -17.68
C GLY B 488 -4.17 11.24 -17.43
N GLY B 489 -5.29 11.27 -18.16
CA GLY B 489 -6.11 12.47 -18.21
C GLY B 489 -7.35 12.40 -17.34
N PHE B 490 -7.95 13.57 -17.15
CA PHE B 490 -9.28 13.70 -16.57
C PHE B 490 -10.25 14.13 -17.69
N LYS B 491 -11.55 14.07 -17.37
CA LYS B 491 -12.63 14.56 -18.25
C LYS B 491 -12.54 13.89 -19.61
N GLN B 492 -12.57 14.66 -20.69
CA GLN B 492 -12.56 14.05 -22.02
C GLN B 492 -11.16 13.68 -22.52
N SER B 493 -10.14 13.90 -21.67
CA SER B 493 -8.81 13.34 -21.96
C SER B 493 -8.72 11.85 -21.62
N GLY B 494 -9.80 11.30 -21.06
CA GLY B 494 -9.89 9.84 -20.84
C GLY B 494 -9.72 9.43 -19.39
N PHE B 495 -9.25 8.21 -19.18
CA PHE B 495 -9.07 7.65 -17.83
C PHE B 495 -8.05 6.52 -17.90
N GLY B 496 -7.54 6.10 -16.75
CA GLY B 496 -6.45 5.12 -16.72
C GLY B 496 -5.08 5.80 -16.81
N LYS B 497 -4.07 5.10 -16.32
CA LYS B 497 -2.73 5.65 -16.28
C LYS B 497 -1.80 4.77 -17.08
N ASP B 498 -0.86 5.38 -17.77
CA ASP B 498 0.37 4.70 -18.20
C ASP B 498 1.45 5.14 -17.23
N LEU B 499 2.44 4.26 -17.03
CA LEU B 499 3.55 4.49 -16.11
C LEU B 499 3.14 4.44 -14.63
N GLY B 500 4.15 4.22 -13.78
CA GLY B 500 3.93 4.07 -12.35
C GLY B 500 3.23 2.78 -11.97
N GLU B 501 3.16 2.55 -10.66
CA GLU B 501 2.44 1.40 -10.15
C GLU B 501 0.99 1.37 -10.66
N ALA B 502 0.35 2.53 -10.71
CA ALA B 502 -1.04 2.64 -11.15
C ALA B 502 -1.33 2.03 -12.52
N ALA B 503 -0.34 2.04 -13.43
CA ALA B 503 -0.57 1.48 -14.77
C ALA B 503 -0.88 0.00 -14.73
N LEU B 504 -0.32 -0.68 -13.73
CA LEU B 504 -0.50 -2.11 -13.57
C LEU B 504 -1.97 -2.49 -13.39
N ASN B 505 -2.71 -1.62 -12.70
CA ASN B 505 -4.09 -1.93 -12.37
C ASN B 505 -5.02 -2.04 -13.57
N GLU B 506 -4.63 -1.43 -14.69
CA GLU B 506 -5.38 -1.54 -15.93
C GLU B 506 -5.24 -2.94 -16.54
N TYR B 507 -4.17 -3.63 -16.17
CA TYR B 507 -3.80 -4.89 -16.80
C TYR B 507 -3.91 -6.07 -15.85
N LEU B 508 -4.54 -5.83 -14.70
CA LEU B 508 -4.76 -6.88 -13.72
C LEU B 508 -6.24 -6.98 -13.36
N ARG B 509 -6.65 -8.14 -12.89
CA ARG B 509 -7.94 -8.32 -12.29
C ARG B 509 -7.74 -8.81 -10.84
N ILE B 510 -8.70 -8.53 -9.97
CA ILE B 510 -8.62 -8.95 -8.57
C ILE B 510 -9.64 -10.05 -8.31
N LYS B 511 -9.16 -11.23 -7.91
CA LYS B 511 -9.99 -12.37 -7.49
C LYS B 511 -10.03 -12.45 -5.96
N THR B 512 -11.22 -12.45 -5.39
CA THR B 512 -11.38 -12.56 -3.95
C THR B 512 -11.66 -14.01 -3.62
N VAL B 513 -10.92 -14.55 -2.65
CA VAL B 513 -11.08 -15.94 -2.23
C VAL B 513 -11.42 -15.94 -0.75
N THR B 514 -12.56 -16.54 -0.41
CA THR B 514 -13.05 -16.52 0.96
C THR B 514 -13.29 -17.97 1.45
N PHE B 515 -12.53 -18.38 2.47
CA PHE B 515 -12.65 -19.71 3.05
C PHE B 515 -13.50 -19.56 4.31
N GLU B 516 -14.29 -20.59 4.61
CA GLU B 516 -14.72 -20.81 5.97
C GLU B 516 -14.06 -22.09 6.48
N TYR B 517 -13.58 -22.06 7.71
CA TYR B 517 -12.99 -23.25 8.35
C TYR B 517 -13.32 -23.28 9.83
N VAL C 20 -19.62 0.29 43.51
CA VAL C 20 -19.47 1.77 43.33
C VAL C 20 -17.99 2.18 43.35
N ILE C 21 -17.60 3.06 42.42
CA ILE C 21 -16.25 3.59 42.36
C ILE C 21 -16.08 4.74 43.37
N ASN C 22 -14.97 4.73 44.09
CA ASN C 22 -14.64 5.86 44.95
C ASN C 22 -14.11 7.02 44.12
N TYR C 23 -14.64 8.22 44.38
CA TYR C 23 -14.18 9.41 43.68
C TYR C 23 -13.61 10.44 44.63
N VAL C 24 -12.67 11.23 44.12
CA VAL C 24 -12.40 12.55 44.68
C VAL C 24 -13.38 13.48 43.99
N GLU C 25 -14.17 14.18 44.78
CA GLU C 25 -15.22 15.03 44.24
C GLU C 25 -14.79 16.48 44.38
N LYS C 26 -15.02 17.27 43.34
CA LYS C 26 -14.59 18.66 43.36
C LYS C 26 -15.48 19.55 42.50
N ALA C 27 -16.11 20.53 43.15
CA ALA C 27 -16.97 21.48 42.47
C ALA C 27 -16.10 22.59 41.93
N VAL C 28 -15.97 22.65 40.61
CA VAL C 28 -15.05 23.58 39.96
C VAL C 28 -15.42 23.75 38.48
N ASN C 29 -15.26 24.96 37.95
CA ASN C 29 -15.51 25.21 36.52
C ASN C 29 -16.94 24.89 36.09
N LYS C 30 -17.87 25.15 37.01
CA LYS C 30 -19.32 24.91 36.81
C LYS C 30 -19.68 23.43 36.82
N LEU C 31 -18.76 22.58 37.26
CA LEU C 31 -18.97 21.13 37.18
C LEU C 31 -18.73 20.50 38.53
N THR C 32 -19.24 19.29 38.70
CA THR C 32 -18.81 18.47 39.82
C THR C 32 -17.93 17.35 39.26
N LEU C 33 -16.61 17.55 39.30
CA LEU C 33 -15.68 16.52 38.88
C LEU C 33 -15.79 15.29 39.78
N GLN C 34 -15.76 14.11 39.17
CA GLN C 34 -15.71 12.86 39.90
C GLN C 34 -14.47 12.13 39.43
N MET C 35 -13.44 12.14 40.28
CA MET C 35 -12.10 11.72 39.89
C MET C 35 -11.66 10.44 40.59
N PRO C 36 -11.61 9.32 39.84
CA PRO C 36 -11.02 8.12 40.44
C PRO C 36 -9.57 8.42 40.83
N TYR C 37 -9.04 7.72 41.83
CA TYR C 37 -7.71 8.01 42.35
C TYR C 37 -6.94 6.72 42.62
N GLN C 38 -7.55 5.58 42.29
CA GLN C 38 -6.93 4.29 42.57
C GLN C 38 -6.33 3.67 41.31
N LEU C 39 -5.61 2.56 41.49
CA LEU C 39 -5.13 1.77 40.38
C LEU C 39 -6.32 1.22 39.63
N PHE C 40 -6.15 0.99 38.33
CA PHE C 40 -7.19 0.37 37.52
C PHE C 40 -6.61 -0.93 36.98
N ILE C 41 -7.08 -2.05 37.52
CA ILE C 41 -6.61 -3.39 37.19
C ILE C 41 -7.81 -4.31 36.92
N GLY C 42 -7.77 -5.03 35.81
CA GLY C 42 -8.83 -5.98 35.47
C GLY C 42 -10.23 -5.38 35.56
N GLY C 43 -10.37 -4.12 35.12
CA GLY C 43 -11.70 -3.51 35.05
C GLY C 43 -12.17 -2.99 36.39
N GLU C 44 -11.29 -2.95 37.38
CA GLU C 44 -11.74 -2.37 38.66
C GLU C 44 -10.70 -1.43 39.25
N PHE C 45 -11.20 -0.45 40.00
CA PHE C 45 -10.35 0.48 40.74
C PHE C 45 -10.04 -0.14 42.09
N VAL C 46 -8.75 -0.24 42.41
CA VAL C 46 -8.30 -0.93 43.62
C VAL C 46 -7.13 -0.18 44.19
N ASP C 47 -7.01 -0.18 45.52
CA ASP C 47 -5.83 0.30 46.20
C ASP C 47 -4.58 -0.46 45.76
N ALA C 48 -3.43 0.21 45.89
CA ALA C 48 -2.13 -0.42 45.70
C ALA C 48 -1.83 -1.36 46.89
N GLU C 49 -0.80 -2.22 46.73
CA GLU C 49 -0.29 -3.02 47.82
C GLU C 49 -0.04 -2.10 49.03
N GLY C 50 -0.49 -2.55 50.21
CA GLY C 50 -0.31 -1.80 51.46
C GLY C 50 -1.01 -0.46 51.51
N SER C 51 -2.00 -0.28 50.64
CA SER C 51 -2.72 0.98 50.51
C SER C 51 -1.79 2.22 50.45
N LYS C 52 -0.60 2.06 49.88
CA LYS C 52 0.31 3.18 49.68
C LYS C 52 -0.28 4.24 48.72
N THR C 53 -0.02 5.50 49.03
CA THR C 53 -0.50 6.62 48.24
C THR C 53 0.57 7.69 48.09
N TYR C 54 0.30 8.64 47.20
CA TYR C 54 1.14 9.81 47.07
C TYR C 54 0.25 10.98 46.72
N ASN C 55 0.80 12.20 46.78
CA ASN C 55 0.04 13.40 46.50
C ASN C 55 0.24 13.90 45.08
N THR C 56 -0.84 14.30 44.43
CA THR C 56 -0.75 15.01 43.16
C THR C 56 -1.04 16.50 43.42
N ILE C 57 -0.22 17.37 42.82
CA ILE C 57 -0.13 18.78 43.19
C ILE C 57 -0.71 19.66 42.11
N ASN C 58 -1.59 20.60 42.49
CA ASN C 58 -2.14 21.59 41.56
C ASN C 58 -1.08 22.66 41.24
N PRO C 59 -0.64 22.78 39.97
CA PRO C 59 0.44 23.75 39.73
C PRO C 59 -0.01 25.22 39.73
N THR C 60 -1.32 25.46 39.78
CA THR C 60 -1.80 26.84 39.82
C THR C 60 -1.57 27.48 41.20
N ASP C 61 -1.57 26.68 42.26
CA ASP C 61 -1.44 27.22 43.61
C ASP C 61 -0.59 26.36 44.51
N GLY C 62 -0.01 25.29 43.97
CA GLY C 62 0.83 24.42 44.78
C GLY C 62 0.09 23.53 45.77
N SER C 63 -1.24 23.56 45.75
CA SER C 63 -2.03 22.74 46.69
C SER C 63 -2.09 21.25 46.30
N VAL C 64 -2.35 20.41 47.29
CA VAL C 64 -2.57 18.99 47.05
C VAL C 64 -3.97 18.81 46.48
N ILE C 65 -4.09 18.20 45.30
CA ILE C 65 -5.42 17.94 44.72
C ILE C 65 -6.05 16.81 45.50
N CYS C 66 -5.29 15.73 45.68
CA CYS C 66 -5.78 14.54 46.35
C CYS C 66 -4.65 13.52 46.42
N GLN C 67 -4.89 12.47 47.19
CA GLN C 67 -4.02 11.31 47.26
C GLN C 67 -4.37 10.32 46.13
N VAL C 68 -3.36 9.68 45.58
CA VAL C 68 -3.50 8.72 44.48
C VAL C 68 -2.74 7.46 44.85
N SER C 69 -3.28 6.29 44.50
CA SER C 69 -2.61 5.02 44.80
C SER C 69 -1.25 4.97 44.15
N LEU C 70 -0.30 4.34 44.84
CA LEU C 70 1.08 4.27 44.40
C LEU C 70 1.43 2.83 44.10
N ALA C 71 1.36 2.45 42.83
CA ALA C 71 1.55 1.07 42.39
C ALA C 71 2.87 0.47 42.86
N GLN C 72 2.79 -0.75 43.37
CA GLN C 72 3.96 -1.54 43.74
C GLN C 72 4.25 -2.62 42.67
N VAL C 73 5.37 -3.32 42.82
CA VAL C 73 5.74 -4.39 41.88
C VAL C 73 4.61 -5.43 41.76
N SER C 74 4.04 -5.86 42.90
CA SER C 74 3.00 -6.88 42.83
C SER C 74 1.77 -6.38 42.05
N ASP C 75 1.56 -5.07 42.06
CA ASP C 75 0.47 -4.43 41.29
C ASP C 75 0.74 -4.44 39.78
N VAL C 76 1.97 -4.12 39.40
CA VAL C 76 2.38 -4.30 38.02
C VAL C 76 2.11 -5.74 37.56
N ASP C 77 2.49 -6.73 38.37
CA ASP C 77 2.31 -8.14 37.98
C ASP C 77 0.83 -8.49 37.80
N LYS C 78 -0.02 -7.96 38.66
CA LYS C 78 -1.46 -8.16 38.54
C LYS C 78 -2.03 -7.53 37.28
N ALA C 79 -1.56 -6.32 36.96
CA ALA C 79 -2.03 -5.61 35.76
C ALA C 79 -1.63 -6.39 34.51
N VAL C 80 -0.37 -6.84 34.47
CA VAL C 80 0.10 -7.61 33.33
C VAL C 80 -0.69 -8.94 33.19
N ALA C 81 -0.94 -9.61 34.31
CA ALA C 81 -1.74 -10.87 34.29
C ALA C 81 -3.17 -10.63 33.80
N ALA C 82 -3.78 -9.53 34.23
CA ALA C 82 -5.10 -9.16 33.73
C ALA C 82 -5.06 -8.87 32.21
N ALA C 83 -4.07 -8.10 31.75
CA ALA C 83 -3.87 -7.86 30.32
C ALA C 83 -3.62 -9.13 29.52
N LYS C 84 -2.76 -10.02 30.05
CA LYS C 84 -2.49 -11.31 29.38
C LYS C 84 -3.76 -12.16 29.23
N GLU C 85 -4.55 -12.22 30.31
CA GLU C 85 -5.76 -13.01 30.31
C GLU C 85 -6.80 -12.40 29.35
N ALA C 86 -6.89 -11.07 29.34
CA ALA C 86 -7.81 -10.37 28.44
C ALA C 86 -7.46 -10.64 26.97
N PHE C 87 -6.16 -10.59 26.66
CA PHE C 87 -5.71 -10.88 25.30
C PHE C 87 -5.91 -12.37 24.89
N GLU C 88 -5.47 -13.29 25.76
CA GLU C 88 -5.48 -14.73 25.43
C GLU C 88 -6.84 -15.39 25.50
N ASN C 89 -7.65 -15.05 26.48
CA ASN C 89 -8.92 -15.75 26.69
C ASN C 89 -10.16 -14.88 26.69
N GLY C 90 -10.01 -13.58 26.92
CA GLY C 90 -11.15 -12.68 27.02
C GLY C 90 -11.71 -12.29 25.66
N LEU C 91 -12.81 -11.57 25.70
CA LEU C 91 -13.59 -11.19 24.53
C LEU C 91 -12.78 -10.40 23.48
N TRP C 92 -11.87 -9.52 23.94
CA TRP C 92 -11.09 -8.66 23.05
C TRP C 92 -10.33 -9.44 21.99
N GLY C 93 -9.88 -10.63 22.36
CA GLY C 93 -9.13 -11.47 21.45
C GLY C 93 -9.99 -12.25 20.48
N LYS C 94 -11.30 -12.24 20.67
CA LYS C 94 -12.20 -13.07 19.88
C LYS C 94 -13.10 -12.27 18.94
N ILE C 95 -13.43 -11.03 19.29
CA ILE C 95 -14.34 -10.25 18.46
C ILE C 95 -13.72 -9.92 17.10
N ASN C 96 -14.58 -9.69 16.11
CA ASN C 96 -14.16 -9.15 14.82
C ASN C 96 -13.39 -7.83 14.94
N ALA C 97 -12.43 -7.63 14.05
CA ALA C 97 -11.73 -6.35 13.92
C ALA C 97 -12.75 -5.21 13.85
N ARG C 98 -13.81 -5.42 13.08
CA ARG C 98 -14.85 -4.38 12.89
C ARG C 98 -15.50 -3.98 14.22
N ASP C 99 -15.71 -4.97 15.08
CA ASP C 99 -16.41 -4.78 16.34
C ASP C 99 -15.46 -4.20 17.39
N ARG C 100 -14.19 -4.56 17.30
CA ARG C 100 -13.14 -3.85 18.04
C ARG C 100 -13.18 -2.37 17.64
N GLY C 101 -13.26 -2.11 16.33
CA GLY C 101 -13.40 -0.73 15.86
C GLY C 101 -14.57 0.03 16.48
N ARG C 102 -15.74 -0.62 16.53
CA ARG C 102 -16.99 -0.04 17.08
C ARG C 102 -16.79 0.35 18.54
N LEU C 103 -16.11 -0.50 19.30
CA LEU C 103 -15.84 -0.23 20.71
C LEU C 103 -14.94 0.99 20.90
N LEU C 104 -13.92 1.13 20.04
CA LEU C 104 -13.02 2.27 20.12
C LEU C 104 -13.71 3.55 19.69
N TYR C 105 -14.59 3.48 18.68
CA TYR C 105 -15.42 4.67 18.31
C TYR C 105 -16.28 5.05 19.52
C TYR C 105 -16.44 5.05 19.38
N ARG C 106 -16.97 4.05 20.07
CA ARG C 106 -17.83 4.28 21.26
C ARG C 106 -16.99 4.91 22.41
N LEU C 107 -15.78 4.42 22.62
CA LEU C 107 -14.89 5.06 23.60
C LEU C 107 -14.67 6.57 23.30
N ALA C 108 -14.38 6.89 22.03
CA ALA C 108 -14.25 8.29 21.62
C ALA C 108 -15.54 9.09 21.92
N ASP C 109 -16.69 8.51 21.63
CA ASP C 109 -17.99 9.13 21.95
C ASP C 109 -18.13 9.43 23.45
N VAL C 110 -17.77 8.47 24.27
CA VAL C 110 -17.85 8.63 25.71
C VAL C 110 -16.91 9.76 26.16
N MET C 111 -15.69 9.77 25.62
CA MET C 111 -14.74 10.85 25.92
C MET C 111 -15.31 12.20 25.49
N GLU C 112 -15.98 12.23 24.35
CA GLU C 112 -16.62 13.48 23.92
C GLU C 112 -17.75 13.93 24.85
N GLN C 113 -18.58 12.98 25.28
CA GLN C 113 -19.62 13.28 26.28
C GLN C 113 -19.01 13.83 27.58
N HIS C 114 -17.77 13.46 27.91
CA HIS C 114 -17.11 13.95 29.13
C HIS C 114 -16.03 15.00 28.88
N GLN C 115 -16.05 15.66 27.73
CA GLN C 115 -14.89 16.44 27.31
C GLN C 115 -14.56 17.63 28.21
N GLU C 116 -15.59 18.28 28.75
CA GLU C 116 -15.39 19.44 29.60
C GLU C 116 -14.80 19.02 30.93
N GLU C 117 -15.31 17.90 31.45
CA GLU C 117 -14.78 17.34 32.68
C GLU C 117 -13.31 16.93 32.50
N LEU C 118 -12.98 16.23 31.41
CA LEU C 118 -11.59 15.84 31.16
C LEU C 118 -10.67 17.07 31.03
N ALA C 119 -11.15 18.09 30.30
CA ALA C 119 -10.33 19.29 30.09
C ALA C 119 -10.10 19.98 31.44
N THR C 120 -11.12 19.97 32.30
CA THR C 120 -11.01 20.56 33.64
C THR C 120 -10.02 19.80 34.51
N ILE C 121 -10.09 18.47 34.46
CA ILE C 121 -9.16 17.64 35.21
C ILE C 121 -7.73 17.90 34.72
N GLU C 122 -7.57 18.05 33.40
CA GLU C 122 -6.27 18.35 32.84
C GLU C 122 -5.76 19.75 33.25
N ALA C 123 -6.67 20.71 33.32
CA ALA C 123 -6.34 22.06 33.79
C ALA C 123 -5.78 21.98 35.22
N LEU C 124 -6.48 21.23 36.06
CA LEU C 124 -6.11 21.05 37.46
C LEU C 124 -4.80 20.31 37.65
N ASP C 125 -4.63 19.22 36.92
CA ASP C 125 -3.54 18.27 37.16
C ASP C 125 -2.24 18.69 36.45
N ALA C 126 -2.37 19.26 35.25
CA ALA C 126 -1.21 19.57 34.41
C ALA C 126 -1.00 21.08 34.18
N GLY C 127 -1.96 21.90 34.63
CA GLY C 127 -1.92 23.34 34.41
C GLY C 127 -2.24 23.73 32.99
N ALA C 128 -2.84 22.81 32.23
CA ALA C 128 -3.28 23.08 30.86
C ALA C 128 -4.36 24.15 30.85
N VAL C 129 -4.15 25.20 30.06
CA VAL C 129 -5.16 26.23 29.88
C VAL C 129 -6.47 25.61 29.35
N TYR C 130 -7.57 25.85 30.07
CA TYR C 130 -8.84 25.17 29.80
C TYR C 130 -9.27 25.21 28.34
N THR C 131 -9.29 26.39 27.74
CA THR C 131 -9.71 26.53 26.35
C THR C 131 -8.87 25.67 25.42
N LEU C 132 -7.59 25.49 25.75
CA LEU C 132 -6.67 24.73 24.91
C LEU C 132 -6.80 23.24 25.23
N ALA C 133 -6.95 22.89 26.50
CA ALA C 133 -7.22 21.52 26.90
C ALA C 133 -8.47 20.95 26.22
N LEU C 134 -9.54 21.75 26.13
CA LEU C 134 -10.73 21.38 25.36
C LEU C 134 -10.44 21.01 23.91
N LYS C 135 -9.75 21.91 23.21
CA LYS C 135 -9.53 21.77 21.78
C LYS C 135 -8.39 20.80 21.46
N THR C 136 -7.34 20.76 22.27
CA THR C 136 -6.16 19.95 21.94
C THR C 136 -6.00 18.74 22.88
N HIS C 137 -5.62 18.95 24.13
CA HIS C 137 -5.46 17.82 25.06
C HIS C 137 -6.61 16.79 24.94
N VAL C 138 -7.85 17.29 24.94
CA VAL C 138 -9.03 16.44 24.88
C VAL C 138 -9.51 16.24 23.44
N GLY C 139 -9.69 17.33 22.70
CA GLY C 139 -10.21 17.26 21.32
C GLY C 139 -9.40 16.33 20.41
N MET C 140 -8.09 16.42 20.50
CA MET C 140 -7.23 15.58 19.67
C MET C 140 -7.23 14.13 20.14
N SER C 141 -7.40 13.92 21.44
CA SER C 141 -7.51 12.59 22.02
C SER C 141 -8.73 11.87 21.43
N ILE C 142 -9.86 12.59 21.38
CA ILE C 142 -11.08 12.10 20.75
C ILE C 142 -10.86 11.76 19.27
N GLN C 143 -10.26 12.67 18.53
CA GLN C 143 -9.93 12.42 17.12
C GLN C 143 -9.04 11.19 16.99
N THR C 144 -8.11 10.99 17.93
CA THR C 144 -7.15 9.89 17.84
C THR C 144 -7.89 8.54 17.90
N PHE C 145 -8.80 8.40 18.86
CA PHE C 145 -9.55 7.18 18.99
C PHE C 145 -10.46 6.91 17.77
N ARG C 146 -11.14 7.94 17.29
CA ARG C 146 -11.96 7.84 16.07
C ARG C 146 -11.14 7.46 14.86
N TYR C 147 -9.96 8.07 14.71
CA TYR C 147 -9.09 7.78 13.57
C TYR C 147 -8.69 6.31 13.61
N PHE C 148 -8.14 5.85 14.73
CA PHE C 148 -7.64 4.47 14.81
C PHE C 148 -8.76 3.43 14.81
N ALA C 149 -9.91 3.80 15.36
CA ALA C 149 -11.10 2.93 15.28
C ALA C 149 -11.38 2.54 13.83
N GLY C 150 -11.21 3.49 12.91
CA GLY C 150 -11.41 3.24 11.51
C GLY C 150 -10.38 2.34 10.86
N TRP C 151 -9.21 2.17 11.49
CA TRP C 151 -8.15 1.31 10.96
C TRP C 151 -8.42 -0.18 11.20
N CYS C 152 -9.15 -0.50 12.26
CA CYS C 152 -9.23 -1.90 12.72
C CYS C 152 -9.54 -2.87 11.59
N ASP C 153 -10.60 -2.61 10.81
CA ASP C 153 -10.94 -3.56 9.75
C ASP C 153 -10.29 -3.25 8.40
N LYS C 154 -9.30 -2.37 8.41
CA LYS C 154 -8.56 -2.03 7.18
C LYS C 154 -7.07 -2.34 7.28
N ILE C 155 -6.67 -3.00 8.37
CA ILE C 155 -5.33 -3.53 8.52
C ILE C 155 -5.26 -4.82 7.72
N GLN C 156 -4.38 -4.87 6.73
CA GLN C 156 -4.41 -5.92 5.73
C GLN C 156 -3.02 -6.47 5.53
N GLY C 157 -2.92 -7.79 5.35
CA GLY C 157 -1.68 -8.44 4.95
C GLY C 157 -1.62 -8.56 3.44
N ALA C 158 -0.76 -9.47 2.96
CA ALA C 158 -0.47 -9.56 1.52
C ALA C 158 -0.60 -10.98 0.94
N THR C 159 -0.72 -11.09 -0.37
CA THR C 159 -0.47 -12.37 -1.03
C THR C 159 0.66 -12.09 -2.01
N ILE C 160 1.63 -13.02 -2.05
CA ILE C 160 2.95 -12.73 -2.59
C ILE C 160 3.30 -13.76 -3.68
N PRO C 161 3.71 -13.29 -4.87
CA PRO C 161 3.99 -14.17 -6.01
C PRO C 161 5.39 -14.78 -5.94
N ILE C 162 5.59 -15.67 -4.99
CA ILE C 162 6.85 -16.35 -4.85
C ILE C 162 7.12 -17.34 -6.00
N ASN C 163 8.38 -17.74 -6.15
CA ASN C 163 8.74 -18.82 -7.07
C ASN C 163 8.07 -20.15 -6.68
N GLN C 164 7.59 -20.87 -7.70
CA GLN C 164 6.84 -22.09 -7.53
C GLN C 164 7.75 -23.31 -7.55
N ALA C 165 7.57 -24.19 -6.58
CA ALA C 165 8.28 -25.46 -6.51
C ALA C 165 7.72 -26.48 -7.53
N ARG C 166 7.90 -26.18 -8.81
CA ARG C 166 7.39 -27.01 -9.89
C ARG C 166 7.82 -28.48 -9.68
N PRO C 167 6.97 -29.46 -10.08
CA PRO C 167 5.66 -29.32 -10.73
C PRO C 167 4.54 -28.96 -9.74
N ASN C 168 4.90 -28.69 -8.49
CA ASN C 168 3.91 -28.27 -7.51
C ASN C 168 3.68 -26.75 -7.55
N ARG C 169 2.74 -26.29 -6.73
CA ARG C 169 2.37 -24.87 -6.65
C ARG C 169 2.60 -24.32 -5.25
N ASN C 170 2.67 -23.00 -5.12
CA ASN C 170 2.81 -22.38 -3.80
C ASN C 170 1.88 -21.17 -3.67
N LEU C 171 1.37 -20.99 -2.44
CA LEU C 171 0.64 -19.81 -2.06
C LEU C 171 1.37 -19.26 -0.85
N THR C 172 1.76 -17.99 -0.93
CA THR C 172 2.33 -17.31 0.22
C THR C 172 1.49 -16.09 0.55
N LEU C 173 1.07 -15.99 1.81
CA LEU C 173 0.32 -14.85 2.26
C LEU C 173 0.94 -14.37 3.56
N THR C 174 0.65 -13.13 3.94
CA THR C 174 0.98 -12.66 5.28
C THR C 174 -0.27 -12.34 6.05
N LYS C 175 -0.17 -12.49 7.36
CA LYS C 175 -1.24 -12.13 8.26
C LYS C 175 -0.65 -11.08 9.19
C LYS C 175 -0.73 -11.15 9.30
N LYS C 176 -1.41 -10.01 9.44
CA LYS C 176 -1.05 -9.01 10.44
C LYS C 176 -1.69 -9.44 11.74
N GLU C 177 -0.90 -9.53 12.81
CA GLU C 177 -1.43 -10.04 14.07
C GLU C 177 -1.03 -9.07 15.16
N PRO C 178 -1.81 -9.04 16.25
CA PRO C 178 -1.41 -8.23 17.41
C PRO C 178 -0.10 -8.74 18.02
N VAL C 179 0.68 -7.86 18.65
CA VAL C 179 1.88 -8.30 19.37
C VAL C 179 1.52 -8.98 20.69
N GLY C 180 0.44 -8.57 21.33
CA GLY C 180 0.09 -9.13 22.63
C GLY C 180 0.06 -8.06 23.71
N VAL C 181 0.53 -8.40 24.90
CA VAL C 181 0.50 -7.46 26.03
C VAL C 181 1.51 -6.35 25.83
N CYS C 182 1.05 -5.11 25.84
CA CYS C 182 1.93 -3.97 25.70
C CYS C 182 2.00 -3.15 27.00
N GLY C 183 3.14 -2.50 27.23
CA GLY C 183 3.30 -1.53 28.27
C GLY C 183 3.51 -0.16 27.63
N ILE C 184 2.80 0.85 28.11
CA ILE C 184 3.09 2.19 27.65
C ILE C 184 3.37 3.18 28.78
N VAL C 185 4.44 3.94 28.58
CA VAL C 185 4.95 4.85 29.59
C VAL C 185 4.86 6.23 28.97
N ILE C 186 4.09 7.09 29.64
CA ILE C 186 3.58 8.38 29.14
C ILE C 186 4.38 9.49 29.86
N PRO C 187 4.60 10.65 29.20
CA PRO C 187 5.14 11.74 30.02
C PRO C 187 4.03 12.65 30.56
N TRP C 188 4.43 13.77 31.17
CA TRP C 188 3.47 14.63 31.88
C TRP C 188 3.01 15.86 31.12
N ASN C 189 3.61 16.16 29.97
CA ASN C 189 3.27 17.44 29.33
C ASN C 189 1.86 17.52 28.71
N TYR C 190 1.44 16.44 28.05
CA TYR C 190 0.03 16.28 27.62
C TYR C 190 -0.52 14.93 28.12
N PRO C 191 -0.89 14.86 29.40
CA PRO C 191 -1.19 13.55 30.02
C PRO C 191 -2.23 12.70 29.26
N LEU C 192 -3.41 13.25 28.98
CA LEU C 192 -4.45 12.52 28.26
C LEU C 192 -4.11 12.28 26.80
N MET C 193 -3.50 13.26 26.14
CA MET C 193 -3.26 13.20 24.72
C MET C 193 -2.15 12.20 24.37
N MET C 194 -1.04 12.20 25.13
CA MET C 194 0.01 11.21 24.89
C MET C 194 -0.52 9.81 25.15
N LEU C 195 -1.28 9.67 26.23
CA LEU C 195 -1.94 8.41 26.52
C LEU C 195 -2.76 7.98 25.31
N SER C 196 -3.54 8.90 24.74
CA SER C 196 -4.47 8.59 23.66
C SER C 196 -3.74 8.21 22.37
N TRP C 197 -2.71 8.99 22.01
CA TRP C 197 -1.89 8.69 20.84
C TRP C 197 -1.47 7.22 20.86
N LYS C 198 -0.83 6.79 21.95
CA LYS C 198 -0.25 5.44 22.00
C LYS C 198 -1.32 4.36 22.21
N THR C 199 -2.29 4.64 23.07
CA THR C 199 -3.29 3.65 23.44
C THR C 199 -4.21 3.33 22.26
N ALA C 200 -4.62 4.35 21.51
CA ALA C 200 -5.57 4.14 20.42
C ALA C 200 -4.95 3.20 19.40
N ALA C 201 -3.67 3.41 19.06
CA ALA C 201 -3.03 2.60 18.02
C ALA C 201 -2.82 1.18 18.53
N CYS C 202 -2.34 1.09 19.77
CA CYS C 202 -2.17 -0.17 20.48
C CYS C 202 -3.46 -1.01 20.51
N LEU C 203 -4.57 -0.41 20.93
CA LEU C 203 -5.84 -1.12 21.01
C LEU C 203 -6.43 -1.42 19.62
N ALA C 204 -6.33 -0.47 18.69
CA ALA C 204 -6.79 -0.69 17.31
C ALA C 204 -6.12 -1.92 16.66
N ALA C 205 -4.85 -2.14 16.99
CA ALA C 205 -4.13 -3.28 16.46
C ALA C 205 -4.49 -4.58 17.19
N GLY C 206 -5.32 -4.49 18.22
CA GLY C 206 -5.86 -5.71 18.85
C GLY C 206 -5.13 -6.13 20.11
N ASN C 207 -4.24 -5.28 20.63
CA ASN C 207 -3.45 -5.61 21.82
C ASN C 207 -4.17 -5.27 23.10
N THR C 208 -3.60 -5.68 24.24
CA THR C 208 -4.07 -5.20 25.52
C THR C 208 -2.91 -4.44 26.16
N VAL C 209 -3.19 -3.68 27.21
CA VAL C 209 -2.21 -2.69 27.62
C VAL C 209 -2.14 -2.42 29.12
N VAL C 210 -0.92 -2.20 29.61
CA VAL C 210 -0.72 -1.60 30.91
C VAL C 210 -0.07 -0.23 30.70
N ILE C 211 -0.74 0.78 31.21
CA ILE C 211 -0.33 2.15 30.98
C ILE C 211 0.24 2.69 32.27
N LYS C 212 1.40 3.29 32.19
CA LYS C 212 1.94 3.99 33.32
C LYS C 212 2.02 5.50 33.03
N PRO C 213 1.06 6.29 33.57
CA PRO C 213 1.12 7.74 33.40
C PRO C 213 2.30 8.31 34.19
N ALA C 214 2.71 9.53 33.87
CA ALA C 214 3.75 10.17 34.63
C ALA C 214 3.24 10.27 36.07
N GLN C 215 4.11 10.01 37.04
CA GLN C 215 3.67 10.06 38.41
C GLN C 215 3.03 11.42 38.76
N VAL C 216 3.58 12.51 38.24
CA VAL C 216 3.03 13.83 38.59
C VAL C 216 1.65 14.16 37.98
N THR C 217 1.24 13.43 36.94
CA THR C 217 -0.04 13.69 36.25
C THR C 217 -0.90 12.41 36.03
N PRO C 218 -1.51 11.86 37.10
CA PRO C 218 -2.27 10.62 36.95
C PRO C 218 -3.76 10.75 36.65
N LEU C 219 -4.33 11.94 36.83
CA LEU C 219 -5.76 12.07 36.98
C LEU C 219 -6.57 11.88 35.70
N THR C 220 -6.20 12.51 34.58
CA THR C 220 -6.97 12.22 33.36
C THR C 220 -6.85 10.76 32.93
N ALA C 221 -5.70 10.13 33.20
CA ALA C 221 -5.52 8.72 32.85
C ALA C 221 -6.50 7.86 33.61
N LEU C 222 -6.71 8.18 34.89
CA LEU C 222 -7.61 7.39 35.72
C LEU C 222 -9.05 7.67 35.37
N LYS C 223 -9.36 8.93 35.02
CA LYS C 223 -10.71 9.23 34.54
C LYS C 223 -10.98 8.50 33.20
N PHE C 224 -9.98 8.51 32.31
CA PHE C 224 -10.03 7.73 31.06
C PHE C 224 -10.35 6.25 31.34
N ALA C 225 -9.65 5.65 32.30
CA ALA C 225 -9.88 4.24 32.70
C ALA C 225 -11.36 3.98 32.98
N GLU C 226 -11.99 4.89 33.74
CA GLU C 226 -13.40 4.79 34.06
C GLU C 226 -14.24 4.89 32.81
N LEU C 227 -13.85 5.77 31.90
CA LEU C 227 -14.53 5.89 30.62
C LEU C 227 -14.46 4.59 29.79
N THR C 228 -13.40 3.80 29.92
CA THR C 228 -13.32 2.53 29.19
C THR C 228 -14.43 1.58 29.69
N LEU C 229 -14.74 1.63 30.99
CA LEU C 229 -15.86 0.88 31.58
C LEU C 229 -17.21 1.32 30.99
N LYS C 230 -17.45 2.63 30.92
CA LYS C 230 -18.70 3.15 30.34
C LYS C 230 -18.83 2.76 28.87
N ALA C 231 -17.69 2.62 28.19
CA ALA C 231 -17.69 2.35 26.75
C ALA C 231 -17.83 0.86 26.48
N GLY C 232 -17.73 0.03 27.52
CA GLY C 232 -17.82 -1.41 27.37
C GLY C 232 -16.56 -2.07 26.83
N ILE C 233 -15.40 -1.46 27.07
CA ILE C 233 -14.15 -2.14 26.80
C ILE C 233 -14.00 -3.29 27.79
N PRO C 234 -13.82 -4.52 27.29
CA PRO C 234 -13.70 -5.71 28.16
C PRO C 234 -12.67 -5.54 29.29
N LYS C 235 -12.99 -6.06 30.47
N LYS C 235 -13.00 -6.06 30.47
CA LYS C 235 -12.12 -5.94 31.64
CA LYS C 235 -12.11 -6.05 31.63
C LYS C 235 -10.72 -6.49 31.34
C LYS C 235 -10.69 -6.51 31.30
N GLY C 236 -9.70 -5.77 31.79
CA GLY C 236 -8.30 -6.15 31.57
C GLY C 236 -7.62 -5.71 30.29
N VAL C 237 -8.39 -5.23 29.30
CA VAL C 237 -7.80 -4.69 28.06
C VAL C 237 -6.94 -3.44 28.35
N VAL C 238 -7.43 -2.60 29.25
CA VAL C 238 -6.74 -1.39 29.66
C VAL C 238 -6.50 -1.47 31.17
N ASN C 239 -5.25 -1.28 31.57
CA ASN C 239 -4.90 -1.22 32.99
C ASN C 239 -3.99 -0.02 33.17
N ILE C 240 -4.20 0.71 34.25
CA ILE C 240 -3.49 1.95 34.46
C ILE C 240 -2.88 1.96 35.85
N LEU C 241 -1.58 2.21 35.92
CA LEU C 241 -0.84 2.15 37.17
C LEU C 241 -0.07 3.44 37.47
N PRO C 242 -0.72 4.41 38.13
CA PRO C 242 0.05 5.56 38.65
C PRO C 242 1.14 5.09 39.61
N GLY C 243 2.27 5.80 39.63
CA GLY C 243 3.42 5.39 40.43
C GLY C 243 4.69 5.75 39.72
N SER C 244 5.82 5.28 40.22
CA SER C 244 7.09 5.79 39.74
C SER C 244 7.60 5.03 38.52
N GLY C 245 8.28 5.76 37.64
CA GLY C 245 8.94 5.15 36.51
C GLY C 245 9.93 4.09 36.94
N SER C 246 10.73 4.39 37.95
CA SER C 246 11.81 3.48 38.32
C SER C 246 11.31 2.21 39.03
N LEU C 247 10.08 2.24 39.54
CA LEU C 247 9.49 1.03 40.08
C LEU C 247 8.56 0.42 39.02
N VAL C 248 7.50 1.12 38.66
CA VAL C 248 6.46 0.59 37.77
C VAL C 248 6.94 0.44 36.34
N GLY C 249 7.50 1.52 35.80
CA GLY C 249 7.98 1.50 34.42
C GLY C 249 9.07 0.47 34.21
N GLN C 250 9.96 0.37 35.20
CA GLN C 250 11.03 -0.63 35.21
C GLN C 250 10.50 -2.07 35.16
N ARG C 251 9.54 -2.39 36.03
CA ARG C 251 8.96 -3.72 36.05
C ARG C 251 8.25 -4.05 34.73
N LEU C 252 7.56 -3.07 34.15
CA LEU C 252 6.96 -3.24 32.82
C LEU C 252 8.00 -3.61 31.75
N SER C 253 9.14 -2.90 31.75
CA SER C 253 10.21 -3.16 30.78
C SER C 253 10.87 -4.53 31.02
N ASP C 254 10.85 -4.99 32.28
CA ASP C 254 11.46 -6.29 32.63
C ASP C 254 10.51 -7.46 32.53
N HIS C 255 9.20 -7.19 32.51
CA HIS C 255 8.23 -8.28 32.66
C HIS C 255 8.31 -9.29 31.52
N PRO C 256 8.35 -10.60 31.85
CA PRO C 256 8.50 -11.63 30.82
C PRO C 256 7.28 -11.80 29.94
N ASP C 257 6.12 -11.27 30.35
CA ASP C 257 4.87 -11.45 29.59
C ASP C 257 4.51 -10.21 28.77
N VAL C 258 5.26 -9.13 28.96
CA VAL C 258 5.08 -7.93 28.14
C VAL C 258 5.91 -8.10 26.88
N ARG C 259 5.31 -7.86 25.71
CA ARG C 259 6.00 -8.11 24.44
C ARG C 259 6.41 -6.83 23.70
N LYS C 260 6.02 -5.67 24.23
CA LYS C 260 6.29 -4.40 23.57
C LYS C 260 6.15 -3.27 24.55
N ILE C 261 7.10 -2.34 24.51
CA ILE C 261 7.02 -1.08 25.27
C ILE C 261 6.92 0.08 24.28
N GLY C 262 5.97 0.98 24.54
CA GLY C 262 5.88 2.23 23.80
C GLY C 262 6.26 3.32 24.78
N PHE C 263 7.32 4.06 24.46
CA PHE C 263 7.84 5.07 25.38
C PHE C 263 8.00 6.46 24.75
N THR C 264 7.69 7.47 25.57
CA THR C 264 7.89 8.86 25.24
C THR C 264 8.44 9.49 26.52
N GLY C 265 9.56 10.20 26.40
CA GLY C 265 10.16 10.87 27.55
C GLY C 265 11.58 11.31 27.21
N SER C 266 12.43 11.36 28.22
CA SER C 266 13.79 11.85 28.02
C SER C 266 14.69 10.80 27.35
N THR C 267 15.80 11.27 26.78
CA THR C 267 16.78 10.42 26.12
C THR C 267 17.41 9.43 27.08
N GLU C 268 17.82 9.88 28.27
CA GLU C 268 18.47 8.96 29.24
C GLU C 268 17.56 7.82 29.70
N VAL C 269 16.29 8.13 29.93
CA VAL C 269 15.34 7.11 30.37
C VAL C 269 15.01 6.15 29.21
N GLY C 270 14.89 6.70 28.01
CA GLY C 270 14.63 5.94 26.78
C GLY C 270 15.73 4.91 26.54
N LYS C 271 16.98 5.35 26.76
CA LYS C 271 18.13 4.46 26.66
C LYS C 271 17.99 3.31 27.67
N HIS C 272 17.71 3.66 28.93
N HIS C 272 17.71 3.63 28.94
CA HIS C 272 17.54 2.67 29.97
CA HIS C 272 17.61 2.56 29.95
C HIS C 272 16.44 1.67 29.61
C HIS C 272 16.34 1.69 29.84
N ILE C 273 15.30 2.21 29.18
CA ILE C 273 14.13 1.38 28.82
C ILE C 273 14.49 0.39 27.72
N MET C 274 15.15 0.88 26.67
CA MET C 274 15.60 0.02 25.57
C MET C 274 16.56 -1.05 26.10
N LYS C 275 17.49 -0.67 26.98
CA LYS C 275 18.39 -1.63 27.63
C LYS C 275 17.60 -2.70 28.39
N SER C 276 16.59 -2.27 29.16
CA SER C 276 15.78 -3.22 29.90
C SER C 276 14.96 -4.19 29.00
N CYS C 277 14.46 -3.68 27.87
CA CYS C 277 13.77 -4.53 26.90
C CYS C 277 14.71 -5.59 26.36
N ALA C 278 15.95 -5.19 26.09
CA ALA C 278 16.99 -6.11 25.64
C ALA C 278 17.26 -7.23 26.65
N LEU C 279 17.50 -6.85 27.91
CA LEU C 279 17.97 -7.80 28.92
C LEU C 279 16.91 -8.75 29.46
N SER C 280 15.63 -8.40 29.30
CA SER C 280 14.56 -9.29 29.71
C SER C 280 14.28 -10.31 28.60
N ASN C 281 13.39 -9.97 27.66
CA ASN C 281 12.95 -10.92 26.65
C ASN C 281 12.94 -10.35 25.21
N VAL C 282 13.88 -9.44 24.89
CA VAL C 282 13.90 -8.70 23.60
C VAL C 282 12.52 -8.22 23.10
N LYS C 283 11.75 -7.68 24.03
CA LYS C 283 10.47 -7.09 23.67
C LYS C 283 10.70 -5.91 22.70
N LYS C 284 9.74 -5.71 21.80
CA LYS C 284 9.76 -4.53 20.94
C LYS C 284 9.70 -3.24 21.77
N VAL C 285 10.31 -2.19 21.22
CA VAL C 285 10.31 -0.89 21.85
C VAL C 285 10.19 0.19 20.77
N SER C 286 9.44 1.24 21.08
CA SER C 286 9.43 2.47 20.30
C SER C 286 9.81 3.58 21.25
N LEU C 287 10.52 4.57 20.74
CA LEU C 287 11.09 5.64 21.56
C LEU C 287 10.85 7.01 20.90
N GLU C 288 10.22 7.92 21.64
CA GLU C 288 10.12 9.33 21.26
C GLU C 288 10.78 10.15 22.34
N LEU C 289 11.95 10.70 22.01
CA LEU C 289 12.84 11.20 23.05
C LEU C 289 13.11 12.73 23.06
N GLY C 290 12.18 13.50 22.54
CA GLY C 290 12.39 14.95 22.62
C GLY C 290 13.43 15.47 21.62
N GLY C 291 13.59 16.80 21.64
CA GLY C 291 14.35 17.44 20.59
C GLY C 291 15.00 18.76 20.94
N LYS C 292 15.75 19.26 19.98
CA LYS C 292 16.23 20.62 19.98
C LYS C 292 15.93 21.04 18.56
N SER C 293 14.64 21.27 18.31
CA SER C 293 14.12 21.42 16.96
C SER C 293 14.35 22.84 16.42
N PRO C 294 14.90 22.94 15.21
CA PRO C 294 15.21 24.26 14.68
C PRO C 294 14.11 24.81 13.78
N LEU C 295 13.82 26.10 13.95
CA LEU C 295 12.92 26.82 13.04
C LEU C 295 13.72 27.90 12.34
N ILE C 296 13.76 27.83 11.00
CA ILE C 296 14.54 28.72 10.16
C ILE C 296 13.61 29.71 9.48
N ILE C 297 13.78 31.00 9.80
CA ILE C 297 12.91 32.07 9.30
C ILE C 297 13.69 32.95 8.32
N PHE C 298 13.33 32.86 7.05
CA PHE C 298 13.98 33.66 6.01
C PHE C 298 13.37 35.05 5.82
N ALA C 299 14.19 36.01 5.36
CA ALA C 299 13.77 37.40 5.14
C ALA C 299 12.61 37.54 4.17
N ASP C 300 12.49 36.60 3.22
CA ASP C 300 11.34 36.63 2.30
C ASP C 300 10.04 35.98 2.83
N CYS C 301 9.97 35.66 4.12
CA CYS C 301 8.72 35.14 4.71
C CYS C 301 7.71 36.27 4.90
N ASP C 302 6.47 35.89 5.23
CA ASP C 302 5.45 36.81 5.72
C ASP C 302 5.81 37.04 7.18
N LEU C 303 6.26 38.26 7.49
CA LEU C 303 6.89 38.56 8.78
C LEU C 303 5.94 38.50 9.97
N ASN C 304 4.78 39.13 9.83
CA ASN C 304 3.78 39.11 10.91
C ASN C 304 3.31 37.70 11.22
N LYS C 305 3.09 36.89 10.18
CA LYS C 305 2.78 35.46 10.36
C LYS C 305 3.93 34.70 11.04
N ALA C 306 5.16 34.98 10.61
CA ALA C 306 6.36 34.36 11.19
C ALA C 306 6.42 34.62 12.68
N VAL C 307 6.05 35.83 13.08
CA VAL C 307 6.04 36.19 14.49
C VAL C 307 4.96 35.38 15.23
N GLN C 308 3.78 35.25 14.63
CA GLN C 308 2.67 34.53 15.28
C GLN C 308 3.01 33.05 15.44
N MET C 309 3.44 32.43 14.34
CA MET C 309 3.82 31.03 14.34
C MET C 309 5.10 30.75 15.13
N GLY C 310 6.05 31.69 15.14
CA GLY C 310 7.29 31.55 15.90
C GLY C 310 6.97 31.58 17.38
N MET C 311 6.08 32.49 17.76
CA MET C 311 5.65 32.53 19.15
C MET C 311 5.00 31.23 19.59
N SER C 312 4.08 30.77 18.76
CA SER C 312 3.39 29.54 19.03
C SER C 312 4.41 28.38 19.07
N SER C 313 5.37 28.37 18.15
CA SER C 313 6.39 27.31 18.12
C SER C 313 7.13 27.14 19.46
N VAL C 314 7.19 28.20 20.26
CA VAL C 314 7.87 28.15 21.54
C VAL C 314 6.91 28.09 22.71
N PHE C 315 5.92 28.97 22.72
CA PHE C 315 5.10 29.17 23.92
C PHE C 315 3.87 28.24 24.06
N PHE C 316 3.51 27.56 22.97
CA PHE C 316 2.33 26.66 22.98
C PHE C 316 2.43 25.72 24.17
N ASN C 317 1.32 25.61 24.91
CA ASN C 317 1.26 24.74 26.08
C ASN C 317 2.41 25.02 27.05
N LYS C 318 2.69 26.29 27.28
CA LYS C 318 3.76 26.77 28.17
C LYS C 318 5.13 26.15 27.90
N GLY C 319 5.39 25.89 26.62
CA GLY C 319 6.65 25.29 26.18
C GLY C 319 6.78 23.80 26.45
N GLU C 320 5.78 23.23 27.10
CA GLU C 320 5.85 21.83 27.49
C GLU C 320 5.28 20.98 26.33
N ASN C 321 6.14 20.85 25.32
CA ASN C 321 5.71 20.45 24.00
C ASN C 321 6.90 19.79 23.30
N CYS C 322 6.84 18.47 23.16
CA CYS C 322 7.90 17.65 22.53
C CYS C 322 8.47 18.29 21.24
N ILE C 323 7.63 18.91 20.43
CA ILE C 323 8.10 19.46 19.17
C ILE C 323 8.36 20.97 19.14
N ALA C 324 8.34 21.61 20.30
CA ALA C 324 8.63 23.04 20.39
C ALA C 324 9.91 23.37 19.62
N ALA C 325 9.93 24.50 18.93
CA ALA C 325 11.15 24.99 18.32
C ALA C 325 12.11 25.40 19.45
N GLY C 326 13.24 24.68 19.57
CA GLY C 326 14.24 24.97 20.58
C GLY C 326 15.31 25.96 20.14
N ARG C 327 15.31 26.32 18.85
CA ARG C 327 16.19 27.38 18.32
C ARG C 327 15.45 28.01 17.16
N LEU C 328 15.44 29.34 17.12
CA LEU C 328 14.98 30.07 15.96
C LEU C 328 16.16 30.70 15.28
N PHE C 329 16.38 30.36 14.01
CA PHE C 329 17.37 31.02 13.20
C PHE C 329 16.66 32.04 12.34
N VAL C 330 16.99 33.32 12.55
CA VAL C 330 16.33 34.42 11.85
C VAL C 330 17.32 35.15 10.93
N GLU C 331 17.01 35.25 9.65
CA GLU C 331 17.92 35.86 8.69
C GLU C 331 18.28 37.31 9.11
N GLU C 332 19.56 37.63 8.99
CA GLU C 332 20.14 38.94 9.39
C GLU C 332 19.24 40.15 9.16
N SER C 333 18.83 40.38 7.91
CA SER C 333 18.12 41.59 7.56
C SER C 333 16.71 41.76 8.18
N ILE C 334 16.13 40.72 8.77
CA ILE C 334 14.85 40.86 9.48
C ILE C 334 14.96 40.58 10.97
N HIS C 335 16.14 40.20 11.45
CA HIS C 335 16.29 39.81 12.84
C HIS C 335 15.73 40.84 13.83
N ASN C 336 16.13 42.10 13.68
CA ASN C 336 15.80 43.08 14.72
C ASN C 336 14.33 43.44 14.73
N GLN C 337 13.74 43.52 13.55
CA GLN C 337 12.29 43.73 13.42
C GLN C 337 11.52 42.53 13.99
N PHE C 338 11.94 41.32 13.61
CA PHE C 338 11.40 40.11 14.22
C PHE C 338 11.40 40.17 15.74
N VAL C 339 12.54 40.50 16.33
CA VAL C 339 12.63 40.53 17.79
C VAL C 339 11.71 41.60 18.40
N GLN C 340 11.64 42.77 17.77
CA GLN C 340 10.77 43.84 18.25
C GLN C 340 9.32 43.40 18.27
N LYS C 341 8.86 42.82 17.16
CA LYS C 341 7.49 42.35 17.07
C LYS C 341 7.24 41.27 18.12
N VAL C 342 8.20 40.37 18.32
CA VAL C 342 8.04 39.31 19.32
C VAL C 342 7.88 39.93 20.71
N VAL C 343 8.72 40.90 21.05
CA VAL C 343 8.59 41.58 22.35
C VAL C 343 7.20 42.23 22.52
N GLU C 344 6.73 42.90 21.48
CA GLU C 344 5.38 43.48 21.46
C GLU C 344 4.35 42.40 21.76
N GLU C 345 4.49 41.24 21.11
CA GLU C 345 3.54 40.16 21.28
C GLU C 345 3.59 39.51 22.63
N VAL C 346 4.80 39.31 23.15
CA VAL C 346 5.01 38.72 24.47
C VAL C 346 4.38 39.57 25.57
N GLU C 347 4.50 40.89 25.46
CA GLU C 347 3.96 41.81 26.47
C GLU C 347 2.42 41.70 26.51
N LYS C 348 1.81 41.37 25.38
CA LYS C 348 0.35 41.15 25.31
C LYS C 348 -0.15 39.83 25.93
N MET C 349 0.75 38.89 26.23
CA MET C 349 0.32 37.59 26.77
C MET C 349 -0.24 37.71 28.17
N LYS C 350 -1.41 37.14 28.39
CA LYS C 350 -1.99 37.10 29.71
C LYS C 350 -1.62 35.78 30.45
N ILE C 351 -1.00 35.96 31.60
CA ILE C 351 -0.52 34.87 32.44
C ILE C 351 -1.51 34.69 33.58
N GLY C 352 -1.90 33.46 33.87
CA GLY C 352 -2.77 33.25 35.01
C GLY C 352 -3.40 31.89 35.08
N ASN C 353 -4.37 31.79 35.98
CA ASN C 353 -5.12 30.58 36.24
C ASN C 353 -5.62 29.97 34.93
N PRO C 354 -5.41 28.66 34.73
CA PRO C 354 -5.80 28.04 33.45
C PRO C 354 -7.31 28.02 33.20
N LEU C 355 -8.10 28.22 34.25
CA LEU C 355 -9.55 28.33 34.11
C LEU C 355 -10.08 29.72 33.69
N GLU C 356 -9.24 30.76 33.78
CA GLU C 356 -9.68 32.09 33.31
C GLU C 356 -9.68 32.02 31.79
N ARG C 357 -10.77 32.44 31.18
CA ARG C 357 -10.92 32.21 29.75
C ARG C 357 -10.05 33.12 28.91
N ASP C 358 -9.47 34.15 29.51
CA ASP C 358 -8.54 34.99 28.75
C ASP C 358 -7.07 34.63 28.99
N THR C 359 -6.80 33.61 29.81
CA THR C 359 -5.43 33.13 30.00
C THR C 359 -4.82 32.66 28.68
N ASN C 360 -3.64 33.19 28.36
CA ASN C 360 -2.82 32.72 27.21
C ASN C 360 -1.74 31.77 27.67
N HIS C 361 -1.23 32.02 28.87
CA HIS C 361 -0.07 31.31 29.37
C HIS C 361 -0.35 30.82 30.79
N GLY C 362 -0.41 29.49 30.94
CA GLY C 362 -0.68 28.88 32.23
C GLY C 362 0.59 28.56 32.98
N PRO C 363 0.46 27.91 34.15
CA PRO C 363 1.67 27.57 34.91
C PRO C 363 2.37 26.34 34.34
N GLN C 364 3.64 26.18 34.69
CA GLN C 364 4.42 25.01 34.32
C GLN C 364 3.89 23.82 35.10
N ASN C 365 4.22 22.62 34.65
CA ASN C 365 3.49 21.42 35.04
C ASN C 365 3.68 21.09 36.51
N HIS C 366 4.92 21.18 36.98
CA HIS C 366 5.21 20.95 38.39
C HIS C 366 6.46 21.72 38.84
N GLU C 367 6.65 21.74 40.16
CA GLU C 367 7.69 22.52 40.80
C GLU C 367 9.10 22.23 40.30
N ALA C 368 9.52 20.97 40.32
CA ALA C 368 10.87 20.63 39.87
C ALA C 368 11.15 21.10 38.42
N HIS C 369 10.11 21.15 37.59
CA HIS C 369 10.32 21.61 36.23
C HIS C 369 10.54 23.13 36.22
N LEU C 370 9.78 23.83 37.06
CA LEU C 370 9.97 25.25 37.22
C LEU C 370 11.42 25.55 37.64
N ARG C 371 11.95 24.81 38.62
CA ARG C 371 13.30 25.04 39.11
C ARG C 371 14.34 24.84 37.99
N LYS C 372 14.15 23.78 37.20
CA LYS C 372 14.99 23.53 36.04
C LYS C 372 14.99 24.70 35.06
N LEU C 373 13.82 25.27 34.79
CA LEU C 373 13.75 26.40 33.87
C LEU C 373 14.50 27.63 34.42
N VAL C 374 14.40 27.85 35.73
CA VAL C 374 15.13 28.96 36.36
C VAL C 374 16.65 28.79 36.16
N GLU C 375 17.14 27.60 36.48
CA GLU C 375 18.55 27.29 36.28
C GLU C 375 18.97 27.30 34.79
N TYR C 376 18.07 26.89 33.90
CA TYR C 376 18.39 26.90 32.48
C TYR C 376 18.68 28.35 32.02
N CYS C 377 17.89 29.28 32.52
CA CYS C 377 18.00 30.66 32.10
C CYS C 377 19.22 31.37 32.77
N GLN C 378 19.51 31.04 34.03
CA GLN C 378 20.70 31.55 34.69
C GLN C 378 21.91 31.14 33.86
N ARG C 379 21.90 29.88 33.40
CA ARG C 379 23.01 29.36 32.60
C ARG C 379 23.13 30.04 31.24
N GLY C 380 22.01 30.35 30.62
CA GLY C 380 22.00 31.05 29.35
C GLY C 380 22.61 32.43 29.47
N VAL C 381 22.31 33.14 30.56
CA VAL C 381 22.87 34.48 30.76
C VAL C 381 24.38 34.39 31.06
N LYS C 382 24.72 33.49 31.99
CA LYS C 382 26.10 33.27 32.37
C LYS C 382 27.03 33.03 31.17
N GLU C 383 26.54 32.33 30.15
CA GLU C 383 27.39 31.92 29.05
C GLU C 383 27.36 32.94 27.91
N GLY C 384 26.63 34.03 28.11
CA GLY C 384 26.77 35.19 27.26
C GLY C 384 25.63 35.55 26.36
N ALA C 385 24.51 34.83 26.47
CA ALA C 385 23.35 35.15 25.64
C ALA C 385 22.66 36.41 26.19
N THR C 386 22.00 37.15 25.32
CA THR C 386 21.22 38.32 25.73
C THR C 386 19.77 37.97 26.15
N LEU C 387 19.47 38.17 27.43
CA LEU C 387 18.12 38.02 27.97
C LEU C 387 17.28 39.25 27.64
N VAL C 388 16.37 39.12 26.67
CA VAL C 388 15.48 40.23 26.26
C VAL C 388 14.17 40.31 27.06
N CYS C 389 13.54 39.16 27.33
CA CYS C 389 12.36 39.08 28.24
C CYS C 389 12.48 37.89 29.16
N GLY C 390 11.98 38.06 30.38
CA GLY C 390 11.66 36.95 31.23
C GLY C 390 12.84 36.33 31.91
N GLY C 391 12.91 35.00 31.87
CA GLY C 391 14.01 34.26 32.48
C GLY C 391 13.78 33.92 33.93
N ASN C 392 12.64 34.28 34.48
CA ASN C 392 12.39 33.94 35.89
C ASN C 392 10.98 33.47 36.23
N GLN C 393 10.83 32.90 37.42
CA GLN C 393 9.53 32.55 37.96
C GLN C 393 8.65 33.80 38.09
N VAL C 394 7.39 33.72 37.70
CA VAL C 394 6.47 34.83 37.94
C VAL C 394 6.14 34.83 39.43
N PRO C 395 6.32 35.98 40.11
CA PRO C 395 5.92 36.06 41.52
C PRO C 395 4.38 36.01 41.61
N ARG C 396 3.88 34.87 42.09
CA ARG C 396 2.46 34.62 42.29
C ARG C 396 2.44 33.18 42.74
N PRO C 397 1.37 32.76 43.44
CA PRO C 397 1.38 31.37 43.89
C PRO C 397 1.38 30.38 42.71
N GLY C 398 1.79 29.15 42.97
CA GLY C 398 1.91 28.14 41.95
C GLY C 398 3.26 28.22 41.26
N PHE C 399 3.35 27.66 40.04
CA PHE C 399 4.62 27.53 39.36
C PHE C 399 4.63 28.17 37.98
N PHE C 400 4.41 29.48 37.94
CA PHE C 400 4.43 30.20 36.68
C PHE C 400 5.85 30.66 36.37
N PHE C 401 6.19 30.59 35.08
CA PHE C 401 7.48 31.02 34.59
C PHE C 401 7.23 32.06 33.50
N GLN C 402 8.01 33.15 33.52
CA GLN C 402 7.84 34.28 32.60
C GLN C 402 8.19 33.83 31.19
N PRO C 403 7.34 34.15 30.20
CA PRO C 403 7.74 33.87 28.83
C PRO C 403 9.06 34.60 28.49
N THR C 404 10.02 33.86 27.91
CA THR C 404 11.39 34.29 27.86
C THR C 404 11.90 34.38 26.43
N VAL C 405 12.71 35.41 26.19
CA VAL C 405 13.35 35.60 24.89
C VAL C 405 14.87 35.79 25.10
N PHE C 406 15.66 35.01 24.37
CA PHE C 406 17.12 35.09 24.38
C PHE C 406 17.55 35.45 22.96
N THR C 407 18.45 36.42 22.82
CA THR C 407 19.09 36.71 21.53
C THR C 407 20.61 36.52 21.67
N ASP C 408 21.35 36.72 20.58
CA ASP C 408 22.82 36.60 20.58
C ASP C 408 23.20 35.22 21.09
N VAL C 409 22.41 34.23 20.70
CA VAL C 409 22.70 32.84 21.05
C VAL C 409 23.65 32.30 20.01
N GLU C 410 24.69 31.61 20.47
CA GLU C 410 25.72 31.11 19.56
C GLU C 410 25.79 29.60 19.65
N ASP C 411 26.25 28.97 18.57
CA ASP C 411 26.11 27.50 18.39
C ASP C 411 26.75 26.64 19.48
N HIS C 412 27.78 27.14 20.17
CA HIS C 412 28.49 26.37 21.23
C HIS C 412 27.79 26.47 22.59
N MET C 413 26.84 27.38 22.72
CA MET C 413 26.21 27.57 24.01
C MET C 413 25.34 26.39 24.44
N TYR C 414 25.28 26.19 25.73
CA TYR C 414 24.42 25.20 26.34
C TYR C 414 22.96 25.35 25.88
N ILE C 415 22.44 26.59 25.87
CA ILE C 415 21.03 26.78 25.54
C ILE C 415 20.80 26.64 24.03
N ALA C 416 21.86 26.57 23.26
CA ALA C 416 21.75 26.23 21.83
C ALA C 416 21.72 24.70 21.62
N LYS C 417 22.02 23.94 22.66
CA LYS C 417 22.13 22.49 22.54
C LYS C 417 21.09 21.73 23.33
N GLU C 418 20.73 22.25 24.50
CA GLU C 418 19.87 21.53 25.44
C GLU C 418 18.42 21.96 25.33
N GLU C 419 17.51 20.99 25.50
CA GLU C 419 16.07 21.20 25.37
C GLU C 419 15.56 21.78 26.68
N SER C 420 14.95 22.95 26.63
CA SER C 420 14.43 23.56 27.88
C SER C 420 13.10 22.94 28.31
N PHE C 421 12.27 22.58 27.32
CA PHE C 421 10.89 22.16 27.56
C PHE C 421 10.11 23.23 28.34
N GLY C 422 10.49 24.50 28.14
CA GLY C 422 9.82 25.62 28.77
C GLY C 422 9.59 26.72 27.76
N PRO C 423 8.94 27.82 28.19
CA PRO C 423 8.55 28.90 27.30
C PRO C 423 9.74 29.87 27.05
N ILE C 424 10.73 29.39 26.32
CA ILE C 424 12.02 30.09 26.16
C ILE C 424 12.41 30.13 24.70
N MET C 425 12.23 31.30 24.10
CA MET C 425 12.56 31.52 22.72
C MET C 425 14.07 31.79 22.57
N ILE C 426 14.73 31.02 21.73
CA ILE C 426 16.20 31.00 21.67
C ILE C 426 16.65 31.34 20.25
N ILE C 427 17.01 32.62 20.04
CA ILE C 427 17.17 33.17 18.71
C ILE C 427 18.64 33.36 18.28
N SER C 428 18.99 32.88 17.08
CA SER C 428 20.26 33.18 16.45
C SER C 428 20.01 33.82 15.10
N ARG C 429 20.90 34.76 14.74
CA ARG C 429 20.95 35.35 13.39
C ARG C 429 21.62 34.36 12.47
N PHE C 430 21.32 34.47 11.18
CA PHE C 430 22.13 33.83 10.16
C PHE C 430 22.25 34.78 8.97
N ALA C 431 23.28 34.56 8.15
CA ALA C 431 23.68 35.53 7.14
C ALA C 431 22.74 35.54 5.96
N ASP C 432 22.44 36.74 5.50
CA ASP C 432 21.61 36.94 4.34
C ASP C 432 22.09 36.08 3.19
N GLY C 433 21.14 35.47 2.50
CA GLY C 433 21.45 34.64 1.33
C GLY C 433 22.32 33.43 1.61
N ASP C 434 22.50 33.05 2.87
CA ASP C 434 23.15 31.77 3.16
C ASP C 434 22.01 30.75 3.36
N VAL C 435 22.19 29.53 2.88
CA VAL C 435 21.16 28.51 3.05
C VAL C 435 21.80 27.27 3.64
N ASP C 436 22.77 26.69 2.93
CA ASP C 436 23.55 25.55 3.43
C ASP C 436 24.22 25.80 4.76
N ALA C 437 24.66 27.02 5.00
CA ALA C 437 25.32 27.32 6.27
C ALA C 437 24.32 27.25 7.43
N VAL C 438 23.16 27.89 7.29
CA VAL C 438 22.13 27.77 8.34
C VAL C 438 21.67 26.30 8.51
N LEU C 439 21.48 25.56 7.42
CA LEU C 439 21.13 24.14 7.52
C LEU C 439 22.11 23.34 8.36
N SER C 440 23.40 23.59 8.13
CA SER C 440 24.47 22.93 8.88
C SER C 440 24.32 23.18 10.36
N ARG C 441 24.02 24.41 10.73
CA ARG C 441 23.89 24.74 12.15
C ARG C 441 22.60 24.13 12.73
N ALA C 442 21.53 24.11 11.92
CA ALA C 442 20.24 23.57 12.34
C ALA C 442 20.36 22.05 12.54
N ASN C 443 21.18 21.41 11.71
CA ASN C 443 21.41 19.95 11.80
C ASN C 443 22.49 19.45 12.79
N ALA C 444 23.21 20.40 13.40
N ALA C 444 23.24 20.35 13.44
CA ALA C 444 24.32 20.12 14.31
CA ALA C 444 24.43 19.92 14.22
C ALA C 444 23.85 19.88 15.73
C ALA C 444 24.17 19.08 15.49
N THR C 445 22.91 18.95 15.85
CA THR C 445 22.46 18.39 17.12
C THR C 445 22.33 16.87 16.93
N GLU C 446 22.40 16.11 18.03
CA GLU C 446 22.11 14.67 17.99
C GLU C 446 20.60 14.39 18.08
N PHE C 447 19.81 15.43 18.34
CA PHE C 447 18.37 15.35 18.27
C PHE C 447 17.86 15.42 16.81
N GLY C 448 16.62 15.04 16.58
CA GLY C 448 16.06 15.05 15.22
C GLY C 448 14.57 14.84 15.21
N LEU C 449 13.85 15.54 16.07
CA LEU C 449 12.43 15.31 16.22
C LEU C 449 11.58 16.14 15.23
N ALA C 450 11.72 17.46 15.30
CA ALA C 450 10.97 18.35 14.45
C ALA C 450 11.85 19.50 13.93
N SER C 451 11.24 20.34 13.09
CA SER C 451 11.91 21.46 12.48
C SER C 451 10.87 22.23 11.70
N GLY C 452 11.23 23.45 11.30
CA GLY C 452 10.35 24.23 10.45
C GLY C 452 11.11 25.25 9.66
N VAL C 453 10.48 25.76 8.61
CA VAL C 453 11.06 26.81 7.80
C VAL C 453 9.95 27.77 7.37
N PHE C 454 10.20 29.08 7.52
CA PHE C 454 9.29 30.10 7.02
C PHE C 454 9.94 30.80 5.83
N THR C 455 9.27 30.72 4.68
CA THR C 455 9.73 31.36 3.47
C THR C 455 8.61 31.36 2.43
N ARG C 456 8.51 32.44 1.66
CA ARG C 456 7.56 32.50 0.53
C ARG C 456 8.11 31.84 -0.72
N ASP C 457 9.39 31.50 -0.69
CA ASP C 457 10.11 30.98 -1.86
C ASP C 457 10.02 29.44 -1.96
N ILE C 458 9.31 28.95 -2.96
CA ILE C 458 9.08 27.52 -3.11
C ILE C 458 10.38 26.69 -3.17
N ASN C 459 11.41 27.23 -3.81
CA ASN C 459 12.64 26.49 -4.00
C ASN C 459 13.42 26.32 -2.70
N LYS C 460 13.53 27.40 -1.92
CA LYS C 460 14.08 27.30 -0.57
C LYS C 460 13.29 26.35 0.31
N ALA C 461 11.96 26.45 0.27
CA ALA C 461 11.13 25.61 1.15
C ALA C 461 11.36 24.11 0.85
N LEU C 462 11.38 23.74 -0.43
CA LEU C 462 11.56 22.34 -0.83
C LEU C 462 12.97 21.84 -0.51
N TYR C 463 13.97 22.62 -0.88
CA TYR C 463 15.37 22.30 -0.59
C TYR C 463 15.63 22.15 0.92
N VAL C 464 15.15 23.11 1.70
CA VAL C 464 15.36 23.09 3.14
C VAL C 464 14.65 21.90 3.78
N SER C 465 13.45 21.58 3.29
CA SER C 465 12.73 20.44 3.85
C SER C 465 13.45 19.11 3.55
N ASP C 466 14.11 19.01 2.39
CA ASP C 466 14.92 17.83 2.04
C ASP C 466 16.10 17.67 2.99
N LYS C 467 16.74 18.78 3.33
CA LYS C 467 18.03 18.80 4.04
C LYS C 467 17.92 18.75 5.57
N LEU C 468 16.79 19.18 6.12
CA LEU C 468 16.60 19.12 7.56
C LEU C 468 16.60 17.67 8.04
N GLN C 469 17.39 17.38 9.05
CA GLN C 469 17.48 16.02 9.59
C GLN C 469 16.48 15.87 10.75
N ALA C 470 15.19 15.81 10.42
CA ALA C 470 14.17 15.80 11.46
C ALA C 470 12.97 15.03 10.97
N GLY C 471 12.29 14.34 11.87
CA GLY C 471 11.18 13.45 11.52
C GLY C 471 9.97 14.22 10.99
N THR C 472 9.86 15.48 11.37
CA THR C 472 8.79 16.33 10.88
C THR C 472 9.40 17.64 10.46
N VAL C 473 9.00 18.14 9.30
CA VAL C 473 9.34 19.49 8.85
C VAL C 473 8.05 20.30 8.60
N PHE C 474 7.87 21.39 9.34
CA PHE C 474 6.78 22.30 9.04
C PHE C 474 7.23 23.38 8.07
N ILE C 475 6.36 23.72 7.13
CA ILE C 475 6.62 24.78 6.17
C ILE C 475 5.51 25.84 6.26
N ASN C 476 5.90 27.04 6.70
CA ASN C 476 4.99 28.16 6.87
C ASN C 476 3.87 27.90 7.85
N THR C 477 4.16 27.05 8.82
CA THR C 477 3.26 26.78 9.94
C THR C 477 4.12 26.16 11.02
N TYR C 478 3.52 25.83 12.15
CA TYR C 478 4.24 25.14 13.21
C TYR C 478 3.24 24.49 14.16
N ASN C 479 3.64 23.39 14.79
CA ASN C 479 2.76 22.65 15.70
C ASN C 479 1.54 22.06 15.00
N LYS C 480 1.62 21.92 13.68
CA LYS C 480 0.50 21.40 12.92
C LYS C 480 0.59 19.87 12.90
N THR C 481 0.28 19.24 14.03
CA THR C 481 0.20 17.79 14.03
C THR C 481 -1.21 17.36 13.62
N ASP C 482 -1.34 16.10 13.23
CA ASP C 482 -2.65 15.60 12.81
C ASP C 482 -2.66 14.11 13.08
N VAL C 483 -3.81 13.60 13.50
CA VAL C 483 -3.91 12.18 13.88
C VAL C 483 -3.56 11.23 12.71
N ALA C 484 -3.68 11.72 11.47
CA ALA C 484 -3.35 10.90 10.29
C ALA C 484 -1.88 11.04 9.86
N ALA C 485 -1.17 11.99 10.46
CA ALA C 485 0.20 12.30 10.04
C ALA C 485 1.23 11.73 11.04
N PRO C 486 2.07 10.78 10.59
CA PRO C 486 2.96 10.08 11.52
C PRO C 486 3.97 11.03 12.19
N PHE C 487 4.19 10.80 13.47
CA PHE C 487 5.06 11.65 14.28
C PHE C 487 6.12 10.80 15.03
N GLY C 488 7.40 11.13 14.83
CA GLY C 488 8.49 10.40 15.47
C GLY C 488 9.84 10.96 15.10
N GLY C 489 10.86 10.56 15.85
CA GLY C 489 12.18 11.19 15.71
C GLY C 489 13.19 10.41 14.91
N PHE C 490 14.25 11.11 14.52
CA PHE C 490 15.45 10.52 13.95
C PHE C 490 16.57 10.60 14.98
N LYS C 491 17.69 9.92 14.72
CA LYS C 491 18.90 10.05 15.57
C LYS C 491 18.55 9.78 17.03
N GLN C 492 19.00 10.62 17.95
CA GLN C 492 18.75 10.39 19.38
C GLN C 492 17.35 10.84 19.87
N SER C 493 16.52 11.30 18.93
CA SER C 493 15.12 11.55 19.24
C SER C 493 14.31 10.24 19.23
N GLY C 494 14.96 9.17 18.79
CA GLY C 494 14.38 7.83 18.93
C GLY C 494 13.95 7.25 17.59
N PHE C 495 12.85 6.49 17.62
CA PHE C 495 12.37 5.78 16.42
C PHE C 495 10.97 5.25 16.62
N GLY C 496 10.30 4.93 15.51
CA GLY C 496 8.89 4.55 15.55
C GLY C 496 8.01 5.79 15.51
N LYS C 497 6.77 5.59 15.10
CA LYS C 497 5.83 6.69 14.93
C LYS C 497 4.64 6.50 15.85
N ASP C 498 4.15 7.61 16.37
CA ASP C 498 2.79 7.71 16.84
C ASP C 498 2.00 8.44 15.75
N LEU C 499 0.70 8.15 15.69
CA LEU C 499 -0.22 8.71 14.71
C LEU C 499 0.00 8.18 13.30
N GLY C 500 -1.06 8.26 12.49
CA GLY C 500 -0.99 7.78 11.13
C GLY C 500 -1.05 6.27 11.04
N GLU C 501 -1.18 5.80 9.81
CA GLU C 501 -1.10 4.38 9.53
C GLU C 501 0.20 3.79 10.10
N ALA C 502 1.31 4.51 9.93
CA ALA C 502 2.63 4.02 10.38
C ALA C 502 2.69 3.63 11.86
N ALA C 503 1.92 4.30 12.72
CA ALA C 503 1.88 3.96 14.15
C ALA C 503 1.46 2.49 14.40
N LEU C 504 0.63 1.95 13.51
CA LEU C 504 0.05 0.63 13.69
C LEU C 504 1.11 -0.44 13.63
N ASN C 505 2.14 -0.19 12.82
CA ASN C 505 3.19 -1.16 12.60
C ASN C 505 4.06 -1.46 13.84
N GLU C 506 4.12 -0.53 14.79
CA GLU C 506 4.76 -0.77 16.07
C GLU C 506 3.96 -1.76 16.91
N TYR C 507 2.67 -1.92 16.59
CA TYR C 507 1.78 -2.70 17.43
C TYR C 507 1.26 -3.96 16.74
N LEU C 508 1.86 -4.30 15.62
CA LEU C 508 1.48 -5.50 14.87
C LEU C 508 2.71 -6.33 14.59
N ARG C 509 2.52 -7.63 14.38
CA ARG C 509 3.58 -8.49 13.85
C ARG C 509 3.07 -9.10 12.54
N ILE C 510 3.98 -9.58 11.71
CA ILE C 510 3.62 -10.14 10.43
C ILE C 510 3.95 -11.63 10.42
N LYS C 511 2.96 -12.47 10.15
CA LYS C 511 3.18 -13.91 10.04
C LYS C 511 3.15 -14.27 8.56
N THR C 512 4.18 -14.94 8.08
CA THR C 512 4.20 -15.39 6.70
C THR C 512 3.73 -16.82 6.72
N VAL C 513 2.79 -17.13 5.82
CA VAL C 513 2.23 -18.46 5.73
C VAL C 513 2.41 -18.96 4.30
N THR C 514 3.12 -20.06 4.13
CA THR C 514 3.47 -20.55 2.81
C THR C 514 2.99 -22.00 2.64
N PHE C 515 2.08 -22.19 1.69
CA PHE C 515 1.54 -23.49 1.33
C PHE C 515 2.26 -24.07 0.12
N GLU C 516 2.36 -25.38 0.08
CA GLU C 516 2.62 -26.07 -1.19
C GLU C 516 1.41 -26.95 -1.48
N TYR C 517 0.96 -26.96 -2.72
CA TYR C 517 -0.15 -27.80 -3.13
C TYR C 517 0.00 -28.32 -4.57
N VAL D 20 45.75 -3.38 -8.18
CA VAL D 20 46.07 -4.85 -8.09
C VAL D 20 45.88 -5.40 -6.66
N ILE D 21 45.05 -6.45 -6.54
CA ILE D 21 44.66 -7.03 -5.26
C ILE D 21 45.44 -8.32 -4.98
N ASN D 22 45.88 -8.50 -3.73
CA ASN D 22 46.48 -9.76 -3.28
C ASN D 22 45.44 -10.86 -3.08
N TYR D 23 45.74 -12.05 -3.60
CA TYR D 23 44.84 -13.19 -3.52
C TYR D 23 45.52 -14.38 -2.86
N VAL D 24 44.70 -15.23 -2.24
CA VAL D 24 45.10 -16.59 -1.96
C VAL D 24 44.59 -17.38 -3.15
N GLU D 25 45.51 -18.01 -3.88
CA GLU D 25 45.17 -18.78 -5.07
C GLU D 25 45.05 -20.25 -4.69
N LYS D 26 44.01 -20.91 -5.20
CA LYS D 26 43.83 -22.32 -4.93
C LYS D 26 43.17 -23.03 -6.12
N ALA D 27 43.86 -24.04 -6.65
CA ALA D 27 43.29 -24.87 -7.71
C ALA D 27 42.48 -25.99 -7.07
N VAL D 28 41.17 -25.97 -7.30
CA VAL D 28 40.26 -26.94 -6.68
C VAL D 28 38.91 -26.86 -7.36
N ASN D 29 38.23 -28.01 -7.45
CA ASN D 29 36.94 -28.10 -8.13
C ASN D 29 37.00 -27.68 -9.61
N LYS D 30 38.15 -27.88 -10.24
CA LYS D 30 38.38 -27.55 -11.66
C LYS D 30 38.33 -26.03 -11.95
N LEU D 31 38.67 -25.25 -10.93
CA LEU D 31 38.69 -23.80 -11.01
C LEU D 31 39.98 -23.33 -10.39
N THR D 32 40.38 -22.10 -10.72
CA THR D 32 41.42 -21.42 -9.98
C THR D 32 40.73 -20.33 -9.17
N LEU D 33 40.66 -20.54 -7.87
CA LEU D 33 40.05 -19.60 -6.97
C LEU D 33 41.03 -18.47 -6.74
N GLN D 34 40.53 -17.23 -6.71
CA GLN D 34 41.32 -16.07 -6.35
C GLN D 34 40.58 -15.38 -5.22
N MET D 35 41.10 -15.54 -4.01
CA MET D 35 40.39 -15.16 -2.80
C MET D 35 41.06 -14.00 -2.10
N PRO D 36 40.37 -12.85 -2.05
CA PRO D 36 40.93 -11.78 -1.19
C PRO D 36 40.90 -12.22 0.28
N TYR D 37 41.80 -11.66 1.09
CA TYR D 37 41.95 -12.12 2.47
C TYR D 37 42.14 -10.93 3.41
N GLN D 38 42.12 -9.72 2.85
CA GLN D 38 42.33 -8.49 3.63
C GLN D 38 41.04 -7.79 4.03
N LEU D 39 41.12 -6.81 4.91
CA LEU D 39 39.98 -5.93 5.18
C LEU D 39 39.58 -5.22 3.91
N PHE D 40 38.30 -4.88 3.77
CA PHE D 40 37.82 -4.11 2.63
C PHE D 40 37.31 -2.78 3.15
N ILE D 41 38.07 -1.72 2.87
CA ILE D 41 37.74 -0.38 3.39
C ILE D 41 37.91 0.70 2.33
N GLY D 42 36.87 1.50 2.16
CA GLY D 42 36.89 2.63 1.24
C GLY D 42 37.29 2.20 -0.15
N GLY D 43 36.84 1.00 -0.55
CA GLY D 43 37.03 0.54 -1.91
C GLY D 43 38.38 -0.11 -2.14
N GLU D 44 39.10 -0.43 -1.07
CA GLU D 44 40.36 -1.12 -1.25
C GLU D 44 40.65 -2.17 -0.19
N PHE D 45 41.35 -3.22 -0.61
CA PHE D 45 41.79 -4.24 0.32
C PHE D 45 43.07 -3.82 1.02
N VAL D 46 43.02 -3.79 2.35
CA VAL D 46 44.13 -3.30 3.16
C VAL D 46 44.33 -4.23 4.35
N ASP D 47 45.57 -4.29 4.85
CA ASP D 47 45.88 -5.04 6.08
C ASP D 47 45.21 -4.35 7.25
N ALA D 48 44.91 -5.13 8.29
CA ALA D 48 44.46 -4.58 9.56
C ALA D 48 45.60 -3.82 10.25
N GLU D 49 45.23 -3.02 11.25
CA GLU D 49 46.20 -2.37 12.11
C GLU D 49 47.22 -3.40 12.62
N GLY D 50 48.51 -3.09 12.46
CA GLY D 50 49.58 -3.95 13.00
C GLY D 50 49.74 -5.23 12.19
N SER D 51 49.15 -5.27 11.01
CA SER D 51 49.16 -6.45 10.14
C SER D 51 48.69 -7.76 10.79
N LYS D 52 47.88 -7.65 11.83
CA LYS D 52 47.36 -8.82 12.53
C LYS D 52 46.48 -9.69 11.63
N THR D 53 46.57 -11.00 11.84
CA THR D 53 45.81 -11.97 11.05
C THR D 53 45.33 -13.11 11.95
N TYR D 54 44.54 -14.00 11.36
CA TYR D 54 44.05 -15.19 12.03
C TYR D 54 43.79 -16.22 10.95
N ASN D 55 43.64 -17.48 11.33
CA ASN D 55 43.43 -18.54 10.37
C ASN D 55 41.97 -18.88 10.19
N THR D 56 41.59 -19.12 8.94
CA THR D 56 40.29 -19.67 8.67
C THR D 56 40.46 -21.16 8.33
N ILE D 57 39.63 -22.00 8.93
CA ILE D 57 39.80 -23.46 8.91
C ILE D 57 38.81 -24.17 7.98
N ASN D 58 39.34 -25.04 7.13
CA ASN D 58 38.52 -25.90 6.25
C ASN D 58 37.88 -27.05 7.09
N PRO D 59 36.55 -27.06 7.23
CA PRO D 59 35.96 -28.05 8.13
C PRO D 59 35.96 -29.49 7.59
N THR D 60 36.33 -29.67 6.33
CA THR D 60 36.39 -31.01 5.73
C THR D 60 37.59 -31.82 6.27
N ASP D 61 38.67 -31.12 6.66
CA ASP D 61 39.90 -31.80 7.08
C ASP D 61 40.64 -31.06 8.17
N GLY D 62 40.09 -29.97 8.66
CA GLY D 62 40.73 -29.24 9.73
C GLY D 62 41.95 -28.42 9.34
N SER D 63 42.27 -28.37 8.04
CA SER D 63 43.44 -27.60 7.60
C SER D 63 43.16 -26.09 7.58
N VAL D 64 44.23 -25.31 7.65
CA VAL D 64 44.17 -23.87 7.48
C VAL D 64 44.00 -23.58 5.99
N ILE D 65 42.93 -22.86 5.64
CA ILE D 65 42.75 -22.44 4.24
C ILE D 65 43.75 -21.34 3.93
N CYS D 66 43.87 -20.37 4.84
CA CYS D 66 44.71 -19.21 4.63
C CYS D 66 44.60 -18.30 5.83
N GLN D 67 45.43 -17.26 5.84
CA GLN D 67 45.42 -16.22 6.88
C GLN D 67 44.51 -15.08 6.41
N VAL D 68 43.78 -14.47 7.33
CA VAL D 68 42.86 -13.36 6.99
C VAL D 68 43.11 -12.21 7.93
N SER D 69 43.10 -10.98 7.43
CA SER D 69 43.25 -9.83 8.32
C SER D 69 42.24 -9.87 9.47
N LEU D 70 42.71 -9.42 10.63
CA LEU D 70 41.96 -9.41 11.86
C LEU D 70 41.68 -7.95 12.24
N ALA D 71 40.50 -7.44 11.88
CA ALA D 71 40.15 -6.02 12.10
C ALA D 71 40.32 -5.60 13.55
N GLN D 72 40.84 -4.40 13.75
CA GLN D 72 40.96 -3.80 15.10
C GLN D 72 40.03 -2.59 15.25
N VAL D 73 39.92 -2.06 16.46
CA VAL D 73 39.06 -0.90 16.73
C VAL D 73 39.31 0.24 15.72
N SER D 74 40.58 0.53 15.44
CA SER D 74 40.91 1.64 14.54
C SER D 74 40.44 1.36 13.10
N ASP D 75 40.44 0.09 12.72
CA ASP D 75 39.91 -0.35 11.43
C ASP D 75 38.37 -0.17 11.32
N VAL D 76 37.65 -0.46 12.39
CA VAL D 76 36.22 -0.22 12.43
C VAL D 76 35.96 1.27 12.19
N ASP D 77 36.65 2.13 12.96
CA ASP D 77 36.49 3.57 12.81
C ASP D 77 36.77 4.00 11.37
N LYS D 78 37.78 3.41 10.74
CA LYS D 78 38.07 3.75 9.37
C LYS D 78 36.96 3.34 8.41
N ALA D 79 36.39 2.15 8.65
CA ALA D 79 35.33 1.61 7.84
C ALA D 79 34.08 2.49 7.95
N VAL D 80 33.75 2.85 9.19
CA VAL D 80 32.63 3.71 9.46
C VAL D 80 32.83 5.08 8.82
N ALA D 81 34.05 5.62 8.89
CA ALA D 81 34.32 6.94 8.29
C ALA D 81 34.16 6.91 6.77
N ALA D 82 34.69 5.87 6.14
CA ALA D 82 34.47 5.65 4.72
C ALA D 82 32.96 5.53 4.38
N ALA D 83 32.20 4.80 5.19
CA ALA D 83 30.78 4.61 4.90
C ALA D 83 30.05 5.95 5.01
N LYS D 84 30.38 6.68 6.06
CA LYS D 84 29.82 7.98 6.32
C LYS D 84 30.09 8.95 5.15
N GLU D 85 31.33 8.98 4.67
CA GLU D 85 31.73 9.87 3.59
C GLU D 85 30.99 9.47 2.31
N ALA D 86 30.98 8.17 2.02
CA ALA D 86 30.27 7.67 0.85
C ALA D 86 28.77 8.06 0.85
N PHE D 87 28.15 8.04 2.03
CA PHE D 87 26.74 8.43 2.18
C PHE D 87 26.57 9.93 2.05
N GLU D 88 27.35 10.68 2.82
CA GLU D 88 27.15 12.12 2.93
C GLU D 88 27.58 12.91 1.70
N ASN D 89 28.70 12.52 1.08
CA ASN D 89 29.30 13.31 0.00
C ASN D 89 29.57 12.54 -1.28
N GLY D 90 29.63 11.21 -1.18
CA GLY D 90 29.97 10.37 -2.33
C GLY D 90 28.82 10.23 -3.30
N LEU D 91 29.10 9.60 -4.43
CA LEU D 91 28.16 9.38 -5.50
C LEU D 91 26.86 8.62 -5.09
N TRP D 92 26.96 7.66 -4.17
CA TRP D 92 25.82 6.83 -3.79
C TRP D 92 24.67 7.67 -3.25
N GLY D 93 25.01 8.77 -2.59
CA GLY D 93 24.00 9.64 -1.97
C GLY D 93 23.40 10.65 -2.93
N LYS D 94 23.90 10.68 -4.17
CA LYS D 94 23.50 11.67 -5.17
C LYS D 94 22.74 11.06 -6.34
N ILE D 95 23.07 9.83 -6.71
CA ILE D 95 22.46 9.25 -7.89
C ILE D 95 20.95 9.02 -7.71
N ASN D 96 20.23 8.85 -8.81
CA ASN D 96 18.83 8.46 -8.79
C ASN D 96 18.61 7.07 -8.15
N ALA D 97 17.47 6.89 -7.50
CA ALA D 97 17.07 5.60 -6.97
C ALA D 97 17.12 4.57 -8.10
N ARG D 98 16.66 4.96 -9.29
CA ARG D 98 16.66 4.08 -10.45
C ARG D 98 18.07 3.57 -10.77
N ASP D 99 19.07 4.45 -10.62
CA ASP D 99 20.44 4.17 -11.00
C ASP D 99 21.15 3.41 -9.88
N ARG D 100 20.74 3.66 -8.64
CA ARG D 100 21.15 2.84 -7.52
C ARG D 100 20.68 1.41 -7.80
N GLY D 101 19.44 1.27 -8.27
CA GLY D 101 18.90 -0.02 -8.67
C GLY D 101 19.70 -0.73 -9.77
N ARG D 102 20.08 0.03 -10.81
CA ARG D 102 20.93 -0.49 -11.91
C ARG D 102 22.25 -1.07 -11.38
N LEU D 103 22.87 -0.37 -10.44
CA LEU D 103 24.13 -0.82 -9.86
C LEU D 103 23.96 -2.13 -9.09
N LEU D 104 22.87 -2.26 -8.32
CA LEU D 104 22.57 -3.49 -7.60
C LEU D 104 22.23 -4.65 -8.54
N TYR D 105 21.53 -4.39 -9.65
CA TYR D 105 21.28 -5.43 -10.64
C TYR D 105 22.62 -5.89 -11.19
C TYR D 105 22.54 -5.87 -11.40
N ARG D 106 23.47 -4.93 -11.57
CA ARG D 106 24.78 -5.21 -12.14
C ARG D 106 25.58 -6.06 -11.14
N LEU D 107 25.52 -5.68 -9.85
CA LEU D 107 26.16 -6.47 -8.83
C LEU D 107 25.67 -7.94 -8.84
N ALA D 108 24.35 -8.13 -8.94
CA ALA D 108 23.81 -9.48 -9.06
C ALA D 108 24.37 -10.22 -10.28
N ASP D 109 24.51 -9.51 -11.40
CA ASP D 109 25.03 -10.13 -12.63
C ASP D 109 26.46 -10.59 -12.45
N VAL D 110 27.25 -9.76 -11.78
CA VAL D 110 28.63 -10.08 -11.50
C VAL D 110 28.72 -11.32 -10.60
N MET D 111 27.93 -11.36 -9.53
CA MET D 111 27.84 -12.55 -8.69
C MET D 111 27.46 -13.79 -9.53
N GLU D 112 26.52 -13.63 -10.45
CA GLU D 112 26.16 -14.75 -11.31
C GLU D 112 27.35 -15.26 -12.17
N GLN D 113 28.12 -14.31 -12.72
CA GLN D 113 29.30 -14.62 -13.53
C GLN D 113 30.36 -15.36 -12.69
N HIS D 114 30.35 -15.10 -11.39
CA HIS D 114 31.28 -15.76 -10.48
C HIS D 114 30.63 -16.89 -9.64
N GLN D 115 29.50 -17.43 -10.08
CA GLN D 115 28.70 -18.31 -9.22
C GLN D 115 29.40 -19.61 -8.79
N GLU D 116 30.13 -20.24 -9.72
CA GLU D 116 30.86 -21.49 -9.42
C GLU D 116 31.97 -21.21 -8.43
N GLU D 117 32.67 -20.10 -8.65
CA GLU D 117 33.76 -19.72 -7.76
C GLU D 117 33.26 -19.40 -6.34
N LEU D 118 32.17 -18.66 -6.23
CA LEU D 118 31.60 -18.33 -4.90
C LEU D 118 31.13 -19.60 -4.19
N ALA D 119 30.44 -20.46 -4.92
CA ALA D 119 29.97 -21.73 -4.36
C ALA D 119 31.16 -22.59 -3.85
N THR D 120 32.29 -22.58 -4.58
CA THR D 120 33.48 -23.33 -4.17
C THR D 120 34.11 -22.72 -2.93
N ILE D 121 34.19 -21.39 -2.86
CA ILE D 121 34.72 -20.75 -1.67
C ILE D 121 33.84 -21.07 -0.46
N GLU D 122 32.53 -21.08 -0.65
CA GLU D 122 31.60 -21.42 0.43
C GLU D 122 31.74 -22.90 0.85
N ALA D 123 31.94 -23.78 -0.13
CA ALA D 123 32.24 -25.17 0.15
C ALA D 123 33.49 -25.30 1.07
N LEU D 124 34.58 -24.65 0.70
CA LEU D 124 35.81 -24.67 1.50
C LEU D 124 35.64 -24.06 2.86
N ASP D 125 34.99 -22.89 2.91
CA ASP D 125 34.98 -22.07 4.14
C ASP D 125 33.93 -22.52 5.16
N ALA D 126 32.77 -22.96 4.67
CA ALA D 126 31.63 -23.24 5.54
C ALA D 126 31.18 -24.71 5.51
N GLY D 127 31.81 -25.48 4.62
CA GLY D 127 31.47 -26.89 4.48
C GLY D 127 30.19 -27.09 3.70
N ALA D 128 29.72 -26.05 3.01
CA ALA D 128 28.50 -26.15 2.24
C ALA D 128 28.71 -27.12 1.08
N VAL D 129 27.79 -28.06 0.93
CA VAL D 129 27.84 -28.98 -0.16
C VAL D 129 27.71 -28.20 -1.47
N TYR D 130 28.68 -28.39 -2.36
CA TYR D 130 28.80 -27.57 -3.55
C TYR D 130 27.50 -27.41 -4.34
N THR D 131 26.79 -28.51 -4.59
CA THR D 131 25.57 -28.42 -5.40
C THR D 131 24.49 -27.59 -4.70
N LEU D 132 24.44 -27.68 -3.37
CA LEU D 132 23.56 -26.85 -2.59
C LEU D 132 24.05 -25.40 -2.53
N ALA D 133 25.35 -25.21 -2.34
CA ALA D 133 25.93 -23.88 -2.30
C ALA D 133 25.63 -23.08 -3.59
N LEU D 134 25.62 -23.78 -4.72
CA LEU D 134 25.38 -23.16 -6.01
C LEU D 134 23.91 -22.76 -6.15
N LYS D 135 23.02 -23.67 -5.78
CA LYS D 135 21.59 -23.47 -5.90
C LYS D 135 21.05 -22.49 -4.84
N THR D 136 21.55 -22.59 -3.61
CA THR D 136 21.01 -21.86 -2.47
C THR D 136 21.93 -20.75 -1.93
N HIS D 137 23.05 -21.10 -1.29
CA HIS D 137 23.94 -20.07 -0.72
C HIS D 137 24.19 -18.93 -1.71
N VAL D 138 24.46 -19.30 -2.97
CA VAL D 138 24.87 -18.37 -4.01
C VAL D 138 23.66 -17.96 -4.84
N GLY D 139 22.91 -18.96 -5.34
CA GLY D 139 21.75 -18.73 -6.21
C GLY D 139 20.70 -17.79 -5.61
N MET D 140 20.37 -18.00 -4.34
CA MET D 140 19.43 -17.13 -3.64
C MET D 140 20.01 -15.73 -3.37
N SER D 141 21.33 -15.67 -3.14
CA SER D 141 22.01 -14.39 -2.99
C SER D 141 21.84 -13.53 -4.24
N ILE D 142 21.98 -14.15 -5.41
CA ILE D 142 21.81 -13.47 -6.68
C ILE D 142 20.35 -12.98 -6.82
N GLN D 143 19.40 -13.87 -6.58
CA GLN D 143 17.97 -13.53 -6.55
C GLN D 143 17.68 -12.35 -5.61
N THR D 144 18.40 -12.29 -4.49
CA THR D 144 18.16 -11.27 -3.46
C THR D 144 18.55 -9.87 -3.95
N PHE D 145 19.75 -9.77 -4.53
CA PHE D 145 20.19 -8.48 -5.09
C PHE D 145 19.29 -8.05 -6.26
N ARG D 146 18.88 -8.98 -7.12
CA ARG D 146 17.98 -8.63 -8.21
C ARG D 146 16.60 -8.18 -7.73
N TYR D 147 16.08 -8.89 -6.72
CA TYR D 147 14.77 -8.55 -6.17
C TYR D 147 14.81 -7.14 -5.59
N PHE D 148 15.75 -6.87 -4.68
CA PHE D 148 15.83 -5.55 -4.05
C PHE D 148 16.24 -4.42 -4.97
N ALA D 149 17.04 -4.70 -6.01
CA ALA D 149 17.33 -3.71 -7.06
C ALA D 149 16.03 -3.19 -7.67
N GLY D 150 15.06 -4.08 -7.83
CA GLY D 150 13.74 -3.71 -8.34
C GLY D 150 12.96 -2.75 -7.46
N TRP D 151 13.25 -2.73 -6.16
CA TRP D 151 12.53 -1.91 -5.20
C TRP D 151 12.98 -0.44 -5.18
N CYS D 152 14.24 -0.18 -5.53
CA CYS D 152 14.82 1.17 -5.37
C CYS D 152 13.90 2.29 -5.83
N ASP D 153 13.42 2.22 -7.08
CA ASP D 153 12.58 3.30 -7.59
C ASP D 153 11.09 3.08 -7.33
N LYS D 154 10.79 2.12 -6.45
CA LYS D 154 9.40 1.83 -6.09
C LYS D 154 9.12 2.03 -4.58
N ILE D 155 10.09 2.56 -3.86
CA ILE D 155 9.92 2.96 -2.46
C ILE D 155 9.25 4.33 -2.47
N GLN D 156 8.05 4.42 -1.89
CA GLN D 156 7.20 5.59 -2.02
C GLN D 156 6.68 6.03 -0.67
N GLY D 157 6.61 7.35 -0.47
CA GLY D 157 5.93 7.90 0.69
C GLY D 157 4.47 8.14 0.38
N ALA D 158 3.85 9.02 1.14
CA ALA D 158 2.41 9.23 1.05
C ALA D 158 2.03 10.71 0.94
N THR D 159 0.79 10.98 0.50
CA THR D 159 0.19 12.28 0.77
C THR D 159 -1.09 12.02 1.56
N ILE D 160 -1.33 12.82 2.59
CA ILE D 160 -2.25 12.47 3.64
C ILE D 160 -3.29 13.58 3.80
N PRO D 161 -4.58 13.21 3.85
CA PRO D 161 -5.63 14.26 3.93
C PRO D 161 -5.89 14.75 5.37
N ILE D 162 -4.95 15.53 5.91
CA ILE D 162 -5.06 16.09 7.25
C ILE D 162 -6.15 17.17 7.33
N ASN D 163 -6.59 17.48 8.55
CA ASN D 163 -7.52 18.60 8.76
C ASN D 163 -6.89 19.92 8.35
N GLN D 164 -7.68 20.76 7.69
CA GLN D 164 -7.21 22.04 7.13
C GLN D 164 -7.40 23.18 8.11
N ALA D 165 -6.34 23.97 8.28
CA ALA D 165 -6.34 25.12 9.18
C ALA D 165 -7.08 26.32 8.55
N ARG D 166 -8.41 26.18 8.40
CA ARG D 166 -9.22 27.19 7.72
C ARG D 166 -9.07 28.59 8.36
N PRO D 167 -9.07 29.67 7.54
CA PRO D 167 -9.26 29.78 6.09
C PRO D 167 -8.06 29.35 5.23
N ASN D 168 -6.99 28.87 5.85
CA ASN D 168 -5.87 28.34 5.07
C ASN D 168 -5.99 26.88 4.63
N ARG D 169 -5.00 26.43 3.87
CA ARG D 169 -4.96 25.06 3.40
C ARG D 169 -3.70 24.36 3.92
N ASN D 170 -3.72 23.02 3.95
CA ASN D 170 -2.53 22.26 4.31
C ASN D 170 -2.27 21.14 3.33
N LEU D 171 -0.98 20.90 3.10
CA LEU D 171 -0.53 19.71 2.39
C LEU D 171 0.42 18.96 3.31
N THR D 172 0.17 17.66 3.52
CA THR D 172 1.04 16.80 4.28
C THR D 172 1.49 15.63 3.42
N LEU D 173 2.80 15.41 3.38
CA LEU D 173 3.35 14.31 2.63
C LEU D 173 4.41 13.66 3.49
N THR D 174 4.78 12.43 3.12
CA THR D 174 5.90 11.78 3.75
C THR D 174 6.96 11.47 2.71
N LYS D 175 8.21 11.50 3.16
CA LYS D 175 9.34 11.12 2.35
C LYS D 175 10.02 9.93 3.02
C LYS D 175 10.05 9.94 3.02
N LYS D 176 10.28 8.87 2.25
CA LYS D 176 11.05 7.74 2.75
C LYS D 176 12.52 8.08 2.47
N GLU D 177 13.32 8.13 3.52
CA GLU D 177 14.73 8.48 3.37
C GLU D 177 15.61 7.36 3.92
N PRO D 178 16.86 7.24 3.42
CA PRO D 178 17.77 6.25 4.03
C PRO D 178 18.01 6.55 5.51
N VAL D 179 18.37 5.54 6.30
CA VAL D 179 18.79 5.80 7.69
C VAL D 179 20.22 6.32 7.78
N GLY D 180 21.06 5.97 6.81
CA GLY D 180 22.45 6.40 6.82
C GLY D 180 23.39 5.22 6.97
N VAL D 181 24.39 5.36 7.83
CA VAL D 181 25.42 4.34 7.98
C VAL D 181 24.87 3.19 8.82
N CYS D 182 24.97 1.99 8.28
CA CYS D 182 24.48 0.80 8.95
C CYS D 182 25.62 -0.15 9.23
N GLY D 183 25.53 -0.90 10.34
CA GLY D 183 26.45 -1.99 10.58
C GLY D 183 25.64 -3.26 10.46
N ILE D 184 26.16 -4.27 9.74
CA ILE D 184 25.49 -5.57 9.79
C ILE D 184 26.40 -6.72 10.26
N VAL D 185 25.84 -7.53 11.15
CA VAL D 185 26.58 -8.59 11.82
C VAL D 185 25.92 -9.91 11.48
N ILE D 186 26.70 -10.79 10.84
CA ILE D 186 26.24 -11.96 10.09
C ILE D 186 26.65 -13.24 10.86
N PRO D 187 25.81 -14.29 10.81
CA PRO D 187 26.25 -15.57 11.36
C PRO D 187 27.06 -16.41 10.33
N TRP D 188 27.48 -17.61 10.73
CA TRP D 188 28.39 -18.41 9.90
C TRP D 188 27.70 -19.48 9.09
N ASN D 189 26.40 -19.68 9.29
CA ASN D 189 25.73 -20.82 8.67
C ASN D 189 25.50 -20.70 7.18
N TYR D 190 25.11 -19.52 6.70
CA TYR D 190 25.07 -19.25 5.27
C TYR D 190 25.80 -17.95 5.02
N PRO D 191 27.14 -18.01 5.01
CA PRO D 191 27.89 -16.75 5.01
C PRO D 191 27.47 -15.76 3.91
N LEU D 192 27.53 -16.18 2.64
CA LEU D 192 27.20 -15.28 1.54
C LEU D 192 25.72 -14.90 1.53
N MET D 193 24.86 -15.86 1.87
CA MET D 193 23.42 -15.66 1.76
C MET D 193 22.90 -14.67 2.82
N MET D 194 23.27 -14.87 4.07
CA MET D 194 22.89 -13.95 5.14
C MET D 194 23.45 -12.55 4.91
N LEU D 195 24.68 -12.49 4.38
CA LEU D 195 25.25 -11.22 4.00
C LEU D 195 24.33 -10.56 2.96
N SER D 196 23.97 -11.33 1.93
CA SER D 196 23.20 -10.81 0.82
C SER D 196 21.79 -10.35 1.21
N TRP D 197 21.09 -11.16 2.01
CA TRP D 197 19.77 -10.79 2.50
C TRP D 197 19.77 -9.38 3.07
N LYS D 198 20.68 -9.13 4.02
CA LYS D 198 20.67 -7.88 4.74
C LYS D 198 21.27 -6.75 3.92
N THR D 199 22.34 -7.03 3.18
CA THR D 199 23.03 -6.01 2.42
C THR D 199 22.16 -5.52 1.26
N ALA D 200 21.49 -6.44 0.56
CA ALA D 200 20.66 -6.03 -0.57
C ALA D 200 19.57 -5.05 -0.10
N ALA D 201 18.88 -5.36 0.99
CA ALA D 201 17.83 -4.46 1.50
C ALA D 201 18.42 -3.12 1.95
N CYS D 202 19.53 -3.18 2.66
CA CYS D 202 20.22 -2.00 3.18
C CYS D 202 20.63 -1.05 2.07
N LEU D 203 21.28 -1.59 1.05
CA LEU D 203 21.78 -0.78 -0.04
C LEU D 203 20.64 -0.30 -0.92
N ALA D 204 19.63 -1.14 -1.13
CA ALA D 204 18.48 -0.75 -1.95
C ALA D 204 17.77 0.49 -1.36
N ALA D 205 17.79 0.59 -0.04
CA ALA D 205 17.16 1.72 0.65
C ALA D 205 18.07 2.96 0.62
N GLY D 206 19.25 2.84 0.01
CA GLY D 206 20.11 3.99 -0.20
C GLY D 206 21.14 4.20 0.88
N ASN D 207 21.35 3.21 1.73
CA ASN D 207 22.29 3.36 2.83
C ASN D 207 23.69 2.94 2.40
N THR D 208 24.65 3.12 3.31
CA THR D 208 25.98 2.52 3.16
C THR D 208 26.24 1.62 4.37
N VAL D 209 27.24 0.77 4.25
CA VAL D 209 27.31 -0.34 5.19
C VAL D 209 28.73 -0.76 5.60
N VAL D 210 28.85 -1.08 6.88
CA VAL D 210 30.00 -1.86 7.37
C VAL D 210 29.50 -3.26 7.77
N ILE D 211 30.04 -4.27 7.09
CA ILE D 211 29.64 -5.66 7.29
C ILE D 211 30.70 -6.40 8.10
N LYS D 212 30.22 -7.15 9.08
CA LYS D 212 31.09 -7.99 9.86
C LYS D 212 30.66 -9.44 9.74
N PRO D 213 31.36 -10.22 8.89
CA PRO D 213 31.05 -11.64 8.77
C PRO D 213 31.43 -12.39 10.04
N ALA D 214 30.89 -13.60 10.22
CA ALA D 214 31.32 -14.41 11.37
C ALA D 214 32.84 -14.57 11.24
N GLN D 215 33.57 -14.50 12.35
CA GLN D 215 35.02 -14.64 12.26
C GLN D 215 35.41 -15.93 11.56
N VAL D 216 34.68 -17.01 11.85
CA VAL D 216 34.99 -18.32 11.27
C VAL D 216 34.72 -18.45 9.76
N THR D 217 33.97 -17.53 9.17
CA THR D 217 33.61 -17.63 7.73
C THR D 217 33.72 -16.30 6.96
N PRO D 218 34.95 -15.81 6.73
CA PRO D 218 35.14 -14.49 6.09
C PRO D 218 35.24 -14.52 4.55
N LEU D 219 35.46 -15.68 3.96
CA LEU D 219 35.93 -15.72 2.57
C LEU D 219 34.95 -15.26 1.49
N THR D 220 33.71 -15.77 1.46
CA THR D 220 32.78 -15.27 0.42
C THR D 220 32.46 -13.79 0.61
N ALA D 221 32.45 -13.30 1.86
CA ALA D 221 32.25 -11.89 2.11
C ALA D 221 33.33 -11.06 1.42
N LEU D 222 34.59 -11.48 1.57
CA LEU D 222 35.73 -10.79 0.97
C LEU D 222 35.71 -10.89 -0.54
N LYS D 223 35.32 -12.04 -1.06
CA LYS D 223 35.18 -12.17 -2.51
C LYS D 223 34.04 -11.27 -3.02
N PHE D 224 32.93 -11.27 -2.28
CA PHE D 224 31.81 -10.40 -2.58
C PHE D 224 32.28 -8.95 -2.62
N ALA D 225 33.13 -8.58 -1.67
CA ALA D 225 33.69 -7.21 -1.62
C ALA D 225 34.38 -6.87 -2.94
N GLU D 226 35.17 -7.81 -3.46
CA GLU D 226 35.84 -7.61 -4.73
C GLU D 226 34.79 -7.43 -5.82
N LEU D 227 33.70 -8.19 -5.73
CA LEU D 227 32.70 -8.15 -6.78
C LEU D 227 31.98 -6.80 -6.85
N THR D 228 31.89 -6.11 -5.73
CA THR D 228 31.30 -4.78 -5.72
C THR D 228 32.15 -3.81 -6.56
N LEU D 229 33.48 -3.97 -6.50
CA LEU D 229 34.39 -3.18 -7.36
C LEU D 229 34.12 -3.44 -8.83
N LYS D 230 33.97 -4.72 -9.20
CA LYS D 230 33.67 -5.07 -10.61
C LYS D 230 32.34 -4.48 -11.06
N ALA D 231 31.36 -4.41 -10.15
CA ALA D 231 30.03 -3.91 -10.47
C ALA D 231 29.93 -2.37 -10.50
N GLY D 232 30.97 -1.69 -10.03
CA GLY D 232 31.00 -0.23 -10.01
C GLY D 232 30.30 0.40 -8.82
N ILE D 233 30.14 -0.34 -7.72
CA ILE D 233 29.59 0.25 -6.52
C ILE D 233 30.61 1.26 -6.01
N PRO D 234 30.19 2.53 -5.80
CA PRO D 234 31.13 3.58 -5.37
C PRO D 234 31.91 3.18 -4.11
N LYS D 235 33.18 3.61 -4.04
N LYS D 235 33.18 3.58 -4.04
CA LYS D 235 34.07 3.32 -2.90
CA LYS D 235 34.04 3.26 -2.90
C LYS D 235 33.44 3.78 -1.58
C LYS D 235 33.37 3.73 -1.62
N GLY D 236 33.53 2.93 -0.56
CA GLY D 236 33.01 3.26 0.77
C GLY D 236 31.57 2.87 1.05
N VAL D 237 30.82 2.49 0.01
CA VAL D 237 29.42 2.09 0.16
C VAL D 237 29.34 0.74 0.88
N VAL D 238 30.23 -0.18 0.49
CA VAL D 238 30.36 -1.49 1.14
C VAL D 238 31.74 -1.61 1.77
N ASN D 239 31.77 -1.89 3.07
CA ASN D 239 33.02 -2.09 3.81
C ASN D 239 32.88 -3.37 4.61
N ILE D 240 33.94 -4.18 4.61
CA ILE D 240 33.87 -5.53 5.18
C ILE D 240 35.04 -5.82 6.11
N LEU D 241 34.70 -6.22 7.34
CA LEU D 241 35.67 -6.34 8.40
C LEU D 241 35.69 -7.71 9.09
N PRO D 242 36.43 -8.68 8.51
CA PRO D 242 36.65 -9.94 9.24
C PRO D 242 37.25 -9.69 10.62
N GLY D 243 36.74 -10.40 11.62
CA GLY D 243 37.20 -10.22 12.99
C GLY D 243 36.16 -10.67 14.00
N SER D 244 36.46 -10.43 15.27
CA SER D 244 35.63 -10.94 16.36
C SER D 244 34.45 -10.02 16.63
N GLY D 245 33.33 -10.62 17.03
CA GLY D 245 32.16 -9.87 17.41
C GLY D 245 32.39 -9.04 18.64
N SER D 246 33.15 -9.59 19.59
CA SER D 246 33.38 -8.88 20.84
C SER D 246 34.26 -7.65 20.65
N LEU D 247 35.00 -7.61 19.53
CA LEU D 247 35.81 -6.42 19.24
C LEU D 247 35.15 -5.56 18.15
N VAL D 248 34.99 -6.13 16.94
CA VAL D 248 34.50 -5.38 15.79
C VAL D 248 32.99 -5.14 15.91
N GLY D 249 32.26 -6.21 16.21
CA GLY D 249 30.83 -6.11 16.37
C GLY D 249 30.46 -5.09 17.43
N GLN D 250 31.17 -5.17 18.56
CA GLN D 250 30.91 -4.30 19.69
C GLN D 250 31.12 -2.84 19.32
N ARG D 251 32.21 -2.54 18.61
CA ARG D 251 32.52 -1.17 18.22
C ARG D 251 31.44 -0.63 17.26
N LEU D 252 31.05 -1.44 16.28
CA LEU D 252 29.93 -1.08 15.41
C LEU D 252 28.68 -0.70 16.21
N SER D 253 28.35 -1.47 17.24
CA SER D 253 27.15 -1.19 18.03
C SER D 253 27.32 0.05 18.88
N ASP D 254 28.58 0.39 19.19
CA ASP D 254 28.87 1.53 20.06
C ASP D 254 29.08 2.82 19.28
N HIS D 255 29.34 2.69 17.99
CA HIS D 255 29.85 3.82 17.21
C HIS D 255 28.82 4.97 17.08
N PRO D 256 29.27 6.22 17.33
CA PRO D 256 28.29 7.31 17.31
C PRO D 256 27.78 7.68 15.91
N ASP D 257 28.46 7.24 14.86
CA ASP D 257 28.02 7.54 13.49
C ASP D 257 27.27 6.40 12.81
N VAL D 258 27.17 5.25 13.48
CA VAL D 258 26.35 4.15 12.96
C VAL D 258 24.92 4.43 13.46
N ARG D 259 23.94 4.34 12.58
CA ARG D 259 22.55 4.71 12.91
C ARG D 259 21.60 3.53 13.00
N LYS D 260 22.08 2.34 12.63
CA LYS D 260 21.26 1.13 12.57
C LYS D 260 22.17 -0.10 12.56
N ILE D 261 21.83 -1.07 13.40
CA ILE D 261 22.45 -2.39 13.37
C ILE D 261 21.45 -3.42 12.88
N GLY D 262 21.81 -4.16 11.85
CA GLY D 262 21.07 -5.36 11.47
C GLY D 262 21.85 -6.57 12.01
N PHE D 263 21.19 -7.36 12.87
CA PHE D 263 21.81 -8.52 13.48
C PHE D 263 21.06 -9.84 13.30
N THR D 264 21.82 -10.90 13.00
CA THR D 264 21.34 -12.30 13.03
C THR D 264 22.36 -13.18 13.79
N GLY D 265 21.88 -13.95 14.76
CA GLY D 265 22.75 -14.76 15.61
C GLY D 265 22.05 -15.29 16.85
N SER D 266 22.79 -15.54 17.92
CA SER D 266 22.23 -16.11 19.13
C SER D 266 21.44 -15.06 19.92
N THR D 267 20.51 -15.56 20.74
CA THR D 267 19.65 -14.72 21.56
C THR D 267 20.48 -13.89 22.56
N GLU D 268 21.46 -14.51 23.21
CA GLU D 268 22.28 -13.78 24.19
C GLU D 268 23.12 -12.65 23.57
N VAL D 269 23.68 -12.88 22.38
CA VAL D 269 24.43 -11.81 21.67
C VAL D 269 23.46 -10.72 21.16
N GLY D 270 22.29 -11.15 20.69
CA GLY D 270 21.22 -10.25 20.29
C GLY D 270 20.87 -9.27 21.41
N LYS D 271 20.70 -9.80 22.62
CA LYS D 271 20.33 -8.98 23.75
C LYS D 271 21.42 -7.94 24.02
N HIS D 272 22.68 -8.38 23.97
N HIS D 272 22.68 -8.33 23.98
CA HIS D 272 23.84 -7.52 24.23
CA HIS D 272 23.75 -7.39 24.30
C HIS D 272 23.93 -6.40 23.19
C HIS D 272 24.06 -6.40 23.16
N ILE D 273 23.74 -6.77 21.92
CA ILE D 273 23.79 -5.81 20.80
C ILE D 273 22.71 -4.72 20.99
N MET D 274 21.49 -5.15 21.30
CA MET D 274 20.39 -4.23 21.50
C MET D 274 20.71 -3.32 22.68
N LYS D 275 21.26 -3.90 23.74
CA LYS D 275 21.68 -3.12 24.90
C LYS D 275 22.71 -2.05 24.48
N SER D 276 23.67 -2.45 23.64
CA SER D 276 24.73 -1.55 23.19
C SER D 276 24.21 -0.45 22.27
N CYS D 277 23.20 -0.78 21.45
CA CYS D 277 22.54 0.22 20.62
C CYS D 277 21.88 1.27 21.51
N ALA D 278 21.21 0.82 22.57
CA ALA D 278 20.58 1.71 23.55
C ALA D 278 21.58 2.68 24.22
N LEU D 279 22.68 2.14 24.73
CA LEU D 279 23.59 2.89 25.59
C LEU D 279 24.46 3.89 24.85
N SER D 280 24.62 3.70 23.53
CA SER D 280 25.41 4.64 22.73
C SER D 280 24.54 5.81 22.19
N ASN D 281 23.79 5.60 21.11
CA ASN D 281 23.05 6.70 20.46
C ASN D 281 21.62 6.30 20.01
N VAL D 282 21.02 5.39 20.78
CA VAL D 282 19.74 4.75 20.41
C VAL D 282 19.62 4.44 18.93
N LYS D 283 20.69 3.88 18.37
CA LYS D 283 20.63 3.40 16.99
C LYS D 283 19.50 2.35 16.80
N LYS D 284 18.90 2.33 15.64
CA LYS D 284 17.90 1.32 15.32
C LYS D 284 18.55 -0.07 15.27
N VAL D 285 17.75 -1.09 15.55
CA VAL D 285 18.25 -2.46 15.58
C VAL D 285 17.16 -3.42 15.11
N SER D 286 17.57 -4.42 14.34
CA SER D 286 16.72 -5.58 14.04
C SER D 286 17.47 -6.83 14.48
N LEU D 287 16.70 -7.81 14.94
CA LEU D 287 17.23 -9.02 15.55
C LEU D 287 16.53 -10.27 15.00
N GLU D 288 17.33 -11.19 14.43
CA GLU D 288 16.88 -12.54 14.09
C GLU D 288 17.72 -13.50 14.93
N LEU D 289 17.07 -14.17 15.87
CA LEU D 289 17.78 -14.82 16.99
C LEU D 289 17.61 -16.33 17.13
N GLY D 290 17.34 -17.02 16.04
CA GLY D 290 17.21 -18.47 16.18
C GLY D 290 15.87 -18.89 16.78
N GLY D 291 15.73 -20.19 16.98
CA GLY D 291 14.43 -20.76 17.26
C GLY D 291 14.41 -22.21 17.70
N LYS D 292 13.24 -22.64 18.15
CA LYS D 292 12.93 -24.02 18.44
C LYS D 292 11.61 -24.30 17.73
N SER D 293 11.71 -24.42 16.42
CA SER D 293 10.57 -24.39 15.51
C SER D 293 9.83 -25.73 15.38
N PRO D 294 8.52 -25.75 15.70
CA PRO D 294 7.81 -27.03 15.70
C PRO D 294 7.26 -27.38 14.34
N LEU D 295 7.35 -28.66 14.00
CA LEU D 295 6.68 -29.19 12.82
C LEU D 295 5.66 -30.22 13.32
N ILE D 296 4.38 -29.98 13.01
CA ILE D 296 3.30 -30.85 13.44
C ILE D 296 2.82 -31.67 12.25
N ILE D 297 2.87 -33.00 12.40
CA ILE D 297 2.58 -33.93 11.30
C ILE D 297 1.38 -34.80 11.69
N PHE D 298 0.25 -34.53 11.07
CA PHE D 298 -0.97 -35.28 11.32
C PHE D 298 -1.07 -36.56 10.51
N ALA D 299 -1.87 -37.49 11.03
CA ALA D 299 -2.05 -38.83 10.45
C ALA D 299 -2.65 -38.75 9.07
N ASP D 300 -3.44 -37.71 8.81
CA ASP D 300 -4.08 -37.58 7.51
C ASP D 300 -3.19 -36.92 6.44
N CYS D 301 -1.90 -36.73 6.71
CA CYS D 301 -0.99 -36.13 5.71
C CYS D 301 -0.60 -37.14 4.64
N ASP D 302 0.14 -36.68 3.63
CA ASP D 302 0.78 -37.56 2.66
C ASP D 302 2.03 -38.03 3.35
N LEU D 303 2.05 -39.30 3.77
CA LEU D 303 3.12 -39.77 4.65
C LEU D 303 4.50 -39.73 4.01
N ASN D 304 4.59 -40.08 2.74
CA ASN D 304 5.89 -40.15 2.08
C ASN D 304 6.49 -38.76 1.92
N LYS D 305 5.63 -37.81 1.53
CA LYS D 305 6.00 -36.41 1.44
C LYS D 305 6.38 -35.83 2.81
N ALA D 306 5.67 -36.24 3.85
CA ALA D 306 5.98 -35.83 5.22
C ALA D 306 7.36 -36.32 5.64
N VAL D 307 7.73 -37.52 5.18
CA VAL D 307 9.06 -38.04 5.45
C VAL D 307 10.12 -37.19 4.72
N GLN D 308 9.93 -36.98 3.41
CA GLN D 308 10.90 -36.21 2.61
C GLN D 308 11.07 -34.79 3.14
N MET D 309 9.96 -34.10 3.39
CA MET D 309 10.02 -32.74 3.89
C MET D 309 10.42 -32.68 5.36
N GLY D 310 10.07 -33.71 6.13
CA GLY D 310 10.53 -33.84 7.53
C GLY D 310 12.04 -33.97 7.59
N MET D 311 12.58 -34.83 6.72
CA MET D 311 14.03 -34.97 6.54
C MET D 311 14.65 -33.61 6.24
N SER D 312 14.14 -32.96 5.21
CA SER D 312 14.64 -31.67 4.78
C SER D 312 14.60 -30.63 5.91
N SER D 313 13.50 -30.61 6.67
CA SER D 313 13.33 -29.65 7.76
C SER D 313 14.41 -29.71 8.83
N VAL D 314 15.03 -30.88 8.98
CA VAL D 314 16.07 -31.05 9.96
C VAL D 314 17.47 -31.02 9.33
N PHE D 315 17.65 -31.77 8.26
CA PHE D 315 18.99 -32.07 7.76
C PHE D 315 19.53 -31.10 6.72
N PHE D 316 18.66 -30.25 6.17
CA PHE D 316 19.08 -29.29 5.16
C PHE D 316 20.27 -28.47 5.65
N ASN D 317 21.29 -28.36 4.81
CA ASN D 317 22.52 -27.64 5.17
C ASN D 317 23.14 -28.13 6.49
N LYS D 318 23.24 -29.46 6.64
CA LYS D 318 23.69 -30.12 7.89
C LYS D 318 23.06 -29.53 9.16
N GLY D 319 21.77 -29.21 9.07
CA GLY D 319 21.02 -28.65 10.20
C GLY D 319 21.40 -27.24 10.62
N GLU D 320 22.37 -26.65 9.93
CA GLU D 320 22.84 -25.29 10.23
C GLU D 320 21.94 -24.28 9.49
N ASN D 321 20.75 -24.11 10.03
CA ASN D 321 19.62 -23.54 9.32
C ASN D 321 18.71 -22.86 10.35
N CYS D 322 18.63 -21.53 10.26
CA CYS D 322 17.86 -20.69 11.20
C CYS D 322 16.47 -21.25 11.43
N ILE D 323 15.85 -21.73 10.35
CA ILE D 323 14.45 -22.16 10.44
C ILE D 323 14.20 -23.67 10.55
N ALA D 324 15.27 -24.45 10.75
CA ALA D 324 15.20 -25.89 10.96
C ALA D 324 14.09 -26.22 11.95
N ALA D 325 13.35 -27.27 11.66
CA ALA D 325 12.40 -27.76 12.63
C ALA D 325 13.18 -28.37 13.81
N GLY D 326 13.05 -27.75 14.99
CA GLY D 326 13.73 -28.22 16.20
C GLY D 326 12.96 -29.27 17.00
N ARG D 327 11.71 -29.51 16.60
CA ARG D 327 10.83 -30.52 17.19
C ARG D 327 9.88 -30.97 16.12
N LEU D 328 9.74 -32.28 16.00
CA LEU D 328 8.68 -32.87 15.19
C LEU D 328 7.68 -33.53 16.12
N PHE D 329 6.40 -33.20 15.91
CA PHE D 329 5.29 -33.78 16.66
C PHE D 329 4.55 -34.63 15.66
N VAL D 330 4.45 -35.93 15.95
CA VAL D 330 3.86 -36.87 14.99
C VAL D 330 2.66 -37.55 15.64
N GLU D 331 1.54 -37.56 14.93
CA GLU D 331 0.32 -38.12 15.48
C GLU D 331 0.53 -39.62 15.78
N GLU D 332 0.02 -40.07 16.93
CA GLU D 332 0.23 -41.45 17.43
C GLU D 332 0.14 -42.56 16.36
N SER D 333 -0.95 -42.57 15.61
CA SER D 333 -1.20 -43.70 14.71
C SER D 333 -0.22 -43.84 13.54
N ILE D 334 0.54 -42.79 13.22
CA ILE D 334 1.57 -42.88 12.17
C ILE D 334 3.00 -42.73 12.71
N HIS D 335 3.13 -42.47 14.00
CA HIS D 335 4.43 -42.17 14.59
C HIS D 335 5.47 -43.24 14.26
N ASN D 336 5.15 -44.49 14.57
CA ASN D 336 6.11 -45.58 14.45
C ASN D 336 6.52 -45.79 13.01
N GLN D 337 5.53 -45.76 12.12
CA GLN D 337 5.78 -45.87 10.68
C GLN D 337 6.59 -44.67 10.13
N PHE D 338 6.33 -43.48 10.65
CA PHE D 338 7.09 -42.30 10.27
C PHE D 338 8.56 -42.49 10.65
N VAL D 339 8.81 -42.89 11.89
CA VAL D 339 10.18 -43.13 12.37
C VAL D 339 10.89 -44.20 11.50
N GLN D 340 10.18 -45.30 11.21
CA GLN D 340 10.74 -46.37 10.38
C GLN D 340 11.21 -45.82 9.04
N LYS D 341 10.36 -45.02 8.41
CA LYS D 341 10.66 -44.46 7.09
C LYS D 341 11.78 -43.43 7.14
N VAL D 342 11.85 -42.66 8.23
CA VAL D 342 12.94 -41.70 8.42
C VAL D 342 14.28 -42.44 8.51
N VAL D 343 14.30 -43.52 9.28
CA VAL D 343 15.53 -44.33 9.45
C VAL D 343 16.00 -44.87 8.10
N GLU D 344 15.08 -45.37 7.28
CA GLU D 344 15.39 -45.81 5.93
C GLU D 344 16.09 -44.70 5.12
N GLU D 345 15.51 -43.50 5.11
CA GLU D 345 16.06 -42.37 4.37
C GLU D 345 17.40 -41.87 4.92
N VAL D 346 17.54 -41.82 6.24
CA VAL D 346 18.77 -41.41 6.91
C VAL D 346 19.95 -42.34 6.53
N GLU D 347 19.66 -43.63 6.41
CA GLU D 347 20.65 -44.63 6.01
C GLU D 347 21.19 -44.40 4.59
N LYS D 348 20.41 -43.73 3.74
CA LYS D 348 20.83 -43.47 2.36
C LYS D 348 21.67 -42.20 2.20
N MET D 349 21.80 -41.41 3.26
CA MET D 349 22.56 -40.18 3.15
C MET D 349 24.06 -40.43 2.94
N LYS D 350 24.61 -39.85 1.89
CA LYS D 350 26.04 -39.96 1.67
C LYS D 350 26.78 -38.82 2.37
N ILE D 351 27.56 -39.18 3.39
CA ILE D 351 28.38 -38.25 4.13
C ILE D 351 29.75 -38.17 3.44
N GLY D 352 30.25 -36.95 3.21
CA GLY D 352 31.51 -36.75 2.50
C GLY D 352 31.96 -35.31 2.26
N ASN D 353 33.03 -35.18 1.47
CA ASN D 353 33.60 -33.90 1.08
C ASN D 353 32.55 -33.11 0.29
N PRO D 354 32.31 -31.84 0.68
CA PRO D 354 31.28 -31.03 0.00
C PRO D 354 31.53 -30.85 -1.50
N LEU D 355 32.79 -30.98 -1.92
CA LEU D 355 33.15 -30.91 -3.35
C LEU D 355 32.83 -32.17 -4.15
N GLU D 356 32.61 -33.30 -3.48
CA GLU D 356 32.24 -34.56 -4.18
C GLU D 356 30.78 -34.50 -4.59
N ARG D 357 30.50 -34.83 -5.85
CA ARG D 357 29.15 -34.67 -6.42
C ARG D 357 28.05 -35.49 -5.75
N ASP D 358 28.41 -36.67 -5.23
CA ASP D 358 27.38 -37.51 -4.62
C ASP D 358 27.23 -37.29 -3.10
N THR D 359 27.98 -36.35 -2.53
CA THR D 359 27.79 -35.96 -1.14
C THR D 359 26.43 -35.29 -0.95
N ASN D 360 25.69 -35.69 0.07
CA ASN D 360 24.53 -34.89 0.44
C ASN D 360 24.48 -34.53 1.91
N HIS D 361 25.55 -34.85 2.63
CA HIS D 361 25.69 -34.38 4.00
C HIS D 361 27.15 -34.01 4.20
N GLY D 362 27.40 -32.71 4.31
CA GLY D 362 28.74 -32.18 4.47
C GLY D 362 29.08 -32.08 5.94
N PRO D 363 30.30 -31.61 6.24
CA PRO D 363 30.75 -31.46 7.60
C PRO D 363 30.09 -30.25 8.25
N GLN D 364 30.13 -30.19 9.58
CA GLN D 364 29.65 -29.06 10.33
C GLN D 364 30.61 -27.90 10.11
N ASN D 365 30.14 -26.70 10.42
CA ASN D 365 30.80 -25.49 10.00
C ASN D 365 32.20 -25.30 10.59
N HIS D 366 32.32 -25.56 11.88
CA HIS D 366 33.59 -25.39 12.59
C HIS D 366 33.60 -26.25 13.86
N GLU D 367 34.78 -26.39 14.45
CA GLU D 367 35.04 -27.34 15.53
C GLU D 367 34.23 -27.07 16.79
N ALA D 368 34.22 -25.81 17.24
CA ALA D 368 33.47 -25.45 18.44
C ALA D 368 31.99 -25.85 18.27
N HIS D 369 31.46 -25.66 17.07
CA HIS D 369 30.08 -26.06 16.83
C HIS D 369 29.91 -27.58 16.90
N LEU D 370 30.80 -28.33 16.26
CA LEU D 370 30.85 -29.79 16.45
C LEU D 370 30.86 -30.21 17.93
N ARG D 371 31.67 -29.56 18.75
CA ARG D 371 31.73 -29.88 20.17
C ARG D 371 30.36 -29.72 20.84
N LYS D 372 29.67 -28.60 20.58
CA LYS D 372 28.30 -28.40 21.10
C LYS D 372 27.36 -29.52 20.71
N LEU D 373 27.39 -29.92 19.45
CA LEU D 373 26.51 -30.98 18.99
C LEU D 373 26.74 -32.29 19.76
N VAL D 374 28.03 -32.62 19.97
CA VAL D 374 28.38 -33.82 20.74
C VAL D 374 27.77 -33.74 22.14
N GLU D 375 28.01 -32.62 22.82
CA GLU D 375 27.48 -32.39 24.18
C GLU D 375 25.96 -32.40 24.20
N TYR D 376 25.36 -31.80 23.18
CA TYR D 376 23.92 -31.71 23.07
C TYR D 376 23.29 -33.11 23.12
N CYS D 377 23.82 -34.01 22.30
CA CYS D 377 23.32 -35.38 22.25
C CYS D 377 23.68 -36.22 23.47
N GLN D 378 24.82 -35.93 24.11
CA GLN D 378 25.13 -36.58 25.38
C GLN D 378 24.02 -36.25 26.38
N ARG D 379 23.67 -34.95 26.44
CA ARG D 379 22.63 -34.53 27.35
C ARG D 379 21.27 -35.13 26.97
N GLY D 380 21.03 -35.27 25.67
CA GLY D 380 19.81 -35.90 25.20
C GLY D 380 19.67 -37.30 25.75
N VAL D 381 20.75 -38.09 25.66
CA VAL D 381 20.74 -39.47 26.16
C VAL D 381 20.65 -39.48 27.70
N LYS D 382 21.39 -38.59 28.34
CA LYS D 382 21.37 -38.51 29.78
C LYS D 382 19.95 -38.32 30.31
N GLU D 383 19.20 -37.42 29.68
CA GLU D 383 17.89 -37.02 30.21
C GLU D 383 16.78 -37.99 29.82
N GLY D 384 17.10 -39.02 29.02
CA GLY D 384 16.14 -40.11 28.84
C GLY D 384 15.52 -40.30 27.48
N ALA D 385 15.89 -39.47 26.51
CA ALA D 385 15.39 -39.66 25.16
C ALA D 385 15.99 -40.92 24.55
N THR D 386 15.27 -41.52 23.60
CA THR D 386 15.76 -42.64 22.87
C THR D 386 16.58 -42.20 21.63
N LEU D 387 17.88 -42.47 21.66
CA LEU D 387 18.74 -42.25 20.51
C LEU D 387 18.60 -43.37 19.48
N VAL D 388 17.84 -43.11 18.42
CA VAL D 388 17.62 -44.10 17.36
C VAL D 388 18.82 -44.20 16.41
N CYS D 389 19.42 -43.07 16.02
CA CYS D 389 20.71 -43.09 15.32
C CYS D 389 21.54 -41.83 15.51
N GLY D 390 22.83 -41.95 15.20
CA GLY D 390 23.75 -40.85 15.21
C GLY D 390 24.07 -40.39 16.61
N GLY D 391 24.34 -39.10 16.75
CA GLY D 391 24.63 -38.51 18.05
C GLY D 391 26.10 -38.18 18.21
N ASN D 392 26.91 -38.61 17.25
CA ASN D 392 28.37 -38.59 17.43
C ASN D 392 29.11 -37.97 16.27
N GLN D 393 30.33 -37.49 16.53
CA GLN D 393 31.24 -37.15 15.45
C GLN D 393 31.54 -38.37 14.57
N VAL D 394 31.46 -38.20 13.25
CA VAL D 394 31.84 -39.27 12.33
C VAL D 394 33.35 -39.49 12.44
N PRO D 395 33.80 -40.77 12.51
CA PRO D 395 35.25 -41.01 12.56
C PRO D 395 35.90 -40.79 11.20
N ARG D 396 36.40 -39.57 11.02
CA ARG D 396 37.13 -39.14 9.83
C ARG D 396 37.71 -37.78 10.15
N PRO D 397 38.68 -37.31 9.34
CA PRO D 397 39.18 -35.98 9.64
C PRO D 397 38.09 -34.92 9.36
N GLY D 398 38.33 -33.70 9.84
CA GLY D 398 37.34 -32.64 9.75
C GLY D 398 36.35 -32.73 10.89
N PHE D 399 35.17 -32.16 10.68
CA PHE D 399 34.21 -31.99 11.77
C PHE D 399 32.83 -32.48 11.37
N PHE D 400 32.76 -33.72 10.90
CA PHE D 400 31.53 -34.30 10.47
C PHE D 400 30.74 -34.82 11.66
N PHE D 401 29.41 -34.73 11.55
CA PHE D 401 28.51 -35.15 12.62
C PHE D 401 27.48 -36.03 11.98
N GLN D 402 27.23 -37.16 12.64
CA GLN D 402 26.36 -38.20 12.10
C GLN D 402 24.90 -37.76 12.20
N PRO D 403 24.14 -37.88 11.09
CA PRO D 403 22.73 -37.52 11.14
C PRO D 403 22.05 -38.30 12.26
N THR D 404 21.33 -37.56 13.11
CA THR D 404 20.85 -38.04 14.39
C THR D 404 19.32 -38.01 14.46
N VAL D 405 18.74 -39.05 15.08
CA VAL D 405 17.31 -39.11 15.34
C VAL D 405 17.08 -39.46 16.81
N PHE D 406 16.31 -38.63 17.51
CA PHE D 406 15.83 -38.94 18.86
C PHE D 406 14.32 -39.14 18.81
N THR D 407 13.83 -40.16 19.52
CA THR D 407 12.39 -40.32 19.77
C THR D 407 12.13 -40.25 21.28
N ASP D 408 10.88 -40.48 21.68
CA ASP D 408 10.46 -40.43 23.09
C ASP D 408 10.94 -39.13 23.77
N VAL D 409 10.90 -38.03 23.02
CA VAL D 409 11.25 -36.73 23.59
C VAL D 409 10.07 -36.14 24.36
N GLU D 410 10.30 -35.71 25.58
CA GLU D 410 9.23 -35.18 26.43
C GLU D 410 9.47 -33.68 26.62
N ASP D 411 8.38 -32.95 26.81
CA ASP D 411 8.39 -31.49 26.80
C ASP D 411 9.33 -30.85 27.80
N HIS D 412 9.60 -31.54 28.91
CA HIS D 412 10.47 -30.96 29.96
C HIS D 412 11.98 -31.08 29.62
N MET D 413 12.30 -31.90 28.62
CA MET D 413 13.70 -32.16 28.28
C MET D 413 14.43 -30.99 27.64
N TYR D 414 15.70 -30.84 28.03
CA TYR D 414 16.59 -29.87 27.44
C TYR D 414 16.50 -29.83 25.91
N ILE D 415 16.50 -31.01 25.29
CA ILE D 415 16.55 -31.05 23.83
C ILE D 415 15.18 -30.76 23.20
N ALA D 416 14.15 -30.70 24.03
CA ALA D 416 12.83 -30.22 23.59
C ALA D 416 12.76 -28.68 23.66
N LYS D 417 13.71 -28.07 24.37
CA LYS D 417 13.69 -26.64 24.61
C LYS D 417 14.77 -25.90 23.85
N GLU D 418 15.95 -26.50 23.72
CA GLU D 418 17.11 -25.77 23.25
C GLU D 418 17.44 -26.07 21.79
C GLU D 418 17.35 -26.05 21.76
N GLU D 419 17.84 -25.03 21.06
CA GLU D 419 18.13 -25.12 19.64
C GLU D 419 19.49 -25.80 19.44
N SER D 420 19.49 -26.90 18.67
CA SER D 420 20.74 -27.62 18.38
C SER D 420 21.55 -26.96 17.27
N PHE D 421 20.87 -26.55 16.21
CA PHE D 421 21.51 -25.99 15.02
C PHE D 421 22.39 -27.04 14.36
N GLY D 422 21.94 -28.31 14.45
CA GLY D 422 22.65 -29.44 13.88
C GLY D 422 21.69 -30.46 13.36
N PRO D 423 22.20 -31.54 12.73
CA PRO D 423 21.34 -32.47 12.03
C PRO D 423 20.73 -33.50 12.98
N ILE D 424 19.84 -33.03 13.84
CA ILE D 424 19.29 -33.78 14.94
C ILE D 424 17.76 -33.68 14.95
N MET D 425 17.11 -34.70 14.42
CA MET D 425 15.67 -34.78 14.39
C MET D 425 15.15 -35.22 15.77
N ILE D 426 14.24 -34.41 16.34
CA ILE D 426 13.83 -34.54 17.73
C ILE D 426 12.31 -34.75 17.80
N ILE D 427 11.91 -36.02 18.00
CA ILE D 427 10.52 -36.46 17.74
C ILE D 427 9.69 -36.73 19.00
N SER D 428 8.49 -36.14 19.07
CA SER D 428 7.54 -36.43 20.15
C SER D 428 6.24 -36.91 19.55
N ARG D 429 5.47 -37.70 20.32
CA ARG D 429 4.15 -38.16 19.90
C ARG D 429 3.12 -37.18 20.39
N PHE D 430 1.99 -37.14 19.71
CA PHE D 430 0.78 -36.57 20.29
C PHE D 430 -0.39 -37.49 19.96
N ALA D 431 -1.42 -37.46 20.81
CA ALA D 431 -2.55 -38.39 20.70
C ALA D 431 -3.45 -38.10 19.51
N ASP D 432 -3.93 -39.16 18.84
CA ASP D 432 -4.88 -39.03 17.73
C ASP D 432 -6.05 -38.10 18.09
N GLY D 433 -6.36 -37.19 17.17
CA GLY D 433 -7.51 -36.30 17.33
C GLY D 433 -7.23 -35.06 18.17
N ASP D 434 -6.08 -35.02 18.84
CA ASP D 434 -5.73 -33.81 19.61
C ASP D 434 -5.33 -32.75 18.59
N VAL D 435 -5.71 -31.50 18.82
CA VAL D 435 -5.22 -30.42 17.98
C VAL D 435 -4.71 -29.31 18.90
N ASP D 436 -5.55 -28.86 19.83
CA ASP D 436 -5.16 -27.82 20.77
C ASP D 436 -4.04 -28.22 21.73
N ALA D 437 -4.01 -29.49 22.11
CA ALA D 437 -3.00 -29.95 23.04
C ALA D 437 -1.62 -29.93 22.37
N VAL D 438 -1.52 -30.46 21.16
CA VAL D 438 -0.23 -30.37 20.46
C VAL D 438 0.19 -28.90 20.16
N LEU D 439 -0.79 -28.04 19.83
CA LEU D 439 -0.52 -26.62 19.62
C LEU D 439 0.10 -25.99 20.87
N SER D 440 -0.50 -26.26 22.04
CA SER D 440 0.02 -25.71 23.29
C SER D 440 1.47 -26.12 23.46
N ARG D 441 1.75 -27.40 23.21
CA ARG D 441 3.10 -27.93 23.35
C ARG D 441 4.06 -27.26 22.35
N ALA D 442 3.61 -27.09 21.11
CA ALA D 442 4.38 -26.45 20.06
C ALA D 442 4.66 -24.97 20.39
N ASN D 443 3.69 -24.32 21.03
CA ASN D 443 3.85 -22.91 21.45
C ASN D 443 4.55 -22.66 22.80
N ALA D 444 4.82 -23.74 23.52
N ALA D 444 4.89 -23.69 23.57
CA ALA D 444 5.47 -23.66 24.84
CA ALA D 444 5.37 -23.47 24.96
C ALA D 444 6.97 -23.48 24.67
C ALA D 444 6.76 -22.82 25.12
N THR D 445 7.35 -22.40 24.01
CA THR D 445 8.74 -21.97 23.94
C THR D 445 8.83 -20.43 23.90
N GLU D 446 9.98 -19.90 24.31
CA GLU D 446 10.20 -18.45 24.23
C GLU D 446 10.65 -18.03 22.82
N PHE D 447 10.92 -19.01 21.96
CA PHE D 447 11.23 -18.80 20.55
C PHE D 447 9.94 -18.70 19.72
N GLY D 448 10.07 -18.23 18.49
CA GLY D 448 8.92 -18.07 17.63
C GLY D 448 9.35 -17.69 16.23
N LEU D 449 10.32 -18.44 15.69
CA LEU D 449 10.87 -18.10 14.40
C LEU D 449 10.08 -18.74 13.26
N ALA D 450 9.94 -20.06 13.27
CA ALA D 450 9.24 -20.73 12.19
C ALA D 450 8.45 -21.89 12.75
N SER D 451 7.79 -22.63 11.87
CA SER D 451 6.90 -23.69 12.25
C SER D 451 6.36 -24.32 10.99
N GLY D 452 5.69 -25.46 11.13
CA GLY D 452 5.07 -26.09 9.97
C GLY D 452 4.03 -27.10 10.38
N VAL D 453 3.15 -27.44 9.44
CA VAL D 453 2.11 -28.44 9.66
C VAL D 453 1.90 -29.25 8.38
N PHE D 454 1.86 -30.59 8.48
CA PHE D 454 1.51 -31.45 7.34
C PHE D 454 0.16 -32.09 7.61
N THR D 455 -0.79 -31.83 6.72
CA THR D 455 -2.12 -32.40 6.81
C THR D 455 -2.81 -32.16 5.47
N ARG D 456 -3.65 -33.10 5.07
CA ARG D 456 -4.51 -32.90 3.88
C ARG D 456 -5.82 -32.19 4.23
N ASP D 457 -6.09 -32.01 5.52
CA ASP D 457 -7.33 -31.37 5.96
C ASP D 457 -7.23 -29.82 5.93
N ILE D 458 -7.98 -29.20 5.03
CA ILE D 458 -7.95 -27.74 4.88
C ILE D 458 -8.27 -26.97 6.17
N ASN D 459 -9.27 -27.45 6.90
CA ASN D 459 -9.71 -26.79 8.12
C ASN D 459 -8.65 -26.84 9.20
N LYS D 460 -8.02 -28.01 9.33
CA LYS D 460 -6.96 -28.19 10.29
C LYS D 460 -5.72 -27.35 9.93
N ALA D 461 -5.36 -27.34 8.65
CA ALA D 461 -4.21 -26.55 8.20
C ALA D 461 -4.38 -25.05 8.50
N LEU D 462 -5.54 -24.50 8.17
CA LEU D 462 -5.82 -23.07 8.39
C LEU D 462 -5.88 -22.72 9.86
N TYR D 463 -6.54 -23.56 10.66
CA TYR D 463 -6.64 -23.38 12.09
C TYR D 463 -5.26 -23.44 12.78
N VAL D 464 -4.47 -24.45 12.42
CA VAL D 464 -3.12 -24.60 12.99
C VAL D 464 -2.22 -23.40 12.63
N SER D 465 -2.35 -22.91 11.39
CA SER D 465 -1.55 -21.76 10.99
C SER D 465 -1.95 -20.50 11.75
N ASP D 466 -3.25 -20.35 12.06
CA ASP D 466 -3.67 -19.23 12.95
C ASP D 466 -3.01 -19.34 14.31
N LYS D 467 -2.97 -20.56 14.86
CA LYS D 467 -2.59 -20.73 16.29
C LYS D 467 -1.09 -20.81 16.58
N LEU D 468 -0.29 -21.20 15.59
CA LEU D 468 1.16 -21.28 15.79
C LEU D 468 1.73 -19.90 16.06
N GLN D 469 2.49 -19.79 17.15
CA GLN D 469 3.07 -18.52 17.53
C GLN D 469 4.44 -18.35 16.88
N ALA D 470 4.48 -18.29 15.55
CA ALA D 470 5.75 -18.20 14.81
C ALA D 470 5.66 -17.24 13.62
N GLY D 471 6.79 -16.57 13.33
CA GLY D 471 6.92 -15.64 12.20
C GLY D 471 6.66 -16.23 10.82
N THR D 472 6.93 -17.53 10.64
CA THR D 472 6.63 -18.26 9.42
C THR D 472 5.92 -19.56 9.80
N VAL D 473 4.86 -19.88 9.06
CA VAL D 473 4.22 -21.18 9.12
C VAL D 473 4.25 -21.81 7.73
N PHE D 474 4.90 -22.97 7.61
CA PHE D 474 4.84 -23.78 6.38
C PHE D 474 3.69 -24.77 6.41
N ILE D 475 3.01 -24.90 5.29
CA ILE D 475 1.89 -25.83 5.18
C ILE D 475 2.14 -26.83 4.07
N ASN D 476 2.29 -28.10 4.44
CA ASN D 476 2.63 -29.19 3.50
C ASN D 476 3.92 -28.97 2.73
N THR D 477 4.85 -28.24 3.32
CA THR D 477 6.19 -28.05 2.76
C THR D 477 7.09 -27.63 3.90
N TYR D 478 8.36 -27.35 3.63
CA TYR D 478 9.25 -26.79 4.66
C TYR D 478 10.46 -26.17 3.97
N ASN D 479 11.14 -25.26 4.66
CA ASN D 479 12.29 -24.55 4.10
C ASN D 479 11.97 -23.80 2.80
N LYS D 480 10.71 -23.48 2.59
CA LYS D 480 10.33 -22.79 1.37
C LYS D 480 10.41 -21.27 1.61
N THR D 481 11.63 -20.75 1.68
CA THR D 481 11.82 -19.31 1.72
C THR D 481 11.81 -18.74 0.30
N ASP D 482 11.59 -17.45 0.21
CA ASP D 482 11.59 -16.77 -1.08
C ASP D 482 12.02 -15.34 -0.82
N VAL D 483 12.78 -14.76 -1.74
CA VAL D 483 13.28 -13.39 -1.57
C VAL D 483 12.14 -12.33 -1.43
N ALA D 484 10.94 -12.66 -1.90
CA ALA D 484 9.79 -11.75 -1.82
C ALA D 484 8.98 -11.95 -0.55
N ALA D 485 9.29 -13.02 0.20
CA ALA D 485 8.51 -13.41 1.37
C ALA D 485 9.26 -13.06 2.65
N PRO D 486 8.71 -12.13 3.45
CA PRO D 486 9.42 -11.65 4.65
C PRO D 486 9.62 -12.76 5.68
N PHE D 487 10.75 -12.67 6.38
CA PHE D 487 11.23 -13.68 7.28
C PHE D 487 11.78 -13.00 8.55
N GLY D 488 11.23 -13.37 9.71
CA GLY D 488 11.65 -12.81 10.99
C GLY D 488 10.85 -13.46 12.10
N GLY D 489 11.29 -13.25 13.34
CA GLY D 489 10.72 -14.00 14.45
C GLY D 489 9.81 -13.20 15.35
N PHE D 490 9.11 -13.93 16.22
CA PHE D 490 8.33 -13.34 17.30
C PHE D 490 9.03 -13.71 18.61
N LYS D 491 8.56 -13.08 19.68
CA LYS D 491 9.04 -13.32 21.04
C LYS D 491 10.56 -13.20 21.06
N GLN D 492 11.25 -14.18 21.64
CA GLN D 492 12.69 -14.09 21.81
C GLN D 492 13.48 -14.46 20.57
N SER D 493 12.77 -14.83 19.49
CA SER D 493 13.41 -14.91 18.18
C SER D 493 13.68 -13.52 17.54
N GLY D 494 13.28 -12.45 18.22
CA GLY D 494 13.60 -11.09 17.78
C GLY D 494 12.44 -10.35 17.11
N PHE D 495 12.78 -9.45 16.19
CA PHE D 495 11.79 -8.61 15.50
C PHE D 495 12.47 -8.04 14.25
N GLY D 496 11.66 -7.65 13.28
CA GLY D 496 12.16 -7.10 12.03
C GLY D 496 12.24 -8.23 11.03
N LYS D 497 12.16 -7.88 9.74
CA LYS D 497 12.15 -8.86 8.67
C LYS D 497 13.36 -8.68 7.77
N ASP D 498 13.88 -9.80 7.28
CA ASP D 498 14.69 -9.83 6.07
C ASP D 498 13.80 -10.40 4.98
N LEU D 499 14.13 -10.06 3.74
CA LEU D 499 13.38 -10.49 2.58
C LEU D 499 12.05 -9.75 2.48
N GLY D 500 11.57 -9.62 1.24
CA GLY D 500 10.31 -8.95 0.97
C GLY D 500 10.34 -7.45 1.15
N GLU D 501 9.21 -6.84 0.81
CA GLU D 501 9.02 -5.41 0.98
C GLU D 501 9.28 -4.96 2.41
N ALA D 502 8.81 -5.74 3.37
CA ALA D 502 8.92 -5.41 4.78
C ALA D 502 10.36 -5.20 5.26
N ALA D 503 11.32 -5.84 4.62
CA ALA D 503 12.71 -5.66 5.03
C ALA D 503 13.20 -4.21 4.84
N LEU D 504 12.70 -3.56 3.79
CA LEU D 504 13.09 -2.17 3.48
C LEU D 504 12.81 -1.23 4.66
N ASN D 505 11.76 -1.53 5.41
CA ASN D 505 11.35 -0.66 6.50
C ASN D 505 12.34 -0.55 7.64
N GLU D 506 13.17 -1.58 7.84
CA GLU D 506 14.26 -1.54 8.81
C GLU D 506 15.38 -0.58 8.37
N TYR D 507 15.42 -0.25 7.09
CA TYR D 507 16.52 0.51 6.52
C TYR D 507 16.07 1.85 5.99
N LEU D 508 14.84 2.22 6.30
CA LEU D 508 14.30 3.52 5.90
C LEU D 508 13.83 4.31 7.11
N ARG D 509 13.77 5.62 6.98
CA ARG D 509 13.06 6.45 7.94
C ARG D 509 11.99 7.24 7.19
N ILE D 510 10.99 7.69 7.92
CA ILE D 510 9.91 8.45 7.34
C ILE D 510 9.95 9.87 7.86
N LYS D 511 10.05 10.84 6.94
CA LYS D 511 9.96 12.26 7.29
C LYS D 511 8.60 12.78 6.90
N THR D 512 7.94 13.47 7.83
CA THR D 512 6.64 14.06 7.53
C THR D 512 6.86 15.54 7.22
N VAL D 513 6.31 15.99 6.09
CA VAL D 513 6.44 17.39 5.68
C VAL D 513 5.06 18.01 5.58
N THR D 514 4.80 19.03 6.38
CA THR D 514 3.48 19.66 6.45
C THR D 514 3.55 21.13 6.09
N PHE D 515 2.90 21.46 4.98
CA PHE D 515 2.80 22.83 4.48
C PHE D 515 1.51 23.47 4.98
N GLU D 516 1.56 24.76 5.27
CA GLU D 516 0.34 25.55 5.25
C GLU D 516 0.45 26.58 4.13
N TYR D 517 -0.64 26.81 3.41
CA TYR D 517 -0.62 27.77 2.32
C TYR D 517 -1.98 28.42 2.13
#